data_1WDF
# 
_entry.id   1WDF 
# 
_audit_conform.dict_name       mmcif_pdbx.dic 
_audit_conform.dict_version    5.388 
_audit_conform.dict_location   http://mmcif.pdb.org/dictionaries/ascii/mmcif_pdbx.dic 
# 
loop_
_database_2.database_id 
_database_2.database_code 
_database_2.pdbx_database_accession 
_database_2.pdbx_DOI 
PDB   1WDF         pdb_00001wdf 10.2210/pdb1wdf/pdb 
RCSB  RCSB023457   ?            ?                   
WWPDB D_1000023457 ?            ?                   
# 
loop_
_pdbx_audit_revision_history.ordinal 
_pdbx_audit_revision_history.data_content_type 
_pdbx_audit_revision_history.major_revision 
_pdbx_audit_revision_history.minor_revision 
_pdbx_audit_revision_history.revision_date 
1 'Structure model' 1 0 2004-06-15 
2 'Structure model' 1 1 2008-04-30 
3 'Structure model' 1 2 2011-07-13 
4 'Structure model' 1 3 2017-08-16 
5 'Structure model' 1 4 2024-03-13 
# 
_pdbx_audit_revision_details.ordinal             1 
_pdbx_audit_revision_details.revision_ordinal    1 
_pdbx_audit_revision_details.data_content_type   'Structure model' 
_pdbx_audit_revision_details.provider            repository 
_pdbx_audit_revision_details.type                'Initial release' 
_pdbx_audit_revision_details.description         ? 
_pdbx_audit_revision_details.details             ? 
# 
loop_
_pdbx_audit_revision_group.ordinal 
_pdbx_audit_revision_group.revision_ordinal 
_pdbx_audit_revision_group.data_content_type 
_pdbx_audit_revision_group.group 
1 2 'Structure model' 'Version format compliance' 
2 3 'Structure model' 'Derived calculations'      
3 3 'Structure model' 'Source and taxonomy'       
4 3 'Structure model' 'Version format compliance' 
5 4 'Structure model' 'Refinement description'    
6 4 'Structure model' 'Source and taxonomy'       
7 5 'Structure model' 'Data collection'           
8 5 'Structure model' 'Database references'       
# 
loop_
_pdbx_audit_revision_category.ordinal 
_pdbx_audit_revision_category.revision_ordinal 
_pdbx_audit_revision_category.data_content_type 
_pdbx_audit_revision_category.category 
1 4 'Structure model' entity_src_gen 
2 4 'Structure model' software       
3 5 'Structure model' chem_comp_atom 
4 5 'Structure model' chem_comp_bond 
5 5 'Structure model' database_2     
# 
loop_
_pdbx_audit_revision_item.ordinal 
_pdbx_audit_revision_item.revision_ordinal 
_pdbx_audit_revision_item.data_content_type 
_pdbx_audit_revision_item.item 
1 5 'Structure model' '_database_2.pdbx_DOI'                
2 5 'Structure model' '_database_2.pdbx_database_accession' 
# 
_pdbx_database_status.status_code                     REL 
_pdbx_database_status.entry_id                        1WDF 
_pdbx_database_status.recvd_initial_deposition_date   2004-05-14 
_pdbx_database_status.deposit_site                    PDBJ 
_pdbx_database_status.process_site                    PDBJ 
_pdbx_database_status.status_code_sf                  REL 
_pdbx_database_status.SG_entry                        . 
_pdbx_database_status.pdb_format_compatible           Y 
_pdbx_database_status.status_code_mr                  ? 
_pdbx_database_status.status_code_cs                  ? 
_pdbx_database_status.methods_development_category    ? 
_pdbx_database_status.status_code_nmr_data            ? 
# 
_pdbx_database_related.db_name        PDB 
_pdbx_database_related.db_id          1WDG 
_pdbx_database_related.details        'the same protein, 2.06 A resolution' 
_pdbx_database_related.content_type   unspecified 
# 
loop_
_audit_author.name 
_audit_author.pdbx_ordinal 
'Xu, Y.'    1 
'Liu, Y.'   2 
'Lou, Z.'   3 
'Qin, L.'   4 
'Li, X.'    5 
'Bai, Z.'   6 
'Tien, P.'  7 
'Gao, G.F.' 8 
'Rao, Z.'   9 
# 
_citation.id                        primary 
_citation.title                     
'Structural Basis for Coronavirus-mediated Membrane Fusion: CRYSTAL STRUCTURE OF MOUSE HEPATITIS VIRUS SPIKE PROTEIN FUSION CORE' 
_citation.journal_abbrev            J.Biol.Chem. 
_citation.journal_volume            279 
_citation.page_first                30514 
_citation.page_last                 30522 
_citation.year                      2004 
_citation.journal_id_ASTM           JBCHA3 
_citation.country                   US 
_citation.journal_id_ISSN           0021-9258 
_citation.journal_id_CSD            0071 
_citation.book_publisher            ? 
_citation.pdbx_database_id_PubMed   15123674 
_citation.pdbx_database_id_DOI      10.1074/jbc.M403760200 
# 
loop_
_citation_author.citation_id 
_citation_author.name 
_citation_author.ordinal 
_citation_author.identifier_ORCID 
primary 'Xu, Y.'    1  ? 
primary 'Liu, Y.'   2  ? 
primary 'Lou, Z.'   3  ? 
primary 'Qin, L.'   4  ? 
primary 'Li, X.'    5  ? 
primary 'Bai, Z.'   6  ? 
primary 'Pang, H.'  7  ? 
primary 'Tien, P.'  8  ? 
primary 'Gao, G.F.' 9  ? 
primary 'Rao, Z.'   10 ? 
# 
loop_
_entity.id 
_entity.type 
_entity.src_method 
_entity.pdbx_description 
_entity.formula_weight 
_entity.pdbx_number_of_molecules 
_entity.pdbx_ec 
_entity.pdbx_mutation 
_entity.pdbx_fragment 
_entity.details 
1 polymer man 'E2 glycoprotein' 10455.718 2   ? ? 'MHV 2-Helix, residues 969-1254' ? 
2 water   nat water             18.015    168 ? ? ?                                ? 
# 
_entity_name_com.entity_id   1 
_entity_name_com.name        'MHV spike protein' 
# 
_entity_poly.entity_id                      1 
_entity_poly.type                           'polypeptide(L)' 
_entity_poly.nstd_linkage                   no 
_entity_poly.nstd_monomer                   no 
_entity_poly.pdbx_seq_one_letter_code       
;NQKMIASAFNNALGAIQDGFDATNSALGKIQSVVNANAEALNNLLNQLSNRFGAISDLSLDFEKLNVTLLDLTYEMNRIQ
DAIKKLNESYINLKE
;
_entity_poly.pdbx_seq_one_letter_code_can   
;NQKMIASAFNNALGAIQDGFDATNSALGKIQSVVNANAEALNNLLNQLSNRFGAISDLSLDFEKLNVTLLDLTYEMNRIQ
DAIKKLNESYINLKE
;
_entity_poly.pdbx_strand_id                 A,B 
_entity_poly.pdbx_target_identifier         ? 
# 
_pdbx_entity_nonpoly.entity_id   2 
_pdbx_entity_nonpoly.name        water 
_pdbx_entity_nonpoly.comp_id     HOH 
# 
loop_
_entity_poly_seq.entity_id 
_entity_poly_seq.num 
_entity_poly_seq.mon_id 
_entity_poly_seq.hetero 
1 1  ASN n 
1 2  GLN n 
1 3  LYS n 
1 4  MET n 
1 5  ILE n 
1 6  ALA n 
1 7  SER n 
1 8  ALA n 
1 9  PHE n 
1 10 ASN n 
1 11 ASN n 
1 12 ALA n 
1 13 LEU n 
1 14 GLY n 
1 15 ALA n 
1 16 ILE n 
1 17 GLN n 
1 18 ASP n 
1 19 GLY n 
1 20 PHE n 
1 21 ASP n 
1 22 ALA n 
1 23 THR n 
1 24 ASN n 
1 25 SER n 
1 26 ALA n 
1 27 LEU n 
1 28 GLY n 
1 29 LYS n 
1 30 ILE n 
1 31 GLN n 
1 32 SER n 
1 33 VAL n 
1 34 VAL n 
1 35 ASN n 
1 36 ALA n 
1 37 ASN n 
1 38 ALA n 
1 39 GLU n 
1 40 ALA n 
1 41 LEU n 
1 42 ASN n 
1 43 ASN n 
1 44 LEU n 
1 45 LEU n 
1 46 ASN n 
1 47 GLN n 
1 48 LEU n 
1 49 SER n 
1 50 ASN n 
1 51 ARG n 
1 52 PHE n 
1 53 GLY n 
1 54 ALA n 
1 55 ILE n 
1 56 SER n 
1 57 ASP n 
1 58 LEU n 
1 59 SER n 
1 60 LEU n 
1 61 ASP n 
1 62 PHE n 
1 63 GLU n 
1 64 LYS n 
1 65 LEU n 
1 66 ASN n 
1 67 VAL n 
1 68 THR n 
1 69 LEU n 
1 70 LEU n 
1 71 ASP n 
1 72 LEU n 
1 73 THR n 
1 74 TYR n 
1 75 GLU n 
1 76 MET n 
1 77 ASN n 
1 78 ARG n 
1 79 ILE n 
1 80 GLN n 
1 81 ASP n 
1 82 ALA n 
1 83 ILE n 
1 84 LYS n 
1 85 LYS n 
1 86 LEU n 
1 87 ASN n 
1 88 GLU n 
1 89 SER n 
1 90 TYR n 
1 91 ILE n 
1 92 ASN n 
1 93 LEU n 
1 94 LYS n 
1 95 GLU n 
# 
loop_
_entity_src_gen.entity_id 
_entity_src_gen.pdbx_src_id 
_entity_src_gen.pdbx_alt_source_flag 
_entity_src_gen.pdbx_seq_type 
_entity_src_gen.pdbx_beg_seq_num 
_entity_src_gen.pdbx_end_seq_num 
_entity_src_gen.gene_src_common_name 
_entity_src_gen.gene_src_genus 
_entity_src_gen.pdbx_gene_src_gene 
_entity_src_gen.gene_src_species 
_entity_src_gen.gene_src_strain 
_entity_src_gen.gene_src_tissue 
_entity_src_gen.gene_src_tissue_fraction 
_entity_src_gen.gene_src_details 
_entity_src_gen.pdbx_gene_src_fragment 
_entity_src_gen.pdbx_gene_src_scientific_name 
_entity_src_gen.pdbx_gene_src_ncbi_taxonomy_id 
_entity_src_gen.pdbx_gene_src_variant 
_entity_src_gen.pdbx_gene_src_cell_line 
_entity_src_gen.pdbx_gene_src_atcc 
_entity_src_gen.pdbx_gene_src_organ 
_entity_src_gen.pdbx_gene_src_organelle 
_entity_src_gen.pdbx_gene_src_cell 
_entity_src_gen.pdbx_gene_src_cellular_location 
_entity_src_gen.host_org_common_name 
_entity_src_gen.pdbx_host_org_scientific_name 
_entity_src_gen.pdbx_host_org_ncbi_taxonomy_id 
_entity_src_gen.host_org_genus 
_entity_src_gen.pdbx_host_org_gene 
_entity_src_gen.pdbx_host_org_organ 
_entity_src_gen.host_org_species 
_entity_src_gen.pdbx_host_org_tissue 
_entity_src_gen.pdbx_host_org_tissue_fraction 
_entity_src_gen.pdbx_host_org_strain 
_entity_src_gen.pdbx_host_org_variant 
_entity_src_gen.pdbx_host_org_cell_line 
_entity_src_gen.pdbx_host_org_atcc 
_entity_src_gen.pdbx_host_org_culture_collection 
_entity_src_gen.pdbx_host_org_cell 
_entity_src_gen.pdbx_host_org_organelle 
_entity_src_gen.pdbx_host_org_cellular_location 
_entity_src_gen.pdbx_host_org_vector_type 
_entity_src_gen.pdbx_host_org_vector 
_entity_src_gen.host_org_details 
_entity_src_gen.expression_system_id 
_entity_src_gen.plasmid_name 
_entity_src_gen.plasmid_details 
_entity_src_gen.pdbx_description 
1 1 sample ? 1  56 ? Coronavirus ? 'Murine hepatitis virus' A59 ? ? ? ? 'Murine hepatitis virus' 11142 ? ? ? ? ? ? ? ? 
'Escherichia coli BL21(DE3)' 469008 Escherichia ? ? 'Escherichia coli' ? ? 'BL21(DE3)' ? ? ? ? ? ? ? plasmid ? ? ? pet22b ? ? 
1 2 sample ? 57 95 ? Coronavirus ? 'Murine hepatitis virus' A59 ? ? ? ? 'Murine hepatitis virus' 11142 ? ? ? ? ? ? ? ? 
'Escherichia coli BL21(DE3)' 469008 Escherichia ? ? 'Escherichia coli' ? ? 'BL21(DE3)' ? ? ? ? ? ? ? plasmid ? ? ? pet22b ? ? 
# 
loop_
_chem_comp.id 
_chem_comp.type 
_chem_comp.mon_nstd_flag 
_chem_comp.name 
_chem_comp.pdbx_synonyms 
_chem_comp.formula 
_chem_comp.formula_weight 
ALA 'L-peptide linking' y ALANINE         ? 'C3 H7 N O2'     89.093  
ARG 'L-peptide linking' y ARGININE        ? 'C6 H15 N4 O2 1' 175.209 
ASN 'L-peptide linking' y ASPARAGINE      ? 'C4 H8 N2 O3'    132.118 
ASP 'L-peptide linking' y 'ASPARTIC ACID' ? 'C4 H7 N O4'     133.103 
GLN 'L-peptide linking' y GLUTAMINE       ? 'C5 H10 N2 O3'   146.144 
GLU 'L-peptide linking' y 'GLUTAMIC ACID' ? 'C5 H9 N O4'     147.129 
GLY 'peptide linking'   y GLYCINE         ? 'C2 H5 N O2'     75.067  
HOH non-polymer         . WATER           ? 'H2 O'           18.015  
ILE 'L-peptide linking' y ISOLEUCINE      ? 'C6 H13 N O2'    131.173 
LEU 'L-peptide linking' y LEUCINE         ? 'C6 H13 N O2'    131.173 
LYS 'L-peptide linking' y LYSINE          ? 'C6 H15 N2 O2 1' 147.195 
MET 'L-peptide linking' y METHIONINE      ? 'C5 H11 N O2 S'  149.211 
PHE 'L-peptide linking' y PHENYLALANINE   ? 'C9 H11 N O2'    165.189 
SER 'L-peptide linking' y SERINE          ? 'C3 H7 N O3'     105.093 
THR 'L-peptide linking' y THREONINE       ? 'C4 H9 N O3'     119.119 
TYR 'L-peptide linking' y TYROSINE        ? 'C9 H11 N O3'    181.189 
VAL 'L-peptide linking' y VALINE          ? 'C5 H11 N O2'    117.146 
# 
loop_
_pdbx_poly_seq_scheme.asym_id 
_pdbx_poly_seq_scheme.entity_id 
_pdbx_poly_seq_scheme.seq_id 
_pdbx_poly_seq_scheme.mon_id 
_pdbx_poly_seq_scheme.ndb_seq_num 
_pdbx_poly_seq_scheme.pdb_seq_num 
_pdbx_poly_seq_scheme.auth_seq_num 
_pdbx_poly_seq_scheme.pdb_mon_id 
_pdbx_poly_seq_scheme.auth_mon_id 
_pdbx_poly_seq_scheme.pdb_strand_id 
_pdbx_poly_seq_scheme.pdb_ins_code 
_pdbx_poly_seq_scheme.hetero 
A 1 1  ASN 1  969  ?    ?   ?   A . n 
A 1 2  GLN 2  970  970  GLN GLN A . n 
A 1 3  LYS 3  971  971  LYS LYS A . n 
A 1 4  MET 4  972  972  MET MET A . n 
A 1 5  ILE 5  973  973  ILE ILE A . n 
A 1 6  ALA 6  974  974  ALA ALA A . n 
A 1 7  SER 7  975  975  SER SER A . n 
A 1 8  ALA 8  976  976  ALA ALA A . n 
A 1 9  PHE 9  977  977  PHE PHE A . n 
A 1 10 ASN 10 978  978  ASN ASN A . n 
A 1 11 ASN 11 979  979  ASN ASN A . n 
A 1 12 ALA 12 980  980  ALA ALA A . n 
A 1 13 LEU 13 981  981  LEU LEU A . n 
A 1 14 GLY 14 982  982  GLY GLY A . n 
A 1 15 ALA 15 983  983  ALA ALA A . n 
A 1 16 ILE 16 984  984  ILE ILE A . n 
A 1 17 GLN 17 985  985  GLN GLN A . n 
A 1 18 ASP 18 986  986  ASP ASP A . n 
A 1 19 GLY 19 987  987  GLY GLY A . n 
A 1 20 PHE 20 988  988  PHE PHE A . n 
A 1 21 ASP 21 989  989  ASP ASP A . n 
A 1 22 ALA 22 990  990  ALA ALA A . n 
A 1 23 THR 23 991  991  THR THR A . n 
A 1 24 ASN 24 992  992  ASN ASN A . n 
A 1 25 SER 25 993  993  SER SER A . n 
A 1 26 ALA 26 994  994  ALA ALA A . n 
A 1 27 LEU 27 995  995  LEU LEU A . n 
A 1 28 GLY 28 996  996  GLY GLY A . n 
A 1 29 LYS 29 997  997  LYS LYS A . n 
A 1 30 ILE 30 998  998  ILE ILE A . n 
A 1 31 GLN 31 999  999  GLN GLN A . n 
A 1 32 SER 32 1000 1000 SER SER A . n 
A 1 33 VAL 33 1001 1001 VAL VAL A . n 
A 1 34 VAL 34 1002 1002 VAL VAL A . n 
A 1 35 ASN 35 1003 1003 ASN ASN A . n 
A 1 36 ALA 36 1004 1004 ALA ALA A . n 
A 1 37 ASN 37 1005 1005 ASN ASN A . n 
A 1 38 ALA 38 1006 1006 ALA ALA A . n 
A 1 39 GLU 39 1007 1007 GLU GLU A . n 
A 1 40 ALA 40 1008 1008 ALA ALA A . n 
A 1 41 LEU 41 1009 1009 LEU LEU A . n 
A 1 42 ASN 42 1010 1010 ASN ASN A . n 
A 1 43 ASN 43 1011 1011 ASN ASN A . n 
A 1 44 LEU 44 1012 1012 LEU LEU A . n 
A 1 45 LEU 45 1013 1013 LEU LEU A . n 
A 1 46 ASN 46 1014 1014 ASN ASN A . n 
A 1 47 GLN 47 1015 1015 GLN GLN A . n 
A 1 48 LEU 48 1016 1016 LEU LEU A . n 
A 1 49 SER 49 1017 1017 SER SER A . n 
A 1 50 ASN 50 1018 1018 ASN ASN A . n 
A 1 51 ARG 51 1019 1019 ARG ARG A . n 
A 1 52 PHE 52 1020 1020 PHE PHE A . n 
A 1 53 GLY 53 1021 1021 GLY GLY A . n 
A 1 54 ALA 54 1022 1022 ALA ALA A . n 
A 1 55 ILE 55 1023 1023 ILE ILE A . n 
A 1 56 SER 56 1024 ?    ?   ?   A . n 
A 1 57 ASP 57 1216 1216 ASP ASP A . n 
A 1 58 LEU 58 1217 1217 LEU LEU A . n 
A 1 59 SER 59 1218 1218 SER SER A . n 
A 1 60 LEU 60 1219 1219 LEU LEU A . n 
A 1 61 ASP 61 1220 1220 ASP ASP A . n 
A 1 62 PHE 62 1221 1221 PHE PHE A . n 
A 1 63 GLU 63 1222 1222 GLU GLU A . n 
A 1 64 LYS 64 1223 1223 LYS LYS A . n 
A 1 65 LEU 65 1224 1224 LEU LEU A . n 
A 1 66 ASN 66 1225 1225 ASN ASN A . n 
A 1 67 VAL 67 1226 1226 VAL VAL A . n 
A 1 68 THR 68 1227 1227 THR THR A . n 
A 1 69 LEU 69 1228 1228 LEU LEU A . n 
A 1 70 LEU 70 1229 1229 LEU LEU A . n 
A 1 71 ASP 71 1230 1230 ASP ASP A . n 
A 1 72 LEU 72 1231 1231 LEU LEU A . n 
A 1 73 THR 73 1232 1232 THR THR A . n 
A 1 74 TYR 74 1233 1233 TYR TYR A . n 
A 1 75 GLU 75 1234 1234 GLU GLU A . n 
A 1 76 MET 76 1235 1235 MET MET A . n 
A 1 77 ASN 77 1236 1236 ASN ASN A . n 
A 1 78 ARG 78 1237 1237 ARG ARG A . n 
A 1 79 ILE 79 1238 1238 ILE ILE A . n 
A 1 80 GLN 80 1239 1239 GLN GLN A . n 
A 1 81 ASP 81 1240 1240 ASP ASP A . n 
A 1 82 ALA 82 1241 1241 ALA ALA A . n 
A 1 83 ILE 83 1242 1242 ILE ILE A . n 
A 1 84 LYS 84 1243 1243 LYS LYS A . n 
A 1 85 LYS 85 1244 1244 LYS LYS A . n 
A 1 86 LEU 86 1245 1245 LEU LEU A . n 
A 1 87 ASN 87 1246 1246 ASN ASN A . n 
A 1 88 GLU 88 1247 1247 GLU GLU A . n 
A 1 89 SER 89 1248 1248 SER SER A . n 
A 1 90 TYR 90 1249 1249 TYR TYR A . n 
A 1 91 ILE 91 1250 1250 ILE ILE A . n 
A 1 92 ASN 92 1251 1251 ASN ASN A . n 
A 1 93 LEU 93 1252 1252 LEU LEU A . n 
A 1 94 LYS 94 1253 ?    ?   ?   A . n 
A 1 95 GLU 95 1254 ?    ?   ?   A . n 
B 1 1  ASN 1  969  969  ASN ASN B . n 
B 1 2  GLN 2  970  970  GLN GLN B . n 
B 1 3  LYS 3  971  971  LYS LYS B . n 
B 1 4  MET 4  972  972  MET MET B . n 
B 1 5  ILE 5  973  973  ILE ILE B . n 
B 1 6  ALA 6  974  974  ALA ALA B . n 
B 1 7  SER 7  975  975  SER SER B . n 
B 1 8  ALA 8  976  976  ALA ALA B . n 
B 1 9  PHE 9  977  977  PHE PHE B . n 
B 1 10 ASN 10 978  978  ASN ASN B . n 
B 1 11 ASN 11 979  979  ASN ASN B . n 
B 1 12 ALA 12 980  980  ALA ALA B . n 
B 1 13 LEU 13 981  981  LEU LEU B . n 
B 1 14 GLY 14 982  982  GLY GLY B . n 
B 1 15 ALA 15 983  983  ALA ALA B . n 
B 1 16 ILE 16 984  984  ILE ILE B . n 
B 1 17 GLN 17 985  985  GLN GLN B . n 
B 1 18 ASP 18 986  986  ASP ASP B . n 
B 1 19 GLY 19 987  987  GLY GLY B . n 
B 1 20 PHE 20 988  988  PHE PHE B . n 
B 1 21 ASP 21 989  989  ASP ASP B . n 
B 1 22 ALA 22 990  990  ALA ALA B . n 
B 1 23 THR 23 991  991  THR THR B . n 
B 1 24 ASN 24 992  992  ASN ASN B . n 
B 1 25 SER 25 993  993  SER SER B . n 
B 1 26 ALA 26 994  994  ALA ALA B . n 
B 1 27 LEU 27 995  995  LEU LEU B . n 
B 1 28 GLY 28 996  996  GLY GLY B . n 
B 1 29 LYS 29 997  997  LYS LYS B . n 
B 1 30 ILE 30 998  998  ILE ILE B . n 
B 1 31 GLN 31 999  999  GLN GLN B . n 
B 1 32 SER 32 1000 1000 SER SER B . n 
B 1 33 VAL 33 1001 1001 VAL VAL B . n 
B 1 34 VAL 34 1002 1002 VAL VAL B . n 
B 1 35 ASN 35 1003 1003 ASN ASN B . n 
B 1 36 ALA 36 1004 1004 ALA ALA B . n 
B 1 37 ASN 37 1005 1005 ASN ASN B . n 
B 1 38 ALA 38 1006 1006 ALA ALA B . n 
B 1 39 GLU 39 1007 1007 GLU GLU B . n 
B 1 40 ALA 40 1008 1008 ALA ALA B . n 
B 1 41 LEU 41 1009 1009 LEU LEU B . n 
B 1 42 ASN 42 1010 1010 ASN ASN B . n 
B 1 43 ASN 43 1011 1011 ASN ASN B . n 
B 1 44 LEU 44 1012 1012 LEU LEU B . n 
B 1 45 LEU 45 1013 1013 LEU LEU B . n 
B 1 46 ASN 46 1014 1014 ASN ASN B . n 
B 1 47 GLN 47 1015 1015 GLN GLN B . n 
B 1 48 LEU 48 1016 1016 LEU LEU B . n 
B 1 49 SER 49 1017 1017 SER SER B . n 
B 1 50 ASN 50 1018 1018 ASN ASN B . n 
B 1 51 ARG 51 1019 1019 ARG ARG B . n 
B 1 52 PHE 52 1020 1020 PHE PHE B . n 
B 1 53 GLY 53 1021 1021 GLY GLY B . n 
B 1 54 ALA 54 1022 1022 ALA ALA B . n 
B 1 55 ILE 55 1023 ?    ?   ?   B . n 
B 1 56 SER 56 1024 ?    ?   ?   B . n 
B 1 57 ASP 57 1216 1216 ASP ASP B . n 
B 1 58 LEU 58 1217 1217 LEU LEU B . n 
B 1 59 SER 59 1218 1218 SER SER B . n 
B 1 60 LEU 60 1219 1219 LEU LEU B . n 
B 1 61 ASP 61 1220 1220 ASP ASP B . n 
B 1 62 PHE 62 1221 1221 PHE PHE B . n 
B 1 63 GLU 63 1222 1222 GLU GLU B . n 
B 1 64 LYS 64 1223 1223 LYS LYS B . n 
B 1 65 LEU 65 1224 1224 LEU LEU B . n 
B 1 66 ASN 66 1225 1225 ASN ASN B . n 
B 1 67 VAL 67 1226 1226 VAL VAL B . n 
B 1 68 THR 68 1227 1227 THR THR B . n 
B 1 69 LEU 69 1228 1228 LEU LEU B . n 
B 1 70 LEU 70 1229 1229 LEU LEU B . n 
B 1 71 ASP 71 1230 1230 ASP ASP B . n 
B 1 72 LEU 72 1231 1231 LEU LEU B . n 
B 1 73 THR 73 1232 1232 THR THR B . n 
B 1 74 TYR 74 1233 1233 TYR TYR B . n 
B 1 75 GLU 75 1234 1234 GLU GLU B . n 
B 1 76 MET 76 1235 1235 MET MET B . n 
B 1 77 ASN 77 1236 1236 ASN ASN B . n 
B 1 78 ARG 78 1237 1237 ARG ARG B . n 
B 1 79 ILE 79 1238 1238 ILE ILE B . n 
B 1 80 GLN 80 1239 1239 GLN GLN B . n 
B 1 81 ASP 81 1240 1240 ASP ASP B . n 
B 1 82 ALA 82 1241 1241 ALA ALA B . n 
B 1 83 ILE 83 1242 1242 ILE ILE B . n 
B 1 84 LYS 84 1243 1243 LYS LYS B . n 
B 1 85 LYS 85 1244 1244 LYS LYS B . n 
B 1 86 LEU 86 1245 1245 LEU LEU B . n 
B 1 87 ASN 87 1246 1246 ASN ASN B . n 
B 1 88 GLU 88 1247 1247 GLU GLU B . n 
B 1 89 SER 89 1248 1248 SER SER B . n 
B 1 90 TYR 90 1249 1249 TYR TYR B . n 
B 1 91 ILE 91 1250 1250 ILE ILE B . n 
B 1 92 ASN 92 1251 1251 ASN ASN B . n 
B 1 93 LEU 93 1252 1252 LEU LEU B . n 
B 1 94 LYS 94 1253 1253 LYS LYS B . n 
B 1 95 GLU 95 1254 1254 GLU GLU B . n 
# 
loop_
_pdbx_nonpoly_scheme.asym_id 
_pdbx_nonpoly_scheme.entity_id 
_pdbx_nonpoly_scheme.mon_id 
_pdbx_nonpoly_scheme.ndb_seq_num 
_pdbx_nonpoly_scheme.pdb_seq_num 
_pdbx_nonpoly_scheme.auth_seq_num 
_pdbx_nonpoly_scheme.pdb_mon_id 
_pdbx_nonpoly_scheme.auth_mon_id 
_pdbx_nonpoly_scheme.pdb_strand_id 
_pdbx_nonpoly_scheme.pdb_ins_code 
C 2 HOH 1  4   4   HOH TIP A . 
C 2 HOH 2  5   5   HOH TIP A . 
C 2 HOH 3  7   7   HOH TIP A . 
C 2 HOH 4  10  10  HOH TIP A . 
C 2 HOH 5  11  11  HOH TIP A . 
C 2 HOH 6  13  13  HOH TIP A . 
C 2 HOH 7  14  14  HOH TIP A . 
C 2 HOH 8  18  18  HOH TIP A . 
C 2 HOH 9  20  20  HOH TIP A . 
C 2 HOH 10 22  22  HOH TIP A . 
C 2 HOH 11 26  26  HOH TIP A . 
C 2 HOH 12 27  27  HOH TIP A . 
C 2 HOH 13 31  31  HOH TIP A . 
C 2 HOH 14 32  32  HOH TIP A . 
C 2 HOH 15 33  33  HOH TIP A . 
C 2 HOH 16 34  34  HOH TIP A . 
C 2 HOH 17 35  35  HOH TIP A . 
C 2 HOH 18 38  38  HOH TIP A . 
C 2 HOH 19 42  42  HOH TIP A . 
C 2 HOH 20 43  43  HOH TIP A . 
C 2 HOH 21 45  45  HOH TIP A . 
C 2 HOH 22 46  46  HOH TIP A . 
C 2 HOH 23 48  48  HOH TIP A . 
C 2 HOH 24 64  64  HOH TIP A . 
C 2 HOH 25 65  65  HOH TIP A . 
C 2 HOH 26 66  66  HOH TIP A . 
C 2 HOH 27 72  72  HOH TIP A . 
C 2 HOH 28 73  73  HOH TIP A . 
C 2 HOH 29 74  74  HOH TIP A . 
C 2 HOH 30 75  75  HOH TIP A . 
C 2 HOH 31 82  82  HOH TIP A . 
C 2 HOH 32 83  83  HOH TIP A . 
C 2 HOH 33 85  85  HOH TIP A . 
C 2 HOH 34 86  86  HOH TIP A . 
C 2 HOH 35 88  88  HOH TIP A . 
C 2 HOH 36 93  93  HOH TIP A . 
C 2 HOH 37 94  94  HOH TIP A . 
C 2 HOH 38 97  97  HOH TIP A . 
C 2 HOH 39 100 100 HOH TIP A . 
C 2 HOH 40 104 104 HOH TIP A . 
C 2 HOH 41 106 106 HOH TIP A . 
C 2 HOH 42 107 107 HOH TIP A . 
C 2 HOH 43 111 111 HOH TIP A . 
C 2 HOH 44 112 112 HOH TIP A . 
C 2 HOH 45 113 113 HOH TIP A . 
C 2 HOH 46 117 117 HOH TIP A . 
C 2 HOH 47 121 121 HOH TIP A . 
C 2 HOH 48 123 123 HOH TIP A . 
C 2 HOH 49 124 124 HOH TIP A . 
C 2 HOH 50 126 126 HOH TIP A . 
C 2 HOH 51 127 127 HOH TIP A . 
C 2 HOH 52 128 128 HOH TIP A . 
C 2 HOH 53 129 129 HOH TIP A . 
C 2 HOH 54 130 130 HOH TIP A . 
C 2 HOH 55 131 131 HOH TIP A . 
C 2 HOH 56 132 132 HOH TIP A . 
C 2 HOH 57 136 136 HOH TIP A . 
C 2 HOH 58 138 138 HOH TIP A . 
C 2 HOH 59 139 139 HOH TIP A . 
C 2 HOH 60 141 141 HOH TIP A . 
C 2 HOH 61 144 144 HOH TIP A . 
C 2 HOH 62 151 151 HOH TIP A . 
C 2 HOH 63 154 154 HOH TIP A . 
C 2 HOH 64 155 155 HOH TIP A . 
C 2 HOH 65 156 156 HOH TIP A . 
C 2 HOH 66 158 158 HOH TIP A . 
C 2 HOH 67 160 160 HOH TIP A . 
C 2 HOH 68 164 164 HOH TIP A . 
C 2 HOH 69 166 166 HOH TIP A . 
C 2 HOH 70 168 168 HOH TIP A . 
C 2 HOH 71 170 170 HOH TIP A . 
C 2 HOH 72 173 173 HOH TIP A . 
C 2 HOH 73 175 175 HOH TIP A . 
C 2 HOH 74 177 177 HOH TIP A . 
C 2 HOH 75 178 178 HOH TIP A . 
C 2 HOH 76 181 181 HOH TIP A . 
C 2 HOH 77 184 184 HOH TIP A . 
C 2 HOH 78 187 187 HOH TIP A . 
C 2 HOH 79 188 188 HOH TIP A . 
C 2 HOH 80 189 189 HOH TIP A . 
D 2 HOH 1  1   1   HOH TIP B . 
D 2 HOH 2  15  15  HOH TIP B . 
D 2 HOH 3  17  17  HOH TIP B . 
D 2 HOH 4  19  19  HOH TIP B . 
D 2 HOH 5  23  23  HOH TIP B . 
D 2 HOH 6  25  25  HOH TIP B . 
D 2 HOH 7  28  28  HOH TIP B . 
D 2 HOH 8  36  36  HOH TIP B . 
D 2 HOH 9  37  37  HOH TIP B . 
D 2 HOH 10 39  39  HOH TIP B . 
D 2 HOH 11 40  40  HOH TIP B . 
D 2 HOH 12 41  41  HOH TIP B . 
D 2 HOH 13 47  47  HOH TIP B . 
D 2 HOH 14 50  50  HOH TIP B . 
D 2 HOH 15 53  53  HOH TIP B . 
D 2 HOH 16 56  56  HOH TIP B . 
D 2 HOH 17 57  57  HOH TIP B . 
D 2 HOH 18 58  58  HOH TIP B . 
D 2 HOH 19 60  60  HOH TIP B . 
D 2 HOH 20 63  63  HOH TIP B . 
D 2 HOH 21 67  67  HOH TIP B . 
D 2 HOH 22 68  68  HOH TIP B . 
D 2 HOH 23 69  69  HOH TIP B . 
D 2 HOH 24 70  70  HOH TIP B . 
D 2 HOH 25 71  71  HOH TIP B . 
D 2 HOH 26 76  76  HOH TIP B . 
D 2 HOH 27 77  77  HOH TIP B . 
D 2 HOH 28 79  79  HOH TIP B . 
D 2 HOH 29 80  80  HOH TIP B . 
D 2 HOH 30 81  81  HOH TIP B . 
D 2 HOH 31 84  84  HOH TIP B . 
D 2 HOH 32 87  87  HOH TIP B . 
D 2 HOH 33 89  89  HOH TIP B . 
D 2 HOH 34 91  91  HOH TIP B . 
D 2 HOH 35 92  92  HOH TIP B . 
D 2 HOH 36 95  95  HOH TIP B . 
D 2 HOH 37 96  96  HOH TIP B . 
D 2 HOH 38 98  98  HOH TIP B . 
D 2 HOH 39 99  99  HOH TIP B . 
D 2 HOH 40 101 101 HOH TIP B . 
D 2 HOH 41 102 102 HOH TIP B . 
D 2 HOH 42 103 103 HOH TIP B . 
D 2 HOH 43 105 105 HOH TIP B . 
D 2 HOH 44 108 108 HOH TIP B . 
D 2 HOH 45 109 109 HOH TIP B . 
D 2 HOH 46 110 110 HOH TIP B . 
D 2 HOH 47 114 114 HOH TIP B . 
D 2 HOH 48 115 115 HOH TIP B . 
D 2 HOH 49 116 116 HOH TIP B . 
D 2 HOH 50 118 118 HOH TIP B . 
D 2 HOH 51 119 119 HOH TIP B . 
D 2 HOH 52 120 120 HOH TIP B . 
D 2 HOH 53 122 122 HOH TIP B . 
D 2 HOH 54 125 125 HOH TIP B . 
D 2 HOH 55 133 133 HOH TIP B . 
D 2 HOH 56 134 134 HOH TIP B . 
D 2 HOH 57 135 135 HOH TIP B . 
D 2 HOH 58 137 137 HOH TIP B . 
D 2 HOH 59 140 140 HOH TIP B . 
D 2 HOH 60 142 142 HOH TIP B . 
D 2 HOH 61 143 143 HOH TIP B . 
D 2 HOH 62 145 145 HOH TIP B . 
D 2 HOH 63 146 146 HOH TIP B . 
D 2 HOH 64 147 147 HOH TIP B . 
D 2 HOH 65 148 148 HOH TIP B . 
D 2 HOH 66 149 149 HOH TIP B . 
D 2 HOH 67 150 150 HOH TIP B . 
D 2 HOH 68 152 152 HOH TIP B . 
D 2 HOH 69 153 153 HOH TIP B . 
D 2 HOH 70 157 157 HOH TIP B . 
D 2 HOH 71 159 159 HOH TIP B . 
D 2 HOH 72 161 161 HOH TIP B . 
D 2 HOH 73 162 162 HOH TIP B . 
D 2 HOH 74 163 163 HOH TIP B . 
D 2 HOH 75 165 165 HOH TIP B . 
D 2 HOH 76 167 167 HOH TIP B . 
D 2 HOH 77 169 169 HOH TIP B . 
D 2 HOH 78 171 171 HOH TIP B . 
D 2 HOH 79 172 172 HOH TIP B . 
D 2 HOH 80 174 174 HOH TIP B . 
D 2 HOH 81 176 176 HOH TIP B . 
D 2 HOH 82 179 179 HOH TIP B . 
D 2 HOH 83 180 180 HOH TIP B . 
D 2 HOH 84 182 182 HOH TIP B . 
D 2 HOH 85 183 183 HOH TIP B . 
D 2 HOH 86 185 185 HOH TIP B . 
D 2 HOH 87 186 186 HOH TIP B . 
D 2 HOH 88 190 190 HOH TIP B . 
# 
loop_
_software.name 
_software.classification 
_software.version 
_software.citation_id 
_software.pdbx_ordinal 
DENZO     'data reduction' .   ? 1 
SCALEPACK 'data scaling'   .   ? 2 
SOLVE     phasing          .   ? 3 
CNS       refinement       1.0 ? 4 
# 
_cell.entry_id           1WDF 
_cell.length_a           48.3 
_cell.length_b           48.3 
_cell.length_c           199.6 
_cell.angle_alpha        90 
_cell.angle_beta         90 
_cell.angle_gamma        120 
_cell.pdbx_unique_axis   ? 
_cell.Z_PDB              18 
# 
_symmetry.entry_id                         1WDF 
_symmetry.space_group_name_H-M             'H 3' 
_symmetry.pdbx_full_space_group_name_H-M   ? 
_symmetry.Int_Tables_number                146 
_symmetry.cell_setting                     ? 
# 
_exptl.entry_id          1WDF 
_exptl.method            'X-RAY DIFFRACTION' 
_exptl.crystals_number   1 
# 
_exptl_crystal.id                    1 
_exptl_crystal.density_meas          ? 
_exptl_crystal.density_Matthews      2.3 
_exptl_crystal.density_percent_sol   46 
_exptl_crystal.description           ? 
# 
_exptl_crystal_grow.crystal_id      1 
_exptl_crystal_grow.method          'VAPOR DIFFUSION, HANGING DROP' 
_exptl_crystal_grow.temp            291 
_exptl_crystal_grow.temp_details    ? 
_exptl_crystal_grow.pH              6.5 
_exptl_crystal_grow.pdbx_details    'PEG4000, pH 6.5, VAPOR DIFFUSION, HANGING DROP, temperature 291K' 
_exptl_crystal_grow.pdbx_pH_range   . 
# 
_diffrn.id                     1 
_diffrn.ambient_temp           100 
_diffrn.ambient_temp_details   ? 
_diffrn.crystal_id             1 
# 
_diffrn_detector.diffrn_id              1 
_diffrn_detector.detector               CCD 
_diffrn_detector.type                   MARRESEARCH 
_diffrn_detector.pdbx_collection_date   2003-11-12 
_diffrn_detector.details                ? 
# 
_diffrn_radiation.diffrn_id                        1 
_diffrn_radiation.wavelength_id                    1 
_diffrn_radiation.pdbx_monochromatic_or_laue_m_l   M 
_diffrn_radiation.monochromator                    'SAGITALLY FOCUSED Si(111)' 
_diffrn_radiation.pdbx_diffrn_protocol             MAD 
_diffrn_radiation.pdbx_scattering_type             x-ray 
# 
loop_
_diffrn_radiation_wavelength.id 
_diffrn_radiation_wavelength.wavelength 
_diffrn_radiation_wavelength.wt 
1 0.9799 1.0 
2 0.9801 1.0 
3 0.9000 1.0 
# 
_diffrn_source.diffrn_id                   1 
_diffrn_source.source                      SYNCHROTRON 
_diffrn_source.type                        'BSRF BEAMLINE 3W1A' 
_diffrn_source.pdbx_synchrotron_site       BSRF 
_diffrn_source.pdbx_synchrotron_beamline   3W1A 
_diffrn_source.pdbx_wavelength             ? 
_diffrn_source.pdbx_wavelength_list        '0.9799, 0.9801, 0.9000' 
# 
_reflns.entry_id                     1WDF 
_reflns.observed_criterion_sigma_F   2.0 
_reflns.observed_criterion_sigma_I   2.0 
_reflns.d_resolution_high            2.5 
_reflns.d_resolution_low             35 
_reflns.number_all                   ? 
_reflns.number_obs                   7727 
_reflns.percent_possible_obs         ? 
_reflns.pdbx_Rmerge_I_obs            ? 
_reflns.pdbx_Rsym_value              ? 
_reflns.pdbx_netI_over_sigmaI        ? 
_reflns.B_iso_Wilson_estimate        ? 
_reflns.pdbx_redundancy              ? 
_reflns.R_free_details               ? 
_reflns.limit_h_max                  ? 
_reflns.limit_h_min                  ? 
_reflns.limit_k_max                  ? 
_reflns.limit_k_min                  ? 
_reflns.limit_l_max                  ? 
_reflns.limit_l_min                  ? 
_reflns.observed_criterion_F_max     ? 
_reflns.observed_criterion_F_min     ? 
_reflns.pdbx_ordinal                 1 
_reflns.pdbx_diffrn_id               1 
# 
_reflns_shell.d_res_high             2.5 
_reflns_shell.d_res_low              2.56 
_reflns_shell.percent_possible_all   ? 
_reflns_shell.Rmerge_I_obs           ? 
_reflns_shell.pdbx_Rsym_value        ? 
_reflns_shell.meanI_over_sigI_obs    ? 
_reflns_shell.pdbx_redundancy        ? 
_reflns_shell.percent_possible_obs   ? 
_reflns_shell.number_unique_all      ? 
_reflns_shell.pdbx_ordinal           1 
_reflns_shell.pdbx_diffrn_id         1 
# 
_refine.entry_id                                 1WDF 
_refine.ls_d_res_high                            2.5 
_refine.ls_d_res_low                             35 
_refine.pdbx_ls_sigma_F                          0 
_refine.pdbx_ls_sigma_I                          ? 
_refine.ls_number_reflns_all                     6025 
_refine.ls_number_reflns_obs                     5833 
_refine.ls_number_reflns_R_free                  332 
_refine.ls_percent_reflns_obs                    ? 
_refine.ls_R_factor_all                          0.235 
_refine.ls_R_factor_obs                          0.224 
_refine.ls_R_factor_R_work                       0.222 
_refine.ls_R_factor_R_free                       0.291 
_refine.ls_redundancy_reflns_obs                 ? 
_refine.pdbx_data_cutoff_high_absF               ? 
_refine.pdbx_data_cutoff_low_absF                ? 
_refine.ls_number_parameters                     ? 
_refine.ls_number_restraints                     ? 
_refine.ls_percent_reflns_R_free                 ? 
_refine.ls_R_factor_R_free_error                 ? 
_refine.ls_R_factor_R_free_error_details         ? 
_refine.pdbx_method_to_determine_struct          MAD 
_refine.pdbx_starting_model                      ? 
_refine.pdbx_ls_cross_valid_method               ? 
_refine.pdbx_R_Free_selection_details            ? 
_refine.pdbx_stereochem_target_val_spec_case     ? 
_refine.pdbx_stereochemistry_target_values       ? 
_refine.solvent_model_details                    ? 
_refine.solvent_model_param_bsol                 ? 
_refine.solvent_model_param_ksol                 ? 
_refine.occupancy_max                            ? 
_refine.occupancy_min                            ? 
_refine.pdbx_isotropic_thermal_model             ? 
_refine.B_iso_mean                               ? 
_refine.aniso_B[1][1]                            ? 
_refine.aniso_B[1][2]                            ? 
_refine.aniso_B[1][3]                            ? 
_refine.aniso_B[2][2]                            ? 
_refine.aniso_B[2][3]                            ? 
_refine.aniso_B[3][3]                            ? 
_refine.details                                  ? 
_refine.B_iso_min                                ? 
_refine.B_iso_max                                ? 
_refine.correlation_coeff_Fo_to_Fc               ? 
_refine.correlation_coeff_Fo_to_Fc_free          ? 
_refine.pdbx_solvent_vdw_probe_radii             ? 
_refine.pdbx_solvent_ion_probe_radii             ? 
_refine.pdbx_solvent_shrinkage_radii             ? 
_refine.overall_SU_R_Cruickshank_DPI             ? 
_refine.overall_SU_R_free                        ? 
_refine.overall_SU_B                             ? 
_refine.overall_SU_ML                            ? 
_refine.pdbx_overall_ESU_R                       ? 
_refine.pdbx_overall_ESU_R_Free                  ? 
_refine.pdbx_data_cutoff_high_rms_absF           ? 
_refine.pdbx_refine_id                           'X-RAY DIFFRACTION' 
_refine.pdbx_diffrn_id                           1 
_refine.pdbx_TLS_residual_ADP_flag               ? 
_refine.pdbx_overall_phase_error                 ? 
_refine.pdbx_overall_SU_R_free_Cruickshank_DPI   ? 
_refine.pdbx_overall_SU_R_Blow_DPI               ? 
_refine.pdbx_overall_SU_R_free_Blow_DPI          ? 
# 
_refine_hist.pdbx_refine_id                   'X-RAY DIFFRACTION' 
_refine_hist.cycle_id                         LAST 
_refine_hist.pdbx_number_atoms_protein        1421 
_refine_hist.pdbx_number_atoms_nucleic_acid   0 
_refine_hist.pdbx_number_atoms_ligand         0 
_refine_hist.number_atoms_solvent             168 
_refine_hist.number_atoms_total               1589 
_refine_hist.d_res_high                       2.5 
_refine_hist.d_res_low                        35 
# 
loop_
_refine_ls_restr.type 
_refine_ls_restr.dev_ideal 
_refine_ls_restr.dev_ideal_target 
_refine_ls_restr.weight 
_refine_ls_restr.number 
_refine_ls_restr.pdbx_refine_id 
_refine_ls_restr.pdbx_restraint_function 
c_bond_d    0.012 ? ? ? 'X-RAY DIFFRACTION' ? 
c_angle_deg 1.8   ? ? ? 'X-RAY DIFFRACTION' ? 
# 
_struct.entry_id                  1WDF 
_struct.title                     'crystal structure of MHV spike protein fusion core' 
_struct.pdbx_model_details        ? 
_struct.pdbx_CASP_flag            ? 
_struct.pdbx_model_type_details   ? 
# 
_struct_keywords.entry_id        1WDF 
_struct_keywords.pdbx_keywords   'VIRAL PROTEIN' 
_struct_keywords.text            'MHV, coronavirus, heptad repeat, fusion core, viral entry, Viral protein' 
# 
loop_
_struct_asym.id 
_struct_asym.pdbx_blank_PDB_chainid_flag 
_struct_asym.pdbx_modified 
_struct_asym.entity_id 
_struct_asym.details 
A N N 1 ? 
B N N 1 ? 
C N N 2 ? 
D N N 2 ? 
# 
_struct_ref.id                         1 
_struct_ref.db_name                    UNP 
_struct_ref.db_code                    VGL2_CVMA5 
_struct_ref.entity_id                  1 
_struct_ref.pdbx_seq_one_letter_code   ? 
_struct_ref.pdbx_align_begin           969 
_struct_ref.pdbx_db_accession          P11224 
_struct_ref.pdbx_db_isoform            ? 
# 
loop_
_struct_ref_seq.align_id 
_struct_ref_seq.ref_id 
_struct_ref_seq.pdbx_PDB_id_code 
_struct_ref_seq.pdbx_strand_id 
_struct_ref_seq.seq_align_beg 
_struct_ref_seq.pdbx_seq_align_beg_ins_code 
_struct_ref_seq.seq_align_end 
_struct_ref_seq.pdbx_seq_align_end_ins_code 
_struct_ref_seq.pdbx_db_accession 
_struct_ref_seq.db_align_beg 
_struct_ref_seq.pdbx_db_align_beg_ins_code 
_struct_ref_seq.db_align_end 
_struct_ref_seq.pdbx_db_align_end_ins_code 
_struct_ref_seq.pdbx_auth_seq_align_beg 
_struct_ref_seq.pdbx_auth_seq_align_end 
1 1 1WDF A 1  ? 56 ? P11224 969  ? 1024 ? 969  1024 
2 1 1WDF A 57 ? 95 ? P11224 1216 ? 1254 ? 1216 1254 
3 1 1WDF B 1  ? 56 ? P11224 969  ? 1024 ? 969  1024 
4 1 1WDF B 57 ? 95 ? P11224 1216 ? 1254 ? 1216 1254 
# 
loop_
_pdbx_struct_assembly.id 
_pdbx_struct_assembly.details 
_pdbx_struct_assembly.method_details 
_pdbx_struct_assembly.oligomeric_details 
_pdbx_struct_assembly.oligomeric_count 
1 author_and_software_defined_assembly PQS  hexameric 6 
2 software_defined_assembly            PISA trimeric  3 
# 
loop_
_pdbx_struct_assembly_prop.biol_id 
_pdbx_struct_assembly_prop.type 
_pdbx_struct_assembly_prop.value 
_pdbx_struct_assembly_prop.details 
2 'ABSA (A^2)' 9040  ? 
2 MORE         -81   ? 
2 'SSA (A^2)'  12890 ? 
# 
loop_
_pdbx_struct_assembly_gen.assembly_id 
_pdbx_struct_assembly_gen.oper_expression 
_pdbx_struct_assembly_gen.asym_id_list 
1 1,2,3 A,B,C,D 
2 1,2,3 A,C     
# 
loop_
_pdbx_struct_oper_list.id 
_pdbx_struct_oper_list.type 
_pdbx_struct_oper_list.name 
_pdbx_struct_oper_list.symmetry_operation 
_pdbx_struct_oper_list.matrix[1][1] 
_pdbx_struct_oper_list.matrix[1][2] 
_pdbx_struct_oper_list.matrix[1][3] 
_pdbx_struct_oper_list.vector[1] 
_pdbx_struct_oper_list.matrix[2][1] 
_pdbx_struct_oper_list.matrix[2][2] 
_pdbx_struct_oper_list.matrix[2][3] 
_pdbx_struct_oper_list.vector[2] 
_pdbx_struct_oper_list.matrix[3][1] 
_pdbx_struct_oper_list.matrix[3][2] 
_pdbx_struct_oper_list.matrix[3][3] 
_pdbx_struct_oper_list.vector[3] 
1 'identity operation'         1_555 x,y,z        1.0000000000  0.0000000000  0.0000000000  0.0000000000   0.0000000000  1.0000000000  0.0000000000  0.0000000000  0.0000000000  0.0000000000  1.0000000000 0.0000000000  
2 'crystal symmetry operation' 2_665 -y+1,x-y+1,z -0.0892629372 -0.2957680009 -0.9510801321 6.5507746215   0.9754896665  -0.2187850912 -0.0235158353 16.4061525232 -0.2011269218 -0.9298679334 0.3080480283 14.3489046671 
3 'crystal symmetry operation' 3_565 -x+y,-x+1,z  -0.0892629372 0.9754896665  -0.2011269218 -12.5333398428 -0.2957680009 -0.2187850912 -0.9298679334 18.8695174190 -0.9510801321 -0.0235158353 0.3080480283 2.1959641811 
# 
_struct_biol.id                    1 
_struct_biol.details               'three molecules in one biological unit and two molecules in one asymmetric unit' 
_struct_biol.pdbx_parent_biol_id   ? 
# 
loop_
_struct_conf.conf_type_id 
_struct_conf.id 
_struct_conf.pdbx_PDB_helix_id 
_struct_conf.beg_label_comp_id 
_struct_conf.beg_label_asym_id 
_struct_conf.beg_label_seq_id 
_struct_conf.pdbx_beg_PDB_ins_code 
_struct_conf.end_label_comp_id 
_struct_conf.end_label_asym_id 
_struct_conf.end_label_seq_id 
_struct_conf.pdbx_end_PDB_ins_code 
_struct_conf.beg_auth_comp_id 
_struct_conf.beg_auth_asym_id 
_struct_conf.beg_auth_seq_id 
_struct_conf.end_auth_comp_id 
_struct_conf.end_auth_asym_id 
_struct_conf.end_auth_seq_id 
_struct_conf.pdbx_PDB_helix_class 
_struct_conf.details 
_struct_conf.pdbx_PDB_helix_length 
HELX_P HELX_P1 1 GLN A 2  ? PHE A 52 ? GLN A 970  PHE A 1020 1 ? 51 
HELX_P HELX_P2 2 ASP A 61 ? LEU A 65 ? ASP A 1220 LEU A 1224 5 ? 5  
HELX_P HELX_P3 3 LEU A 72 ? ASN A 87 ? LEU A 1231 ASN A 1246 1 ? 16 
HELX_P HELX_P4 4 ASN B 1  ? PHE B 52 ? ASN B 969  PHE B 1020 1 ? 52 
HELX_P HELX_P5 5 ASP B 61 ? LEU B 65 ? ASP B 1220 LEU B 1224 5 ? 5  
HELX_P HELX_P6 6 LEU B 72 ? GLU B 88 ? LEU B 1231 GLU B 1247 1 ? 17 
# 
_struct_conf_type.id          HELX_P 
_struct_conf_type.criteria    ? 
_struct_conf_type.reference   ? 
# 
_pdbx_validate_rmsd_angle.id                         1 
_pdbx_validate_rmsd_angle.PDB_model_num              1 
_pdbx_validate_rmsd_angle.auth_atom_id_1             N 
_pdbx_validate_rmsd_angle.auth_asym_id_1             B 
_pdbx_validate_rmsd_angle.auth_comp_id_1             LEU 
_pdbx_validate_rmsd_angle.auth_seq_id_1              1229 
_pdbx_validate_rmsd_angle.PDB_ins_code_1             ? 
_pdbx_validate_rmsd_angle.label_alt_id_1             ? 
_pdbx_validate_rmsd_angle.auth_atom_id_2             CA 
_pdbx_validate_rmsd_angle.auth_asym_id_2             B 
_pdbx_validate_rmsd_angle.auth_comp_id_2             LEU 
_pdbx_validate_rmsd_angle.auth_seq_id_2              1229 
_pdbx_validate_rmsd_angle.PDB_ins_code_2             ? 
_pdbx_validate_rmsd_angle.label_alt_id_2             ? 
_pdbx_validate_rmsd_angle.auth_atom_id_3             C 
_pdbx_validate_rmsd_angle.auth_asym_id_3             B 
_pdbx_validate_rmsd_angle.auth_comp_id_3             LEU 
_pdbx_validate_rmsd_angle.auth_seq_id_3              1229 
_pdbx_validate_rmsd_angle.PDB_ins_code_3             ? 
_pdbx_validate_rmsd_angle.label_alt_id_3             ? 
_pdbx_validate_rmsd_angle.angle_value                128.29 
_pdbx_validate_rmsd_angle.angle_target_value         111.00 
_pdbx_validate_rmsd_angle.angle_deviation            17.29 
_pdbx_validate_rmsd_angle.angle_standard_deviation   2.70 
_pdbx_validate_rmsd_angle.linker_flag                N 
# 
loop_
_pdbx_validate_torsion.id 
_pdbx_validate_torsion.PDB_model_num 
_pdbx_validate_torsion.auth_comp_id 
_pdbx_validate_torsion.auth_asym_id 
_pdbx_validate_torsion.auth_seq_id 
_pdbx_validate_torsion.PDB_ins_code 
_pdbx_validate_torsion.label_alt_id 
_pdbx_validate_torsion.phi 
_pdbx_validate_torsion.psi 
1 1 TYR A 1249 ? ? -146.50 -95.83  
2 1 ILE A 1250 ? ? -68.74  -139.00 
3 1 ASN A 1251 ? ? 77.77   110.10  
4 1 PHE B 1020 ? ? -61.52  10.00   
5 1 LEU B 1228 ? ? -170.41 -165.15 
6 1 LEU B 1229 ? ? 9.21    -171.82 
7 1 ASP B 1230 ? ? 54.48   115.78  
8 1 LEU B 1231 ? ? -157.89 5.81    
# 
loop_
_pdbx_unobs_or_zero_occ_residues.id 
_pdbx_unobs_or_zero_occ_residues.PDB_model_num 
_pdbx_unobs_or_zero_occ_residues.polymer_flag 
_pdbx_unobs_or_zero_occ_residues.occupancy_flag 
_pdbx_unobs_or_zero_occ_residues.auth_asym_id 
_pdbx_unobs_or_zero_occ_residues.auth_comp_id 
_pdbx_unobs_or_zero_occ_residues.auth_seq_id 
_pdbx_unobs_or_zero_occ_residues.PDB_ins_code 
_pdbx_unobs_or_zero_occ_residues.label_asym_id 
_pdbx_unobs_or_zero_occ_residues.label_comp_id 
_pdbx_unobs_or_zero_occ_residues.label_seq_id 
1 1 Y 1 A ASN 969  ? A ASN 1  
2 1 Y 1 A SER 1024 ? A SER 56 
3 1 Y 1 A LYS 1253 ? A LYS 94 
4 1 Y 1 A GLU 1254 ? A GLU 95 
5 1 Y 1 B ILE 1023 ? B ILE 55 
6 1 Y 1 B SER 1024 ? B SER 56 
# 
loop_
_chem_comp_atom.comp_id 
_chem_comp_atom.atom_id 
_chem_comp_atom.type_symbol 
_chem_comp_atom.pdbx_aromatic_flag 
_chem_comp_atom.pdbx_stereo_config 
_chem_comp_atom.pdbx_ordinal 
ALA N    N N N 1   
ALA CA   C N S 2   
ALA C    C N N 3   
ALA O    O N N 4   
ALA CB   C N N 5   
ALA OXT  O N N 6   
ALA H    H N N 7   
ALA H2   H N N 8   
ALA HA   H N N 9   
ALA HB1  H N N 10  
ALA HB2  H N N 11  
ALA HB3  H N N 12  
ALA HXT  H N N 13  
ARG N    N N N 14  
ARG CA   C N S 15  
ARG C    C N N 16  
ARG O    O N N 17  
ARG CB   C N N 18  
ARG CG   C N N 19  
ARG CD   C N N 20  
ARG NE   N N N 21  
ARG CZ   C N N 22  
ARG NH1  N N N 23  
ARG NH2  N N N 24  
ARG OXT  O N N 25  
ARG H    H N N 26  
ARG H2   H N N 27  
ARG HA   H N N 28  
ARG HB2  H N N 29  
ARG HB3  H N N 30  
ARG HG2  H N N 31  
ARG HG3  H N N 32  
ARG HD2  H N N 33  
ARG HD3  H N N 34  
ARG HE   H N N 35  
ARG HH11 H N N 36  
ARG HH12 H N N 37  
ARG HH21 H N N 38  
ARG HH22 H N N 39  
ARG HXT  H N N 40  
ASN N    N N N 41  
ASN CA   C N S 42  
ASN C    C N N 43  
ASN O    O N N 44  
ASN CB   C N N 45  
ASN CG   C N N 46  
ASN OD1  O N N 47  
ASN ND2  N N N 48  
ASN OXT  O N N 49  
ASN H    H N N 50  
ASN H2   H N N 51  
ASN HA   H N N 52  
ASN HB2  H N N 53  
ASN HB3  H N N 54  
ASN HD21 H N N 55  
ASN HD22 H N N 56  
ASN HXT  H N N 57  
ASP N    N N N 58  
ASP CA   C N S 59  
ASP C    C N N 60  
ASP O    O N N 61  
ASP CB   C N N 62  
ASP CG   C N N 63  
ASP OD1  O N N 64  
ASP OD2  O N N 65  
ASP OXT  O N N 66  
ASP H    H N N 67  
ASP H2   H N N 68  
ASP HA   H N N 69  
ASP HB2  H N N 70  
ASP HB3  H N N 71  
ASP HD2  H N N 72  
ASP HXT  H N N 73  
GLN N    N N N 74  
GLN CA   C N S 75  
GLN C    C N N 76  
GLN O    O N N 77  
GLN CB   C N N 78  
GLN CG   C N N 79  
GLN CD   C N N 80  
GLN OE1  O N N 81  
GLN NE2  N N N 82  
GLN OXT  O N N 83  
GLN H    H N N 84  
GLN H2   H N N 85  
GLN HA   H N N 86  
GLN HB2  H N N 87  
GLN HB3  H N N 88  
GLN HG2  H N N 89  
GLN HG3  H N N 90  
GLN HE21 H N N 91  
GLN HE22 H N N 92  
GLN HXT  H N N 93  
GLU N    N N N 94  
GLU CA   C N S 95  
GLU C    C N N 96  
GLU O    O N N 97  
GLU CB   C N N 98  
GLU CG   C N N 99  
GLU CD   C N N 100 
GLU OE1  O N N 101 
GLU OE2  O N N 102 
GLU OXT  O N N 103 
GLU H    H N N 104 
GLU H2   H N N 105 
GLU HA   H N N 106 
GLU HB2  H N N 107 
GLU HB3  H N N 108 
GLU HG2  H N N 109 
GLU HG3  H N N 110 
GLU HE2  H N N 111 
GLU HXT  H N N 112 
GLY N    N N N 113 
GLY CA   C N N 114 
GLY C    C N N 115 
GLY O    O N N 116 
GLY OXT  O N N 117 
GLY H    H N N 118 
GLY H2   H N N 119 
GLY HA2  H N N 120 
GLY HA3  H N N 121 
GLY HXT  H N N 122 
HOH O    O N N 123 
HOH H1   H N N 124 
HOH H2   H N N 125 
ILE N    N N N 126 
ILE CA   C N S 127 
ILE C    C N N 128 
ILE O    O N N 129 
ILE CB   C N S 130 
ILE CG1  C N N 131 
ILE CG2  C N N 132 
ILE CD1  C N N 133 
ILE OXT  O N N 134 
ILE H    H N N 135 
ILE H2   H N N 136 
ILE HA   H N N 137 
ILE HB   H N N 138 
ILE HG12 H N N 139 
ILE HG13 H N N 140 
ILE HG21 H N N 141 
ILE HG22 H N N 142 
ILE HG23 H N N 143 
ILE HD11 H N N 144 
ILE HD12 H N N 145 
ILE HD13 H N N 146 
ILE HXT  H N N 147 
LEU N    N N N 148 
LEU CA   C N S 149 
LEU C    C N N 150 
LEU O    O N N 151 
LEU CB   C N N 152 
LEU CG   C N N 153 
LEU CD1  C N N 154 
LEU CD2  C N N 155 
LEU OXT  O N N 156 
LEU H    H N N 157 
LEU H2   H N N 158 
LEU HA   H N N 159 
LEU HB2  H N N 160 
LEU HB3  H N N 161 
LEU HG   H N N 162 
LEU HD11 H N N 163 
LEU HD12 H N N 164 
LEU HD13 H N N 165 
LEU HD21 H N N 166 
LEU HD22 H N N 167 
LEU HD23 H N N 168 
LEU HXT  H N N 169 
LYS N    N N N 170 
LYS CA   C N S 171 
LYS C    C N N 172 
LYS O    O N N 173 
LYS CB   C N N 174 
LYS CG   C N N 175 
LYS CD   C N N 176 
LYS CE   C N N 177 
LYS NZ   N N N 178 
LYS OXT  O N N 179 
LYS H    H N N 180 
LYS H2   H N N 181 
LYS HA   H N N 182 
LYS HB2  H N N 183 
LYS HB3  H N N 184 
LYS HG2  H N N 185 
LYS HG3  H N N 186 
LYS HD2  H N N 187 
LYS HD3  H N N 188 
LYS HE2  H N N 189 
LYS HE3  H N N 190 
LYS HZ1  H N N 191 
LYS HZ2  H N N 192 
LYS HZ3  H N N 193 
LYS HXT  H N N 194 
MET N    N N N 195 
MET CA   C N S 196 
MET C    C N N 197 
MET O    O N N 198 
MET CB   C N N 199 
MET CG   C N N 200 
MET SD   S N N 201 
MET CE   C N N 202 
MET OXT  O N N 203 
MET H    H N N 204 
MET H2   H N N 205 
MET HA   H N N 206 
MET HB2  H N N 207 
MET HB3  H N N 208 
MET HG2  H N N 209 
MET HG3  H N N 210 
MET HE1  H N N 211 
MET HE2  H N N 212 
MET HE3  H N N 213 
MET HXT  H N N 214 
PHE N    N N N 215 
PHE CA   C N S 216 
PHE C    C N N 217 
PHE O    O N N 218 
PHE CB   C N N 219 
PHE CG   C Y N 220 
PHE CD1  C Y N 221 
PHE CD2  C Y N 222 
PHE CE1  C Y N 223 
PHE CE2  C Y N 224 
PHE CZ   C Y N 225 
PHE OXT  O N N 226 
PHE H    H N N 227 
PHE H2   H N N 228 
PHE HA   H N N 229 
PHE HB2  H N N 230 
PHE HB3  H N N 231 
PHE HD1  H N N 232 
PHE HD2  H N N 233 
PHE HE1  H N N 234 
PHE HE2  H N N 235 
PHE HZ   H N N 236 
PHE HXT  H N N 237 
SER N    N N N 238 
SER CA   C N S 239 
SER C    C N N 240 
SER O    O N N 241 
SER CB   C N N 242 
SER OG   O N N 243 
SER OXT  O N N 244 
SER H    H N N 245 
SER H2   H N N 246 
SER HA   H N N 247 
SER HB2  H N N 248 
SER HB3  H N N 249 
SER HG   H N N 250 
SER HXT  H N N 251 
THR N    N N N 252 
THR CA   C N S 253 
THR C    C N N 254 
THR O    O N N 255 
THR CB   C N R 256 
THR OG1  O N N 257 
THR CG2  C N N 258 
THR OXT  O N N 259 
THR H    H N N 260 
THR H2   H N N 261 
THR HA   H N N 262 
THR HB   H N N 263 
THR HG1  H N N 264 
THR HG21 H N N 265 
THR HG22 H N N 266 
THR HG23 H N N 267 
THR HXT  H N N 268 
TYR N    N N N 269 
TYR CA   C N S 270 
TYR C    C N N 271 
TYR O    O N N 272 
TYR CB   C N N 273 
TYR CG   C Y N 274 
TYR CD1  C Y N 275 
TYR CD2  C Y N 276 
TYR CE1  C Y N 277 
TYR CE2  C Y N 278 
TYR CZ   C Y N 279 
TYR OH   O N N 280 
TYR OXT  O N N 281 
TYR H    H N N 282 
TYR H2   H N N 283 
TYR HA   H N N 284 
TYR HB2  H N N 285 
TYR HB3  H N N 286 
TYR HD1  H N N 287 
TYR HD2  H N N 288 
TYR HE1  H N N 289 
TYR HE2  H N N 290 
TYR HH   H N N 291 
TYR HXT  H N N 292 
VAL N    N N N 293 
VAL CA   C N S 294 
VAL C    C N N 295 
VAL O    O N N 296 
VAL CB   C N N 297 
VAL CG1  C N N 298 
VAL CG2  C N N 299 
VAL OXT  O N N 300 
VAL H    H N N 301 
VAL H2   H N N 302 
VAL HA   H N N 303 
VAL HB   H N N 304 
VAL HG11 H N N 305 
VAL HG12 H N N 306 
VAL HG13 H N N 307 
VAL HG21 H N N 308 
VAL HG22 H N N 309 
VAL HG23 H N N 310 
VAL HXT  H N N 311 
# 
loop_
_chem_comp_bond.comp_id 
_chem_comp_bond.atom_id_1 
_chem_comp_bond.atom_id_2 
_chem_comp_bond.value_order 
_chem_comp_bond.pdbx_aromatic_flag 
_chem_comp_bond.pdbx_stereo_config 
_chem_comp_bond.pdbx_ordinal 
ALA N   CA   sing N N 1   
ALA N   H    sing N N 2   
ALA N   H2   sing N N 3   
ALA CA  C    sing N N 4   
ALA CA  CB   sing N N 5   
ALA CA  HA   sing N N 6   
ALA C   O    doub N N 7   
ALA C   OXT  sing N N 8   
ALA CB  HB1  sing N N 9   
ALA CB  HB2  sing N N 10  
ALA CB  HB3  sing N N 11  
ALA OXT HXT  sing N N 12  
ARG N   CA   sing N N 13  
ARG N   H    sing N N 14  
ARG N   H2   sing N N 15  
ARG CA  C    sing N N 16  
ARG CA  CB   sing N N 17  
ARG CA  HA   sing N N 18  
ARG C   O    doub N N 19  
ARG C   OXT  sing N N 20  
ARG CB  CG   sing N N 21  
ARG CB  HB2  sing N N 22  
ARG CB  HB3  sing N N 23  
ARG CG  CD   sing N N 24  
ARG CG  HG2  sing N N 25  
ARG CG  HG3  sing N N 26  
ARG CD  NE   sing N N 27  
ARG CD  HD2  sing N N 28  
ARG CD  HD3  sing N N 29  
ARG NE  CZ   sing N N 30  
ARG NE  HE   sing N N 31  
ARG CZ  NH1  sing N N 32  
ARG CZ  NH2  doub N N 33  
ARG NH1 HH11 sing N N 34  
ARG NH1 HH12 sing N N 35  
ARG NH2 HH21 sing N N 36  
ARG NH2 HH22 sing N N 37  
ARG OXT HXT  sing N N 38  
ASN N   CA   sing N N 39  
ASN N   H    sing N N 40  
ASN N   H2   sing N N 41  
ASN CA  C    sing N N 42  
ASN CA  CB   sing N N 43  
ASN CA  HA   sing N N 44  
ASN C   O    doub N N 45  
ASN C   OXT  sing N N 46  
ASN CB  CG   sing N N 47  
ASN CB  HB2  sing N N 48  
ASN CB  HB3  sing N N 49  
ASN CG  OD1  doub N N 50  
ASN CG  ND2  sing N N 51  
ASN ND2 HD21 sing N N 52  
ASN ND2 HD22 sing N N 53  
ASN OXT HXT  sing N N 54  
ASP N   CA   sing N N 55  
ASP N   H    sing N N 56  
ASP N   H2   sing N N 57  
ASP CA  C    sing N N 58  
ASP CA  CB   sing N N 59  
ASP CA  HA   sing N N 60  
ASP C   O    doub N N 61  
ASP C   OXT  sing N N 62  
ASP CB  CG   sing N N 63  
ASP CB  HB2  sing N N 64  
ASP CB  HB3  sing N N 65  
ASP CG  OD1  doub N N 66  
ASP CG  OD2  sing N N 67  
ASP OD2 HD2  sing N N 68  
ASP OXT HXT  sing N N 69  
GLN N   CA   sing N N 70  
GLN N   H    sing N N 71  
GLN N   H2   sing N N 72  
GLN CA  C    sing N N 73  
GLN CA  CB   sing N N 74  
GLN CA  HA   sing N N 75  
GLN C   O    doub N N 76  
GLN C   OXT  sing N N 77  
GLN CB  CG   sing N N 78  
GLN CB  HB2  sing N N 79  
GLN CB  HB3  sing N N 80  
GLN CG  CD   sing N N 81  
GLN CG  HG2  sing N N 82  
GLN CG  HG3  sing N N 83  
GLN CD  OE1  doub N N 84  
GLN CD  NE2  sing N N 85  
GLN NE2 HE21 sing N N 86  
GLN NE2 HE22 sing N N 87  
GLN OXT HXT  sing N N 88  
GLU N   CA   sing N N 89  
GLU N   H    sing N N 90  
GLU N   H2   sing N N 91  
GLU CA  C    sing N N 92  
GLU CA  CB   sing N N 93  
GLU CA  HA   sing N N 94  
GLU C   O    doub N N 95  
GLU C   OXT  sing N N 96  
GLU CB  CG   sing N N 97  
GLU CB  HB2  sing N N 98  
GLU CB  HB3  sing N N 99  
GLU CG  CD   sing N N 100 
GLU CG  HG2  sing N N 101 
GLU CG  HG3  sing N N 102 
GLU CD  OE1  doub N N 103 
GLU CD  OE2  sing N N 104 
GLU OE2 HE2  sing N N 105 
GLU OXT HXT  sing N N 106 
GLY N   CA   sing N N 107 
GLY N   H    sing N N 108 
GLY N   H2   sing N N 109 
GLY CA  C    sing N N 110 
GLY CA  HA2  sing N N 111 
GLY CA  HA3  sing N N 112 
GLY C   O    doub N N 113 
GLY C   OXT  sing N N 114 
GLY OXT HXT  sing N N 115 
HOH O   H1   sing N N 116 
HOH O   H2   sing N N 117 
ILE N   CA   sing N N 118 
ILE N   H    sing N N 119 
ILE N   H2   sing N N 120 
ILE CA  C    sing N N 121 
ILE CA  CB   sing N N 122 
ILE CA  HA   sing N N 123 
ILE C   O    doub N N 124 
ILE C   OXT  sing N N 125 
ILE CB  CG1  sing N N 126 
ILE CB  CG2  sing N N 127 
ILE CB  HB   sing N N 128 
ILE CG1 CD1  sing N N 129 
ILE CG1 HG12 sing N N 130 
ILE CG1 HG13 sing N N 131 
ILE CG2 HG21 sing N N 132 
ILE CG2 HG22 sing N N 133 
ILE CG2 HG23 sing N N 134 
ILE CD1 HD11 sing N N 135 
ILE CD1 HD12 sing N N 136 
ILE CD1 HD13 sing N N 137 
ILE OXT HXT  sing N N 138 
LEU N   CA   sing N N 139 
LEU N   H    sing N N 140 
LEU N   H2   sing N N 141 
LEU CA  C    sing N N 142 
LEU CA  CB   sing N N 143 
LEU CA  HA   sing N N 144 
LEU C   O    doub N N 145 
LEU C   OXT  sing N N 146 
LEU CB  CG   sing N N 147 
LEU CB  HB2  sing N N 148 
LEU CB  HB3  sing N N 149 
LEU CG  CD1  sing N N 150 
LEU CG  CD2  sing N N 151 
LEU CG  HG   sing N N 152 
LEU CD1 HD11 sing N N 153 
LEU CD1 HD12 sing N N 154 
LEU CD1 HD13 sing N N 155 
LEU CD2 HD21 sing N N 156 
LEU CD2 HD22 sing N N 157 
LEU CD2 HD23 sing N N 158 
LEU OXT HXT  sing N N 159 
LYS N   CA   sing N N 160 
LYS N   H    sing N N 161 
LYS N   H2   sing N N 162 
LYS CA  C    sing N N 163 
LYS CA  CB   sing N N 164 
LYS CA  HA   sing N N 165 
LYS C   O    doub N N 166 
LYS C   OXT  sing N N 167 
LYS CB  CG   sing N N 168 
LYS CB  HB2  sing N N 169 
LYS CB  HB3  sing N N 170 
LYS CG  CD   sing N N 171 
LYS CG  HG2  sing N N 172 
LYS CG  HG3  sing N N 173 
LYS CD  CE   sing N N 174 
LYS CD  HD2  sing N N 175 
LYS CD  HD3  sing N N 176 
LYS CE  NZ   sing N N 177 
LYS CE  HE2  sing N N 178 
LYS CE  HE3  sing N N 179 
LYS NZ  HZ1  sing N N 180 
LYS NZ  HZ2  sing N N 181 
LYS NZ  HZ3  sing N N 182 
LYS OXT HXT  sing N N 183 
MET N   CA   sing N N 184 
MET N   H    sing N N 185 
MET N   H2   sing N N 186 
MET CA  C    sing N N 187 
MET CA  CB   sing N N 188 
MET CA  HA   sing N N 189 
MET C   O    doub N N 190 
MET C   OXT  sing N N 191 
MET CB  CG   sing N N 192 
MET CB  HB2  sing N N 193 
MET CB  HB3  sing N N 194 
MET CG  SD   sing N N 195 
MET CG  HG2  sing N N 196 
MET CG  HG3  sing N N 197 
MET SD  CE   sing N N 198 
MET CE  HE1  sing N N 199 
MET CE  HE2  sing N N 200 
MET CE  HE3  sing N N 201 
MET OXT HXT  sing N N 202 
PHE N   CA   sing N N 203 
PHE N   H    sing N N 204 
PHE N   H2   sing N N 205 
PHE CA  C    sing N N 206 
PHE CA  CB   sing N N 207 
PHE CA  HA   sing N N 208 
PHE C   O    doub N N 209 
PHE C   OXT  sing N N 210 
PHE CB  CG   sing N N 211 
PHE CB  HB2  sing N N 212 
PHE CB  HB3  sing N N 213 
PHE CG  CD1  doub Y N 214 
PHE CG  CD2  sing Y N 215 
PHE CD1 CE1  sing Y N 216 
PHE CD1 HD1  sing N N 217 
PHE CD2 CE2  doub Y N 218 
PHE CD2 HD2  sing N N 219 
PHE CE1 CZ   doub Y N 220 
PHE CE1 HE1  sing N N 221 
PHE CE2 CZ   sing Y N 222 
PHE CE2 HE2  sing N N 223 
PHE CZ  HZ   sing N N 224 
PHE OXT HXT  sing N N 225 
SER N   CA   sing N N 226 
SER N   H    sing N N 227 
SER N   H2   sing N N 228 
SER CA  C    sing N N 229 
SER CA  CB   sing N N 230 
SER CA  HA   sing N N 231 
SER C   O    doub N N 232 
SER C   OXT  sing N N 233 
SER CB  OG   sing N N 234 
SER CB  HB2  sing N N 235 
SER CB  HB3  sing N N 236 
SER OG  HG   sing N N 237 
SER OXT HXT  sing N N 238 
THR N   CA   sing N N 239 
THR N   H    sing N N 240 
THR N   H2   sing N N 241 
THR CA  C    sing N N 242 
THR CA  CB   sing N N 243 
THR CA  HA   sing N N 244 
THR C   O    doub N N 245 
THR C   OXT  sing N N 246 
THR CB  OG1  sing N N 247 
THR CB  CG2  sing N N 248 
THR CB  HB   sing N N 249 
THR OG1 HG1  sing N N 250 
THR CG2 HG21 sing N N 251 
THR CG2 HG22 sing N N 252 
THR CG2 HG23 sing N N 253 
THR OXT HXT  sing N N 254 
TYR N   CA   sing N N 255 
TYR N   H    sing N N 256 
TYR N   H2   sing N N 257 
TYR CA  C    sing N N 258 
TYR CA  CB   sing N N 259 
TYR CA  HA   sing N N 260 
TYR C   O    doub N N 261 
TYR C   OXT  sing N N 262 
TYR CB  CG   sing N N 263 
TYR CB  HB2  sing N N 264 
TYR CB  HB3  sing N N 265 
TYR CG  CD1  doub Y N 266 
TYR CG  CD2  sing Y N 267 
TYR CD1 CE1  sing Y N 268 
TYR CD1 HD1  sing N N 269 
TYR CD2 CE2  doub Y N 270 
TYR CD2 HD2  sing N N 271 
TYR CE1 CZ   doub Y N 272 
TYR CE1 HE1  sing N N 273 
TYR CE2 CZ   sing Y N 274 
TYR CE2 HE2  sing N N 275 
TYR CZ  OH   sing N N 276 
TYR OH  HH   sing N N 277 
TYR OXT HXT  sing N N 278 
VAL N   CA   sing N N 279 
VAL N   H    sing N N 280 
VAL N   H2   sing N N 281 
VAL CA  C    sing N N 282 
VAL CA  CB   sing N N 283 
VAL CA  HA   sing N N 284 
VAL C   O    doub N N 285 
VAL C   OXT  sing N N 286 
VAL CB  CG1  sing N N 287 
VAL CB  CG2  sing N N 288 
VAL CB  HB   sing N N 289 
VAL CG1 HG11 sing N N 290 
VAL CG1 HG12 sing N N 291 
VAL CG1 HG13 sing N N 292 
VAL CG2 HG21 sing N N 293 
VAL CG2 HG22 sing N N 294 
VAL CG2 HG23 sing N N 295 
VAL OXT HXT  sing N N 296 
# 
_atom_sites.entry_id                    1WDF 
_atom_sites.fract_transf_matrix[1][1]   -0.02032245 
_atom_sites.fract_transf_matrix[1][2]   0.00778049 
_atom_sites.fract_transf_matrix[1][3]   -0.00989909 
_atom_sites.fract_transf_matrix[2][1]   -0.01139467 
_atom_sites.fract_transf_matrix[2][2]   -0.01351377 
_atom_sites.fract_transf_matrix[2][3]   -0.01609609 
_atom_sites.fract_transf_matrix[3][1]   -0.00262165 
_atom_sites.fract_transf_matrix[3][2]   -0.00216926 
_atom_sites.fract_transf_matrix[3][3]   0.00367714 
_atom_sites.fract_transf_vector[1]      0.255900 
_atom_sites.fract_transf_vector[2]      0.891620 
_atom_sites.fract_transf_vector[3]      0.243649 
# 
loop_
_atom_type.symbol 
C 
N 
O 
S 
# 
loop_
_atom_site.group_PDB 
_atom_site.id 
_atom_site.type_symbol 
_atom_site.label_atom_id 
_atom_site.label_alt_id 
_atom_site.label_comp_id 
_atom_site.label_asym_id 
_atom_site.label_entity_id 
_atom_site.label_seq_id 
_atom_site.pdbx_PDB_ins_code 
_atom_site.Cartn_x 
_atom_site.Cartn_y 
_atom_site.Cartn_z 
_atom_site.occupancy 
_atom_site.B_iso_or_equiv 
_atom_site.pdbx_formal_charge 
_atom_site.auth_seq_id 
_atom_site.auth_comp_id 
_atom_site.auth_asym_id 
_atom_site.auth_atom_id 
_atom_site.pdbx_PDB_model_num 
ATOM   1    N N   . GLN A 1 2  ? -34.929 -7.466  45.587  1.00 70.47  ? 970  GLN A N   1 
ATOM   2    C CA  . GLN A 1 2  ? -34.272 -8.138  44.427  1.00 70.76  ? 970  GLN A CA  1 
ATOM   3    C C   . GLN A 1 2  ? -34.660 -7.459  43.121  1.00 70.77  ? 970  GLN A C   1 
ATOM   4    O O   . GLN A 1 2  ? -34.157 -7.823  42.060  1.00 69.56  ? 970  GLN A O   1 
ATOM   5    C CB  . GLN A 1 2  ? -34.664 -9.612  44.367  1.00 70.59  ? 970  GLN A CB  1 
ATOM   6    C CG  . GLN A 1 2  ? -33.494 -10.566 44.503  1.00 71.21  ? 970  GLN A CG  1 
ATOM   7    C CD  . GLN A 1 2  ? -33.941 -12.009 44.529  1.00 71.21  ? 970  GLN A CD  1 
ATOM   8    O OE1 . GLN A 1 2  ? -34.779 -12.389 45.347  1.00 73.18  ? 970  GLN A OE1 1 
ATOM   9    N NE2 . GLN A 1 2  ? -33.388 -12.824 43.637  1.00 70.15  ? 970  GLN A NE2 1 
ATOM   10   N N   . LYS A 1 3  ? -35.562 -6.484  43.196  1.00 70.64  ? 971  LYS A N   1 
ATOM   11   C CA  . LYS A 1 3  ? -35.969 -5.763  41.998  1.00 70.84  ? 971  LYS A CA  1 
ATOM   12   C C   . LYS A 1 3  ? -34.949 -4.680  41.739  1.00 69.00  ? 971  LYS A C   1 
ATOM   13   O O   . LYS A 1 3  ? -34.566 -4.434  40.598  1.00 70.06  ? 971  LYS A O   1 
ATOM   14   C CB  . LYS A 1 3  ? -37.339 -5.104  42.167  1.00 74.12  ? 971  LYS A CB  1 
ATOM   15   C CG  . LYS A 1 3  ? -37.688 -4.206  40.984  1.00 76.34  ? 971  LYS A CG  1 
ATOM   16   C CD  . LYS A 1 3  ? -39.007 -3.481  41.158  1.00 81.39  ? 971  LYS A CD  1 
ATOM   17   C CE  . LYS A 1 3  ? -39.295 -2.607  39.941  1.00 83.24  ? 971  LYS A CE  1 
ATOM   18   N NZ  . LYS A 1 3  ? -40.602 -1.897  40.047  1.00 85.30  ? 971  LYS A NZ  1 
ATOM   19   N N   . MET A 1 4  ? -34.515 -4.026  42.810  1.00 66.68  ? 972  MET A N   1 
ATOM   20   C CA  . MET A 1 4  ? -33.541 -2.966  42.672  1.00 64.89  ? 972  MET A CA  1 
ATOM   21   C C   . MET A 1 4  ? -32.288 -3.521  42.018  1.00 60.88  ? 972  MET A C   1 
ATOM   22   O O   . MET A 1 4  ? -31.708 -2.879  41.153  1.00 60.47  ? 972  MET A O   1 
ATOM   23   C CB  . MET A 1 4  ? -33.205 -2.363  44.032  1.00 68.98  ? 972  MET A CB  1 
ATOM   24   C CG  . MET A 1 4  ? -32.461 -3.292  44.954  1.00 73.05  ? 972  MET A CG  1 
ATOM   25   S SD  . MET A 1 4  ? -31.958 -2.451  46.448  1.00 77.20  ? 972  MET A SD  1 
ATOM   26   C CE  . MET A 1 4  ? -33.443 -2.649  47.442  1.00 77.06  ? 972  MET A CE  1 
ATOM   27   N N   . ILE A 1 5  ? -31.873 -4.717  42.422  1.00 56.73  ? 973  ILE A N   1 
ATOM   28   C CA  . ILE A 1 5  ? -30.682 -5.308  41.827  1.00 54.09  ? 973  ILE A CA  1 
ATOM   29   C C   . ILE A 1 5  ? -30.958 -5.563  40.352  1.00 50.58  ? 973  ILE A C   1 
ATOM   30   O O   . ILE A 1 5  ? -30.292 -5.012  39.471  1.00 50.48  ? 973  ILE A O   1 
ATOM   31   C CB  . ILE A 1 5  ? -30.289 -6.638  42.514  1.00 54.27  ? 973  ILE A CB  1 
ATOM   32   C CG1 . ILE A 1 5  ? -29.061 -7.231  41.821  1.00 53.05  ? 973  ILE A CG1 1 
ATOM   33   C CG2 . ILE A 1 5  ? -31.439 -7.621  42.471  1.00 55.02  ? 973  ILE A CG2 1 
ATOM   34   C CD1 . ILE A 1 5  ? -28.664 -8.573  42.365  1.00 54.00  ? 973  ILE A CD1 1 
ATOM   35   N N   . ALA A 1 6  ? -31.960 -6.394  40.099  1.00 45.90  ? 974  ALA A N   1 
ATOM   36   C CA  . ALA A 1 6  ? -32.361 -6.729  38.746  1.00 42.03  ? 974  ALA A CA  1 
ATOM   37   C C   . ALA A 1 6  ? -32.565 -5.459  37.925  1.00 39.74  ? 974  ALA A C   1 
ATOM   38   O O   . ALA A 1 6  ? -32.091 -5.376  36.801  1.00 42.30  ? 974  ALA A O   1 
ATOM   39   C CB  . ALA A 1 6  ? -33.641 -7.561  38.778  1.00 41.02  ? 974  ALA A CB  1 
ATOM   40   N N   . SER A 1 7  ? -33.259 -4.471  38.485  1.00 38.06  ? 975  SER A N   1 
ATOM   41   C CA  . SER A 1 7  ? -33.500 -3.211  37.780  1.00 37.66  ? 975  SER A CA  1 
ATOM   42   C C   . SER A 1 7  ? -32.211 -2.440  37.526  1.00 35.95  ? 975  SER A C   1 
ATOM   43   O O   . SER A 1 7  ? -32.007 -1.886  36.444  1.00 35.14  ? 975  SER A O   1 
ATOM   44   C CB  . SER A 1 7  ? -34.460 -2.327  38.571  1.00 38.18  ? 975  SER A CB  1 
ATOM   45   O OG  . SER A 1 7  ? -35.767 -2.865  38.545  1.00 42.98  ? 975  SER A OG  1 
ATOM   46   N N   . ALA A 1 8  ? -31.351 -2.401  38.535  1.00 34.07  ? 976  ALA A N   1 
ATOM   47   C CA  . ALA A 1 8  ? -30.078 -1.711  38.422  1.00 33.77  ? 976  ALA A CA  1 
ATOM   48   C C   . ALA A 1 8  ? -29.271 -2.437  37.356  1.00 33.99  ? 976  ALA A C   1 
ATOM   49   O O   . ALA A 1 8  ? -28.623 -1.808  36.521  1.00 34.41  ? 976  ALA A O   1 
ATOM   50   C CB  . ALA A 1 8  ? -29.345 -1.741  39.756  1.00 33.21  ? 976  ALA A CB  1 
ATOM   51   N N   . PHE A 1 9  ? -29.347 -3.768  37.392  1.00 34.96  ? 977  PHE A N   1 
ATOM   52   C CA  . PHE A 1 9  ? -28.645 -4.632  36.449  1.00 34.35  ? 977  PHE A CA  1 
ATOM   53   C C   . PHE A 1 9  ? -29.056 -4.304  35.019  1.00 32.59  ? 977  PHE A C   1 
ATOM   54   O O   . PHE A 1 9  ? -28.252 -3.786  34.246  1.00 31.20  ? 977  PHE A O   1 
ATOM   55   C CB  . PHE A 1 9  ? -28.945 -6.103  36.767  1.00 38.11  ? 977  PHE A CB  1 
ATOM   56   C CG  . PHE A 1 9  ? -28.113 -7.079  35.986  1.00 43.61  ? 977  PHE A CG  1 
ATOM   57   C CD1 . PHE A 1 9  ? -26.726 -7.055  36.072  1.00 47.05  ? 977  PHE A CD1 1 
ATOM   58   C CD2 . PHE A 1 9  ? -28.715 -8.014  35.148  1.00 44.84  ? 977  PHE A CD2 1 
ATOM   59   C CE1 . PHE A 1 9  ? -25.944 -7.954  35.328  1.00 48.26  ? 977  PHE A CE1 1 
ATOM   60   C CE2 . PHE A 1 9  ? -27.949 -8.911  34.404  1.00 48.76  ? 977  PHE A CE2 1 
ATOM   61   C CZ  . PHE A 1 9  ? -26.558 -8.882  34.493  1.00 46.75  ? 977  PHE A CZ  1 
ATOM   62   N N   . ASN A 1 10 ? -30.310 -4.588  34.677  1.00 33.36  ? 978  ASN A N   1 
ATOM   63   C CA  . ASN A 1 10 ? -30.828 -4.317  33.339  1.00 34.04  ? 978  ASN A CA  1 
ATOM   64   C C   . ASN A 1 10 ? -30.632 -2.855  32.942  1.00 34.86  ? 978  ASN A C   1 
ATOM   65   O O   . ASN A 1 10 ? -30.437 -2.539  31.772  1.00 31.91  ? 978  ASN A O   1 
ATOM   66   C CB  . ASN A 1 10 ? -32.310 -4.686  33.262  1.00 34.83  ? 978  ASN A CB  1 
ATOM   67   C CG  . ASN A 1 10 ? -32.572 -6.107  33.713  1.00 32.99  ? 978  ASN A CG  1 
ATOM   68   O OD1 . ASN A 1 10 ? -31.710 -6.973  33.585  1.00 36.01  ? 978  ASN A OD1 1 
ATOM   69   N ND2 . ASN A 1 10 ? -33.766 -6.356  34.232  1.00 30.66  ? 978  ASN A ND2 1 
ATOM   70   N N   . ASN A 1 11 ? -30.688 -1.964  33.924  1.00 37.13  ? 979  ASN A N   1 
ATOM   71   C CA  . ASN A 1 11 ? -30.473 -0.541  33.676  1.00 37.73  ? 979  ASN A CA  1 
ATOM   72   C C   . ASN A 1 11 ? -29.017 -0.323  33.239  1.00 35.99  ? 979  ASN A C   1 
ATOM   73   O O   . ASN A 1 11 ? -28.740 0.514   32.383  1.00 32.30  ? 979  ASN A O   1 
ATOM   74   C CB  . ASN A 1 11 ? -30.803 0.252   34.952  1.00 40.81  ? 979  ASN A CB  1 
ATOM   75   C CG  . ASN A 1 11 ? -30.057 1.570   35.045  1.00 43.75  ? 979  ASN A CG  1 
ATOM   76   O OD1 . ASN A 1 11 ? -28.836 1.595   35.215  1.00 47.16  ? 979  ASN A OD1 1 
ATOM   77   N ND2 . ASN A 1 11 ? -30.790 2.674   34.947  1.00 46.12  ? 979  ASN A ND2 1 
ATOM   78   N N   . ALA A 1 12 ? -28.100 -1.104  33.816  1.00 35.98  ? 980  ALA A N   1 
ATOM   79   C CA  . ALA A 1 12 ? -26.677 -1.017  33.493  1.00 34.46  ? 980  ALA A CA  1 
ATOM   80   C C   . ALA A 1 12 ? -26.365 -1.634  32.128  1.00 33.38  ? 980  ALA A C   1 
ATOM   81   O O   . ALA A 1 12 ? -25.459 -1.182  31.423  1.00 33.56  ? 980  ALA A O   1 
ATOM   82   C CB  . ALA A 1 12 ? -25.865 -1.709  34.566  1.00 35.60  ? 980  ALA A CB  1 
ATOM   83   N N   . LEU A 1 13 ? -27.105 -2.672  31.758  1.00 30.47  ? 981  LEU A N   1 
ATOM   84   C CA  . LEU A 1 13 ? -26.872 -3.314  30.477  1.00 29.38  ? 981  LEU A CA  1 
ATOM   85   C C   . LEU A 1 13 ? -27.216 -2.368  29.347  1.00 29.24  ? 981  LEU A C   1 
ATOM   86   O O   . LEU A 1 13 ? -26.481 -2.274  28.366  1.00 31.83  ? 981  LEU A O   1 
ATOM   87   C CB  . LEU A 1 13 ? -27.698 -4.586  30.353  1.00 30.55  ? 981  LEU A CB  1 
ATOM   88   C CG  . LEU A 1 13 ? -27.369 -5.683  31.365  1.00 32.72  ? 981  LEU A CG  1 
ATOM   89   C CD1 . LEU A 1 13 ? -28.120 -6.928  30.959  1.00 29.29  ? 981  LEU A CD1 1 
ATOM   90   C CD2 . LEU A 1 13 ? -25.870 -5.954  31.408  1.00 32.89  ? 981  LEU A CD2 1 
ATOM   91   N N   . GLY A 1 14 ? -28.340 -1.668  29.478  1.00 29.59  ? 982  GLY A N   1 
ATOM   92   C CA  . GLY A 1 14 ? -28.732 -0.721  28.450  1.00 26.89  ? 982  GLY A CA  1 
ATOM   93   C C   . GLY A 1 14 ? -27.582 0.248   28.243  1.00 26.08  ? 982  GLY A C   1 
ATOM   94   O O   . GLY A 1 14 ? -27.090 0.435   27.128  1.00 25.62  ? 982  GLY A O   1 
ATOM   95   N N   . ALA A 1 15 ? -27.140 0.851   29.340  1.00 25.27  ? 983  ALA A N   1 
ATOM   96   C CA  . ALA A 1 15 ? -26.037 1.799   29.314  1.00 26.10  ? 983  ALA A CA  1 
ATOM   97   C C   . ALA A 1 15 ? -24.802 1.219   28.628  1.00 27.77  ? 983  ALA A C   1 
ATOM   98   O O   . ALA A 1 15 ? -24.167 1.880   27.815  1.00 28.40  ? 983  ALA A O   1 
ATOM   99   C CB  . ALA A 1 15 ? -25.690 2.228   30.741  1.00 27.24  ? 983  ALA A CB  1 
ATOM   100  N N   . ILE A 1 16 ? -24.468 -0.023  28.962  1.00 26.94  ? 984  ILE A N   1 
ATOM   101  C CA  . ILE A 1 16 ? -23.303 -0.680  28.392  1.00 28.50  ? 984  ILE A CA  1 
ATOM   102  C C   . ILE A 1 16 ? -23.414 -0.825  26.878  1.00 29.38  ? 984  ILE A C   1 
ATOM   103  O O   . ILE A 1 16 ? -22.492 -0.472  26.134  1.00 25.30  ? 984  ILE A O   1 
ATOM   104  C CB  . ILE A 1 16 ? -23.100 -2.081  29.039  1.00 29.07  ? 984  ILE A CB  1 
ATOM   105  C CG1 . ILE A 1 16 ? -22.814 -1.919  30.527  1.00 31.26  ? 984  ILE A CG1 1 
ATOM   106  C CG2 . ILE A 1 16 ? -21.960 -2.820  28.375  1.00 24.45  ? 984  ILE A CG2 1 
ATOM   107  C CD1 . ILE A 1 16 ? -22.707 -3.238  31.274  1.00 34.03  ? 984  ILE A CD1 1 
ATOM   108  N N   . GLN A 1 17 ? -24.549 -1.352  26.428  1.00 32.09  ? 985  GLN A N   1 
ATOM   109  C CA  . GLN A 1 17 ? -24.791 -1.560  25.005  1.00 32.01  ? 985  GLN A CA  1 
ATOM   110  C C   . GLN A 1 17 ? -24.706 -0.262  24.210  1.00 31.60  ? 985  GLN A C   1 
ATOM   111  O O   . GLN A 1 17 ? -24.288 -0.271  23.054  1.00 29.87  ? 985  GLN A O   1 
ATOM   112  C CB  . GLN A 1 17 ? -26.159 -2.216  24.801  1.00 31.05  ? 985  GLN A CB  1 
ATOM   113  C CG  . GLN A 1 17 ? -26.209 -3.675  25.246  1.00 36.55  ? 985  GLN A CG  1 
ATOM   114  C CD  . GLN A 1 17 ? -27.573 -4.308  25.060  1.00 36.58  ? 985  GLN A CD  1 
ATOM   115  O OE1 . GLN A 1 17 ? -28.512 -4.009  25.798  1.00 39.55  ? 985  GLN A OE1 1 
ATOM   116  N NE2 . GLN A 1 17 ? -27.692 -5.182  24.063  1.00 36.15  ? 985  GLN A NE2 1 
ATOM   117  N N   . ASP A 1 18 ? -25.108 0.850   24.824  1.00 33.43  ? 986  ASP A N   1 
ATOM   118  C CA  . ASP A 1 18 ? -25.047 2.142   24.142  1.00 35.09  ? 986  ASP A CA  1 
ATOM   119  C C   . ASP A 1 18 ? -23.588 2.565   24.045  1.00 33.49  ? 986  ASP A C   1 
ATOM   120  O O   . ASP A 1 18 ? -23.170 3.178   23.060  1.00 35.67  ? 986  ASP A O   1 
ATOM   121  C CB  . ASP A 1 18 ? -25.841 3.212   24.903  1.00 38.21  ? 986  ASP A CB  1 
ATOM   122  C CG  . ASP A 1 18 ? -27.317 2.885   25.001  1.00 44.27  ? 986  ASP A CG  1 
ATOM   123  O OD1 . ASP A 1 18 ? -27.889 2.405   23.993  1.00 44.68  ? 986  ASP A OD1 1 
ATOM   124  O OD2 . ASP A 1 18 ? -27.909 3.117   26.080  1.00 46.10  ? 986  ASP A OD2 1 
ATOM   125  N N   . GLY A 1 19 ? -22.819 2.227   25.079  1.00 31.15  ? 987  GLY A N   1 
ATOM   126  C CA  . GLY A 1 19 ? -21.404 2.550   25.101  1.00 27.51  ? 987  GLY A CA  1 
ATOM   127  C C   . GLY A 1 19 ? -20.685 1.848   23.966  1.00 25.06  ? 987  GLY A C   1 
ATOM   128  O O   . GLY A 1 19 ? -19.917 2.461   23.215  1.00 23.78  ? 987  GLY A O   1 
ATOM   129  N N   . PHE A 1 20 ? -20.939 0.552   23.841  1.00 25.03  ? 988  PHE A N   1 
ATOM   130  C CA  . PHE A 1 20 ? -20.332 -0.236  22.779  1.00 27.83  ? 988  PHE A CA  1 
ATOM   131  C C   . PHE A 1 20 ? -20.899 0.162   21.419  1.00 28.97  ? 988  PHE A C   1 
ATOM   132  O O   . PHE A 1 20 ? -20.219 0.068   20.393  1.00 28.32  ? 988  PHE A O   1 
ATOM   133  C CB  . PHE A 1 20 ? -20.544 -1.724  23.057  1.00 26.59  ? 988  PHE A CB  1 
ATOM   134  C CG  . PHE A 1 20 ? -19.702 -2.245  24.189  1.00 28.15  ? 988  PHE A CG  1 
ATOM   135  C CD1 . PHE A 1 20 ? -20.213 -3.159  25.093  1.00 29.26  ? 988  PHE A CD1 1 
ATOM   136  C CD2 . PHE A 1 20 ? -18.385 -1.811  24.349  1.00 28.05  ? 988  PHE A CD2 1 
ATOM   137  C CE1 . PHE A 1 20 ? -19.428 -3.637  26.142  1.00 28.35  ? 988  PHE A CE1 1 
ATOM   138  C CE2 . PHE A 1 20 ? -17.598 -2.283  25.394  1.00 25.97  ? 988  PHE A CE2 1 
ATOM   139  C CZ  . PHE A 1 20 ? -18.121 -3.195  26.288  1.00 26.80  ? 988  PHE A CZ  1 
ATOM   140  N N   . ASP A 1 21 ? -22.138 0.638   21.412  1.00 29.04  ? 989  ASP A N   1 
ATOM   141  C CA  . ASP A 1 21 ? -22.766 1.063   20.166  1.00 34.67  ? 989  ASP A CA  1 
ATOM   142  C C   . ASP A 1 21 ? -22.076 2.307   19.628  1.00 31.57  ? 989  ASP A C   1 
ATOM   143  O O   . ASP A 1 21 ? -21.764 2.391   18.445  1.00 29.66  ? 989  ASP A O   1 
ATOM   144  C CB  . ASP A 1 21 ? -24.251 1.343   20.390  1.00 42.86  ? 989  ASP A CB  1 
ATOM   145  C CG  . ASP A 1 21 ? -25.129 0.626   19.391  1.00 48.92  ? 989  ASP A CG  1 
ATOM   146  O OD1 . ASP A 1 21 ? -25.037 0.951   18.194  1.00 58.05  ? 989  ASP A OD1 1 
ATOM   147  O OD2 . ASP A 1 21 ? -25.904 -0.266  19.797  1.00 54.10  ? 989  ASP A OD2 1 
ATOM   148  N N   . ALA A 1 22 ? -21.836 3.266   20.517  1.00 29.00  ? 990  ALA A N   1 
ATOM   149  C CA  . ALA A 1 22 ? -21.164 4.517   20.168  1.00 25.76  ? 990  ALA A CA  1 
ATOM   150  C C   . ALA A 1 22 ? -19.722 4.231   19.753  1.00 24.85  ? 990  ALA A C   1 
ATOM   151  O O   . ALA A 1 22 ? -19.172 4.899   18.875  1.00 24.92  ? 990  ALA A O   1 
ATOM   152  C CB  . ALA A 1 22 ? -21.187 5.472   21.366  1.00 21.99  ? 990  ALA A CB  1 
ATOM   153  N N   . THR A 1 23 ? -19.117 3.233   20.396  1.00 23.63  ? 991  THR A N   1 
ATOM   154  C CA  . THR A 1 23 ? -17.743 2.839   20.102  1.00 23.32  ? 991  THR A CA  1 
ATOM   155  C C   . THR A 1 23 ? -17.663 2.305   18.677  1.00 22.68  ? 991  THR A C   1 
ATOM   156  O O   . THR A 1 23 ? -16.857 2.759   17.865  1.00 20.89  ? 991  THR A O   1 
ATOM   157  C CB  . THR A 1 23 ? -17.266 1.733   21.080  1.00 23.12  ? 991  THR A CB  1 
ATOM   158  O OG1 . THR A 1 23 ? -17.145 2.278   22.406  1.00 18.80  ? 991  THR A OG1 1 
ATOM   159  C CG2 . THR A 1 23 ? -15.923 1.146   20.628  1.00 19.74  ? 991  THR A CG2 1 
ATOM   160  N N   . ASN A 1 24 ? -18.528 1.347   18.377  1.00 23.82  ? 992  ASN A N   1 
ATOM   161  C CA  . ASN A 1 24 ? -18.551 0.740   17.061  1.00 27.04  ? 992  ASN A CA  1 
ATOM   162  C C   . ASN A 1 24 ? -18.785 1.797   15.998  1.00 25.43  ? 992  ASN A C   1 
ATOM   163  O O   . ASN A 1 24 ? -18.255 1.702   14.884  1.00 22.76  ? 992  ASN A O   1 
ATOM   164  C CB  . ASN A 1 24 ? -19.642 -0.314  16.993  1.00 33.50  ? 992  ASN A CB  1 
ATOM   165  C CG  . ASN A 1 24 ? -19.204 -1.539  16.231  1.00 41.03  ? 992  ASN A CG  1 
ATOM   166  O OD1 . ASN A 1 24 ? -18.856 -1.463  15.051  1.00 43.39  ? 992  ASN A OD1 1 
ATOM   167  N ND2 . ASN A 1 24 ? -19.212 -2.680  16.902  1.00 44.96  ? 992  ASN A ND2 1 
ATOM   168  N N   . SER A 1 25 ? -19.579 2.806   16.348  1.00 25.17  ? 993  SER A N   1 
ATOM   169  C CA  . SER A 1 25 ? -19.872 3.898   15.432  1.00 22.61  ? 993  SER A CA  1 
ATOM   170  C C   . SER A 1 25 ? -18.567 4.659   15.217  1.00 22.92  ? 993  SER A C   1 
ATOM   171  O O   . SER A 1 25 ? -18.114 4.809   14.087  1.00 24.62  ? 993  SER A O   1 
ATOM   172  C CB  . SER A 1 25 ? -20.947 4.810   16.031  1.00 20.29  ? 993  SER A CB  1 
ATOM   173  O OG  . SER A 1 25 ? -21.306 5.840   15.138  1.00 22.04  ? 993  SER A OG  1 
ATOM   174  N N   . ALA A 1 26 ? -17.953 5.125   16.301  1.00 21.90  ? 994  ALA A N   1 
ATOM   175  C CA  . ALA A 1 26 ? -16.679 5.839   16.184  1.00 22.12  ? 994  ALA A CA  1 
ATOM   176  C C   . ALA A 1 26 ? -15.703 5.012   15.314  1.00 21.92  ? 994  ALA A C   1 
ATOM   177  O O   . ALA A 1 26 ? -15.089 5.540   14.380  1.00 19.70  ? 994  ALA A O   1 
ATOM   178  C CB  . ALA A 1 26 ? -16.076 6.096   17.584  1.00 20.21  ? 994  ALA A CB  1 
ATOM   179  N N   . LEU A 1 27 ? -15.569 3.721   15.619  1.00 18.85  ? 995  LEU A N   1 
ATOM   180  C CA  . LEU A 1 27 ? -14.685 2.858   14.836  1.00 20.11  ? 995  LEU A CA  1 
ATOM   181  C C   . LEU A 1 27 ? -15.011 2.964   13.355  1.00 20.06  ? 995  LEU A C   1 
ATOM   182  O O   . LEU A 1 27 ? -14.122 3.079   12.521  1.00 20.29  ? 995  LEU A O   1 
ATOM   183  C CB  . LEU A 1 27 ? -14.812 1.386   15.271  1.00 20.26  ? 995  LEU A CB  1 
ATOM   184  C CG  . LEU A 1 27 ? -14.255 0.975   16.639  1.00 19.95  ? 995  LEU A CG  1 
ATOM   185  C CD1 . LEU A 1 27 ? -14.224 -0.534  16.761  1.00 22.65  ? 995  LEU A CD1 1 
ATOM   186  C CD2 . LEU A 1 27 ? -12.866 1.537   16.804  1.00 17.14  ? 995  LEU A CD2 1 
ATOM   187  N N   . GLY A 1 28 ? -16.304 2.916   13.036  1.00 22.68  ? 996  GLY A N   1 
ATOM   188  C CA  . GLY A 1 28 ? -16.727 3.015   11.653  1.00 20.00  ? 996  GLY A CA  1 
ATOM   189  C C   . GLY A 1 28 ? -16.388 4.359   11.046  1.00 19.68  ? 996  GLY A C   1 
ATOM   190  O O   . GLY A 1 28 ? -16.005 4.451   9.880   1.00 19.79  ? 996  GLY A O   1 
ATOM   191  N N   . LYS A 1 29 ? -16.536 5.408   11.845  1.00 20.23  ? 997  LYS A N   1 
ATOM   192  C CA  . LYS A 1 29 ? -16.254 6.767   11.403  1.00 22.12  ? 997  LYS A CA  1 
ATOM   193  C C   . LYS A 1 29 ? -14.737 6.989   11.215  1.00 24.31  ? 997  LYS A C   1 
ATOM   194  O O   . LYS A 1 29 ? -14.306 7.761   10.346  1.00 24.05  ? 997  LYS A O   1 
ATOM   195  C CB  . LYS A 1 29 ? -16.839 7.733   12.433  1.00 22.15  ? 997  LYS A CB  1 
ATOM   196  C CG  . LYS A 1 29 ? -16.902 9.166   11.997  1.00 29.54  ? 997  LYS A CG  1 
ATOM   197  C CD  . LYS A 1 29 ? -17.601 10.042  13.048  1.00 32.23  ? 997  LYS A CD  1 
ATOM   198  C CE  . LYS A 1 29 ? -19.115 9.869   13.046  1.00 30.24  ? 997  LYS A CE  1 
ATOM   199  N NZ  . LYS A 1 29 ? -19.785 10.746  14.061  1.00 33.04  ? 997  LYS A NZ  1 
ATOM   200  N N   . ILE A 1 30 ? -13.938 6.281   12.015  1.00 25.15  ? 998  ILE A N   1 
ATOM   201  C CA  . ILE A 1 30 ? -12.476 6.365   11.976  1.00 21.85  ? 998  ILE A CA  1 
ATOM   202  C C   . ILE A 1 30 ? -11.882 5.625   10.768  1.00 25.85  ? 998  ILE A C   1 
ATOM   203  O O   . ILE A 1 30 ? -10.952 6.118   10.113  1.00 23.97  ? 998  ILE A O   1 
ATOM   204  C CB  . ILE A 1 30 ? -11.884 5.791   13.292  1.00 23.71  ? 998  ILE A CB  1 
ATOM   205  C CG1 . ILE A 1 30 ? -12.342 6.670   14.469  1.00 21.66  ? 998  ILE A CG1 1 
ATOM   206  C CG2 . ILE A 1 30 ? -10.351 5.707   13.211  1.00 21.74  ? 998  ILE A CG2 1 
ATOM   207  C CD1 . ILE A 1 30 ? -12.199 6.026   15.834  1.00 21.76  ? 998  ILE A CD1 1 
ATOM   208  N N   . GLN A 1 31 ? -12.413 4.444   10.459  1.00 27.72  ? 999  GLN A N   1 
ATOM   209  C CA  . GLN A 1 31 ? -11.895 3.705   9.311   1.00 29.47  ? 999  GLN A CA  1 
ATOM   210  C C   . GLN A 1 31 ? -12.132 4.529   8.053   1.00 28.40  ? 999  GLN A C   1 
ATOM   211  O O   . GLN A 1 31 ? -11.262 4.632   7.190   1.00 27.51  ? 999  GLN A O   1 
ATOM   212  C CB  . GLN A 1 31 ? -12.588 2.343   9.140   1.00 32.18  ? 999  GLN A CB  1 
ATOM   213  C CG  . GLN A 1 31 ? -11.930 1.505   8.031   1.00 34.88  ? 999  GLN A CG  1 
ATOM   214  C CD  . GLN A 1 31 ? -12.717 0.269   7.604   1.00 38.30  ? 999  GLN A CD  1 
ATOM   215  O OE1 . GLN A 1 31 ? -13.170 -0.522  8.432   1.00 40.01  ? 999  GLN A OE1 1 
ATOM   216  N NE2 . GLN A 1 31 ? -12.858 0.090   6.290   1.00 39.25  ? 999  GLN A NE2 1 
ATOM   217  N N   . SER A 1 32 ? -13.319 5.123   7.966   1.00 29.08  ? 1000 SER A N   1 
ATOM   218  C CA  . SER A 1 32 ? -13.697 5.923   6.809   1.00 28.79  ? 1000 SER A CA  1 
ATOM   219  C C   . SER A 1 32 ? -12.770 7.097   6.543   1.00 28.01  ? 1000 SER A C   1 
ATOM   220  O O   . SER A 1 32 ? -12.224 7.213   5.448   1.00 28.66  ? 1000 SER A O   1 
ATOM   221  C CB  . SER A 1 32 ? -15.128 6.432   6.972   1.00 32.16  ? 1000 SER A CB  1 
ATOM   222  O OG  . SER A 1 32 ? -15.396 7.486   6.062   1.00 39.40  ? 1000 SER A OG  1 
ATOM   223  N N   . VAL A 1 33 ? -12.611 7.969   7.540   1.00 26.23  ? 1001 VAL A N   1 
ATOM   224  C CA  . VAL A 1 33 ? -11.749 9.143   7.413   1.00 25.31  ? 1001 VAL A CA  1 
ATOM   225  C C   . VAL A 1 33 ? -10.293 8.732   7.187   1.00 24.81  ? 1001 VAL A C   1 
ATOM   226  O O   . VAL A 1 33 ? -9.686  9.141   6.199   1.00 22.02  ? 1001 VAL A O   1 
ATOM   227  C CB  . VAL A 1 33 ? -11.854 10.056  8.680   1.00 27.95  ? 1001 VAL A CB  1 
ATOM   228  C CG1 . VAL A 1 33 ? -10.806 11.161  8.650   1.00 18.90  ? 1001 VAL A CG1 1 
ATOM   229  C CG2 . VAL A 1 33 ? -13.243 10.663  8.758   1.00 26.99  ? 1001 VAL A CG2 1 
ATOM   230  N N   . VAL A 1 34 ? -9.742  7.913   8.081   1.00 23.54  ? 1002 VAL A N   1 
ATOM   231  C CA  . VAL A 1 34 ? -8.353  7.474   7.943   1.00 24.74  ? 1002 VAL A CA  1 
ATOM   232  C C   . VAL A 1 34 ? -8.096  6.864   6.556   1.00 26.66  ? 1002 VAL A C   1 
ATOM   233  O O   . VAL A 1 34 ? -7.043  7.116   5.947   1.00 27.19  ? 1002 VAL A O   1 
ATOM   234  C CB  . VAL A 1 34 ? -7.977  6.451   9.042   1.00 26.97  ? 1002 VAL A CB  1 
ATOM   235  C CG1 . VAL A 1 34 ? -6.578  5.889   8.787   1.00 25.63  ? 1002 VAL A CG1 1 
ATOM   236  C CG2 . VAL A 1 34 ? -8.031  7.116   10.411  1.00 24.39  ? 1002 VAL A CG2 1 
ATOM   237  N N   . ASN A 1 35 ? -9.040  6.069   6.047   1.00 25.57  ? 1003 ASN A N   1 
ATOM   238  C CA  . ASN A 1 35 ? -8.852  5.490   4.715   1.00 26.55  ? 1003 ASN A CA  1 
ATOM   239  C C   . ASN A 1 35 ? -9.008  6.551   3.632   1.00 26.37  ? 1003 ASN A C   1 
ATOM   240  O O   . ASN A 1 35 ? -8.193  6.627   2.711   1.00 26.65  ? 1003 ASN A O   1 
ATOM   241  C CB  . ASN A 1 35 ? -9.831  4.338   4.451   1.00 27.09  ? 1003 ASN A CB  1 
ATOM   242  C CG  . ASN A 1 35 ? -9.445  3.064   5.188   1.00 29.55  ? 1003 ASN A CG  1 
ATOM   243  O OD1 . ASN A 1 35 ? -8.308  2.912   5.649   1.00 29.11  ? 1003 ASN A OD1 1 
ATOM   244  N ND2 . ASN A 1 35 ? -10.389 2.141   5.299   1.00 32.28  ? 1003 ASN A ND2 1 
ATOM   245  N N   . ALA A 1 36 ? -10.043 7.382   3.745   1.00 26.25  ? 1004 ALA A N   1 
ATOM   246  C CA  . ALA A 1 36 ? -10.255 8.426   2.754   1.00 25.80  ? 1004 ALA A CA  1 
ATOM   247  C C   . ALA A 1 36 ? -8.963  9.229   2.604   1.00 24.95  ? 1004 ALA A C   1 
ATOM   248  O O   . ALA A 1 36 ? -8.508  9.470   1.490   1.00 24.74  ? 1004 ALA A O   1 
ATOM   249  C CB  . ALA A 1 36 ? -11.416 9.337   3.171   1.00 24.17  ? 1004 ALA A CB  1 
ATOM   250  N N   . ASN A 1 37 ? -8.362  9.626   3.724   1.00 25.77  ? 1005 ASN A N   1 
ATOM   251  C CA  . ASN A 1 37 ? -7.113  10.398  3.690   1.00 26.79  ? 1005 ASN A CA  1 
ATOM   252  C C   . ASN A 1 37 ? -5.939  9.580   3.159   1.00 25.61  ? 1005 ASN A C   1 
ATOM   253  O O   . ASN A 1 37 ? -5.049  10.118  2.518   1.00 23.08  ? 1005 ASN A O   1 
ATOM   254  C CB  . ASN A 1 37 ? -6.792  10.966  5.083   1.00 26.85  ? 1005 ASN A CB  1 
ATOM   255  C CG  . ASN A 1 37 ? -7.811  12.018  5.528   1.00 34.17  ? 1005 ASN A CG  1 
ATOM   256  O OD1 . ASN A 1 37 ? -8.750  12.339  4.788   1.00 31.38  ? 1005 ASN A OD1 1 
ATOM   257  N ND2 . ASN A 1 37 ? -7.634  12.555  6.736   1.00 33.89  ? 1005 ASN A ND2 1 
ATOM   258  N N   . ALA A 1 38 ? -5.936  8.279   3.418   1.00 29.43  ? 1006 ALA A N   1 
ATOM   259  C CA  . ALA A 1 38 ? -4.851  7.437   2.917   1.00 31.83  ? 1006 ALA A CA  1 
ATOM   260  C C   . ALA A 1 38 ? -4.875  7.422   1.383   1.00 32.91  ? 1006 ALA A C   1 
ATOM   261  O O   . ALA A 1 38 ? -3.832  7.466   0.745   1.00 32.50  ? 1006 ALA A O   1 
ATOM   262  C CB  . ALA A 1 38 ? -4.988  6.013   3.462   1.00 33.21  ? 1006 ALA A CB  1 
ATOM   263  N N   . GLU A 1 39 ? -6.073  7.376   0.803   1.00 34.27  ? 1007 GLU A N   1 
ATOM   264  C CA  . GLU A 1 39 ? -6.236  7.359   -0.649  1.00 35.19  ? 1007 GLU A CA  1 
ATOM   265  C C   . GLU A 1 39 ? -5.824  8.695   -1.256  1.00 35.65  ? 1007 GLU A C   1 
ATOM   266  O O   . GLU A 1 39 ? -5.221  8.748   -2.332  1.00 37.25  ? 1007 GLU A O   1 
ATOM   267  C CB  . GLU A 1 39 ? -7.688  7.058   -1.004  1.00 37.28  ? 1007 GLU A CB  1 
ATOM   268  C CG  . GLU A 1 39 ? -8.340  6.114   -0.028  1.00 45.83  ? 1007 GLU A CG  1 
ATOM   269  C CD  . GLU A 1 39 ? -9.294  5.148   -0.680  1.00 51.69  ? 1007 GLU A CD  1 
ATOM   270  O OE1 . GLU A 1 39 ? -10.221 5.602   -1.394  1.00 55.73  ? 1007 GLU A OE1 1 
ATOM   271  O OE2 . GLU A 1 39 ? -9.117  3.926   -0.467  1.00 54.44  ? 1007 GLU A OE2 1 
ATOM   272  N N   . ALA A 1 40 ? -6.170  9.772   -0.557  1.00 34.30  ? 1008 ALA A N   1 
ATOM   273  C CA  . ALA A 1 40 ? -5.834  11.119  -0.988  1.00 30.21  ? 1008 ALA A CA  1 
ATOM   274  C C   . ALA A 1 40 ? -4.329  11.227  -1.030  1.00 29.76  ? 1008 ALA A C   1 
ATOM   275  O O   . ALA A 1 40 ? -3.761  11.851  -1.916  1.00 30.36  ? 1008 ALA A O   1 
ATOM   276  C CB  . ALA A 1 40 ? -6.394  12.137  -0.007  1.00 32.16  ? 1008 ALA A CB  1 
ATOM   277  N N   . LEU A 1 41 ? -3.684  10.602  -0.056  1.00 33.32  ? 1009 LEU A N   1 
ATOM   278  C CA  . LEU A 1 41 ? -2.238  10.626  0.032   1.00 35.30  ? 1009 LEU A CA  1 
ATOM   279  C C   . LEU A 1 41 ? -1.607  9.788   -1.069  1.00 36.37  ? 1009 LEU A C   1 
ATOM   280  O O   . LEU A 1 41 ? -0.685  10.231  -1.747  1.00 34.94  ? 1009 LEU A O   1 
ATOM   281  C CB  . LEU A 1 41 ? -1.791  10.123  1.406   1.00 35.31  ? 1009 LEU A CB  1 
ATOM   282  C CG  . LEU A 1 41 ? -0.314  10.311  1.768   1.00 36.17  ? 1009 LEU A CG  1 
ATOM   283  C CD1 . LEU A 1 41 ? 0.141   11.700  1.354   1.00 35.68  ? 1009 LEU A CD1 1 
ATOM   284  C CD2 . LEU A 1 41 ? -0.121  10.098  3.264   1.00 30.78  ? 1009 LEU A CD2 1 
ATOM   285  N N   . ASN A 1 42 ? -2.106  8.575   -1.257  1.00 40.76  ? 1010 ASN A N   1 
ATOM   286  C CA  . ASN A 1 42 ? -1.547  7.707   -2.285  1.00 44.47  ? 1010 ASN A CA  1 
ATOM   287  C C   . ASN A 1 42 ? -1.761  8.298   -3.677  1.00 44.69  ? 1010 ASN A C   1 
ATOM   288  O O   . ASN A 1 42 ? -0.855  8.296   -4.513  1.00 41.83  ? 1010 ASN A O   1 
ATOM   289  C CB  . ASN A 1 42 ? -2.180  6.319   -2.205  1.00 47.69  ? 1010 ASN A CB  1 
ATOM   290  C CG  . ASN A 1 42 ? -1.404  5.286   -2.991  1.00 51.49  ? 1010 ASN A CG  1 
ATOM   291  O OD1 . ASN A 1 42 ? -1.770  4.117   -3.028  1.00 55.79  ? 1010 ASN A OD1 1 
ATOM   292  N ND2 . ASN A 1 42 ? -0.316  5.716   -3.621  1.00 53.03  ? 1010 ASN A ND2 1 
ATOM   293  N N   . ASN A 1 43 ? -2.966  8.803   -3.923  1.00 46.40  ? 1011 ASN A N   1 
ATOM   294  C CA  . ASN A 1 43 ? -3.279  9.398   -5.207  1.00 46.70  ? 1011 ASN A CA  1 
ATOM   295  C C   . ASN A 1 43 ? -2.405  10.613  -5.447  1.00 46.61  ? 1011 ASN A C   1 
ATOM   296  O O   . ASN A 1 43 ? -2.166  10.994  -6.591  1.00 48.30  ? 1011 ASN A O   1 
ATOM   297  C CB  . ASN A 1 43 ? -4.753  9.796   -5.268  1.00 50.23  ? 1011 ASN A CB  1 
ATOM   298  C CG  . ASN A 1 43 ? -5.679  8.593   -5.332  1.00 53.73  ? 1011 ASN A CG  1 
ATOM   299  O OD1 . ASN A 1 43 ? -5.426  7.641   -6.080  1.00 56.33  ? 1011 ASN A OD1 1 
ATOM   300  N ND2 . ASN A 1 43 ? -6.762  8.631   -4.560  1.00 53.17  ? 1011 ASN A ND2 1 
ATOM   301  N N   . LEU A 1 44 ? -1.926  11.218  -4.365  1.00 45.29  ? 1012 LEU A N   1 
ATOM   302  C CA  . LEU A 1 44 ? -1.058  12.390  -4.456  1.00 43.58  ? 1012 LEU A CA  1 
ATOM   303  C C   . LEU A 1 44 ? 0.349   11.959  -4.856  1.00 42.12  ? 1012 LEU A C   1 
ATOM   304  O O   . LEU A 1 44 ? 1.060   12.694  -5.531  1.00 41.86  ? 1012 LEU A O   1 
ATOM   305  C CB  . LEU A 1 44 ? -1.014  13.126  -3.112  1.00 42.23  ? 1012 LEU A CB  1 
ATOM   306  C CG  . LEU A 1 44 ? 0.048   14.214  -2.934  1.00 41.21  ? 1012 LEU A CG  1 
ATOM   307  C CD1 . LEU A 1 44 ? -0.222  15.405  -3.839  1.00 40.05  ? 1012 LEU A CD1 1 
ATOM   308  C CD2 . LEU A 1 44 ? 0.056   14.640  -1.488  1.00 41.91  ? 1012 LEU A CD2 1 
ATOM   309  N N   . LEU A 1 45 ? 0.740   10.761  -4.429  1.00 42.48  ? 1013 LEU A N   1 
ATOM   310  C CA  . LEU A 1 45 ? 2.052   10.211  -4.750  1.00 42.42  ? 1013 LEU A CA  1 
ATOM   311  C C   . LEU A 1 45 ? 2.183   9.998   -6.250  1.00 42.64  ? 1013 LEU A C   1 
ATOM   312  O O   . LEU A 1 45 ? 3.200   10.344  -6.848  1.00 42.67  ? 1013 LEU A O   1 
ATOM   313  C CB  . LEU A 1 45 ? 2.256   8.866   -4.060  1.00 40.76  ? 1013 LEU A CB  1 
ATOM   314  C CG  . LEU A 1 45 ? 2.317   8.811   -2.540  1.00 38.56  ? 1013 LEU A CG  1 
ATOM   315  C CD1 . LEU A 1 45 ? 2.366   7.361   -2.075  1.00 38.04  ? 1013 LEU A CD1 1 
ATOM   316  C CD2 . LEU A 1 45 ? 3.541   9.564   -2.072  1.00 40.79  ? 1013 LEU A CD2 1 
ATOM   317  N N   . ASN A 1 46 ? 1.140   9.420   -6.840  1.00 44.55  ? 1014 ASN A N   1 
ATOM   318  C CA  . ASN A 1 46 ? 1.100   9.122   -8.269  1.00 47.05  ? 1014 ASN A CA  1 
ATOM   319  C C   . ASN A 1 46 ? 1.090   10.401  -9.104  1.00 47.12  ? 1014 ASN A C   1 
ATOM   320  O O   . ASN A 1 46 ? 1.762   10.487  -10.129 1.00 46.01  ? 1014 ASN A O   1 
ATOM   321  C CB  . ASN A 1 46 ? -0.144  8.283   -8.588  1.00 48.52  ? 1014 ASN A CB  1 
ATOM   322  C CG  . ASN A 1 46 ? -0.377  7.172   -7.573  1.00 52.99  ? 1014 ASN A CG  1 
ATOM   323  O OD1 . ASN A 1 46 ? 0.487   6.318   -7.342  1.00 53.83  ? 1014 ASN A OD1 1 
ATOM   324  N ND2 . ASN A 1 46 ? -1.553  7.180   -6.959  1.00 56.61  ? 1014 ASN A ND2 1 
ATOM   325  N N   . GLN A 1 47 ? 0.325   11.393  -8.664  1.00 48.57  ? 1015 GLN A N   1 
ATOM   326  C CA  . GLN A 1 47 ? 0.254   12.657  -9.380  1.00 48.25  ? 1015 GLN A CA  1 
ATOM   327  C C   . GLN A 1 47 ? 1.592   13.387  -9.268  1.00 50.40  ? 1015 GLN A C   1 
ATOM   328  O O   . GLN A 1 47 ? 1.865   14.326  -10.019 1.00 50.97  ? 1015 GLN A O   1 
ATOM   329  C CB  . GLN A 1 47 ? -0.861  13.533  -8.808  1.00 44.99  ? 1015 GLN A CB  1 
ATOM   330  C CG  . GLN A 1 47 ? -2.266  13.055  -9.129  1.00 45.94  ? 1015 GLN A CG  1 
ATOM   331  C CD  . GLN A 1 47 ? -3.339  13.938  -8.499  1.00 45.90  ? 1015 GLN A CD  1 
ATOM   332  O OE1 . GLN A 1 47 ? -3.460  15.120  -8.824  1.00 44.07  ? 1015 GLN A OE1 1 
ATOM   333  N NE2 . GLN A 1 47 ? -4.116  13.363  -7.585  1.00 46.87  ? 1015 GLN A NE2 1 
ATOM   334  N N   . LEU A 1 48 ? 2.422   12.946  -8.329  1.00 52.10  ? 1016 LEU A N   1 
ATOM   335  C CA  . LEU A 1 48 ? 3.726   13.553  -8.121  1.00 52.78  ? 1016 LEU A CA  1 
ATOM   336  C C   . LEU A 1 48 ? 4.784   12.830  -8.930  1.00 53.36  ? 1016 LEU A C   1 
ATOM   337  O O   . LEU A 1 48 ? 5.706   13.455  -9.443  1.00 52.65  ? 1016 LEU A O   1 
ATOM   338  C CB  . LEU A 1 48 ? 4.089   13.536  -6.633  1.00 52.11  ? 1016 LEU A CB  1 
ATOM   339  C CG  . LEU A 1 48 ? 3.398   14.614  -5.790  1.00 51.18  ? 1016 LEU A CG  1 
ATOM   340  C CD1 . LEU A 1 48 ? 3.560   14.331  -4.306  1.00 51.20  ? 1016 LEU A CD1 1 
ATOM   341  C CD2 . LEU A 1 48 ? 3.992   15.968  -6.140  1.00 51.84  ? 1016 LEU A CD2 1 
ATOM   342  N N   . SER A 1 49 ? 4.644   11.512  -9.046  1.00 55.98  ? 1017 SER A N   1 
ATOM   343  C CA  . SER A 1 49 ? 5.597   10.715  -9.815  1.00 59.23  ? 1017 SER A CA  1 
ATOM   344  C C   . SER A 1 49 ? 5.538   11.154  -11.264 1.00 61.11  ? 1017 SER A C   1 
ATOM   345  O O   . SER A 1 49 ? 6.512   11.031  -11.999 1.00 63.50  ? 1017 SER A O   1 
ATOM   346  C CB  . SER A 1 49 ? 5.253   9.225   -9.745  1.00 58.32  ? 1017 SER A CB  1 
ATOM   347  O OG  . SER A 1 49 ? 5.317   8.739   -8.421  1.00 62.39  ? 1017 SER A OG  1 
ATOM   348  N N   . ASN A 1 50 ? 4.386   11.673  -11.670 1.00 62.15  ? 1018 ASN A N   1 
ATOM   349  C CA  . ASN A 1 50 ? 4.202   12.111  -13.043 1.00 62.68  ? 1018 ASN A CA  1 
ATOM   350  C C   . ASN A 1 50 ? 4.804   13.485  -13.303 1.00 61.80  ? 1018 ASN A C   1 
ATOM   351  O O   . ASN A 1 50 ? 5.519   13.678  -14.288 1.00 62.50  ? 1018 ASN A O   1 
ATOM   352  C CB  . ASN A 1 50 ? 2.709   12.136  -13.406 1.00 64.92  ? 1018 ASN A CB  1 
ATOM   353  C CG  . ASN A 1 50 ? 2.013   10.801  -13.154 1.00 68.66  ? 1018 ASN A CG  1 
ATOM   354  O OD1 . ASN A 1 50 ? 2.514   9.736   -13.533 1.00 68.89  ? 1018 ASN A OD1 1 
ATOM   355  N ND2 . ASN A 1 50 ? 0.842   10.856  -12.523 1.00 71.16  ? 1018 ASN A ND2 1 
ATOM   356  N N   . ARG A 1 51 ? 4.520   14.431  -12.413 1.00 60.63  ? 1019 ARG A N   1 
ATOM   357  C CA  . ARG A 1 51 ? 5.001   15.801  -12.557 1.00 61.11  ? 1019 ARG A CA  1 
ATOM   358  C C   . ARG A 1 51 ? 6.463   16.014  -12.201 1.00 60.24  ? 1019 ARG A C   1 
ATOM   359  O O   . ARG A 1 51 ? 7.023   17.073  -12.467 1.00 58.96  ? 1019 ARG A O   1 
ATOM   360  C CB  . ARG A 1 51 ? 4.098   16.721  -11.746 1.00 61.74  ? 1019 ARG A CB  1 
ATOM   361  C CG  . ARG A 1 51 ? 2.662   16.432  -12.083 1.00 64.80  ? 1019 ARG A CG  1 
ATOM   362  C CD  . ARG A 1 51 ? 1.675   17.351  -11.435 1.00 65.86  ? 1019 ARG A CD  1 
ATOM   363  N NE  . ARG A 1 51 ? 0.332   16.885  -11.755 1.00 68.08  ? 1019 ARG A NE  1 
ATOM   364  C CZ  . ARG A 1 51 ? -0.774  17.582  -11.537 1.00 68.47  ? 1019 ARG A CZ  1 
ATOM   365  N NH1 . ARG A 1 51 ? -0.694  18.786  -10.996 1.00 70.19  ? 1019 ARG A NH1 1 
ATOM   366  N NH2 . ARG A 1 51 ? -1.955  17.072  -11.856 1.00 68.00  ? 1019 ARG A NH2 1 
ATOM   367  N N   . PHE A 1 52 ? 7.076   15.011  -11.590 1.00 60.86  ? 1020 PHE A N   1 
ATOM   368  C CA  . PHE A 1 52 ? 8.488   15.091  -11.258 1.00 62.90  ? 1020 PHE A CA  1 
ATOM   369  C C   . PHE A 1 52 ? 9.206   14.383  -12.400 1.00 64.99  ? 1020 PHE A C   1 
ATOM   370  O O   . PHE A 1 52 ? 10.430  14.244  -12.409 1.00 66.18  ? 1020 PHE A O   1 
ATOM   371  C CB  . PHE A 1 52 ? 8.772   14.406  -9.923  1.00 62.13  ? 1020 PHE A CB  1 
ATOM   372  C CG  . PHE A 1 52 ? 8.519   15.282  -8.727  1.00 61.81  ? 1020 PHE A CG  1 
ATOM   373  C CD1 . PHE A 1 52 ? 8.576   14.753  -7.443  1.00 61.71  ? 1020 PHE A CD1 1 
ATOM   374  C CD2 . PHE A 1 52 ? 8.258   16.643  -8.879  1.00 63.76  ? 1020 PHE A CD2 1 
ATOM   375  C CE1 . PHE A 1 52 ? 8.381   15.561  -6.328  1.00 63.57  ? 1020 PHE A CE1 1 
ATOM   376  C CE2 . PHE A 1 52 ? 8.061   17.466  -7.765  1.00 64.67  ? 1020 PHE A CE2 1 
ATOM   377  C CZ  . PHE A 1 52 ? 8.123   16.923  -6.486  1.00 63.91  ? 1020 PHE A CZ  1 
ATOM   378  N N   . GLY A 1 53 ? 8.405   13.936  -13.363 1.00 64.96  ? 1021 GLY A N   1 
ATOM   379  C CA  . GLY A 1 53 ? 8.924   13.269  -14.541 1.00 64.54  ? 1021 GLY A CA  1 
ATOM   380  C C   . GLY A 1 53 ? 8.570   14.149  -15.721 1.00 64.15  ? 1021 GLY A C   1 
ATOM   381  O O   . GLY A 1 53 ? 9.216   14.124  -16.767 1.00 64.52  ? 1021 GLY A O   1 
ATOM   382  N N   . ALA A 1 54 ? 7.522   14.942  -15.542 1.00 63.90  ? 1022 ALA A N   1 
ATOM   383  C CA  . ALA A 1 54 ? 7.085   15.858  -16.580 1.00 63.78  ? 1022 ALA A CA  1 
ATOM   384  C C   . ALA A 1 54 ? 8.102   16.990  -16.607 1.00 64.40  ? 1022 ALA A C   1 
ATOM   385  O O   . ALA A 1 54 ? 8.012   17.911  -17.416 1.00 66.09  ? 1022 ALA A O   1 
ATOM   386  C CB  . ALA A 1 54 ? 5.697   16.395  -16.255 1.00 62.82  ? 1022 ALA A CB  1 
ATOM   387  N N   . ILE A 1 55 ? 9.074   16.900  -15.706 1.00 65.21  ? 1023 ILE A N   1 
ATOM   388  C CA  . ILE A 1 55 ? 10.130  17.897  -15.604 1.00 66.80  ? 1023 ILE A CA  1 
ATOM   389  C C   . ILE A 1 55 ? 11.486  17.280  -15.926 1.00 67.70  ? 1023 ILE A C   1 
ATOM   390  O O   . ILE A 1 55 ? 11.932  16.352  -15.254 1.00 69.93  ? 1023 ILE A O   1 
ATOM   391  C CB  . ILE A 1 55 ? 10.173  18.513  -14.183 1.00 68.12  ? 1023 ILE A CB  1 
ATOM   392  C CG1 . ILE A 1 55 ? 8.940   19.397  -13.969 1.00 68.57  ? 1023 ILE A CG1 1 
ATOM   393  C CG2 . ILE A 1 55 ? 11.454  19.320  -13.991 1.00 69.84  ? 1023 ILE A CG2 1 
ATOM   394  C CD1 . ILE A 1 55 ? 8.907   20.101  -12.628 1.00 70.04  ? 1023 ILE A CD1 1 
ATOM   395  N N   . ASP A 1 57 ? 17.674  12.018  -10.151 1.00 74.88  ? 1216 ASP A N   1 
ATOM   396  C CA  . ASP A 1 57 ? 16.372  11.588  -10.649 1.00 74.00  ? 1216 ASP A CA  1 
ATOM   397  C C   . ASP A 1 57 ? 15.273  12.101  -9.734  1.00 73.48  ? 1216 ASP A C   1 
ATOM   398  O O   . ASP A 1 57 ? 15.259  11.792  -8.537  1.00 73.72  ? 1216 ASP A O   1 
ATOM   399  C CB  . ASP A 1 57 ? 16.307  10.064  -10.713 1.00 75.60  ? 1216 ASP A CB  1 
ATOM   400  C CG  . ASP A 1 57 ? 15.254  9.570   -11.681 1.00 76.62  ? 1216 ASP A CG  1 
ATOM   401  O OD1 . ASP A 1 57 ? 14.055  9.834   -11.453 1.00 78.61  ? 1216 ASP A OD1 1 
ATOM   402  O OD2 . ASP A 1 57 ? 15.631  8.926   -12.681 1.00 76.63  ? 1216 ASP A OD2 1 
ATOM   403  N N   . LEU A 1 58 ? 14.350  12.874  -10.298 1.00 70.55  ? 1217 LEU A N   1 
ATOM   404  C CA  . LEU A 1 58 ? 13.266  13.431  -9.511  1.00 68.83  ? 1217 LEU A CA  1 
ATOM   405  C C   . LEU A 1 58 ? 12.138  12.426  -9.258  1.00 68.14  ? 1217 LEU A C   1 
ATOM   406  O O   . LEU A 1 58 ? 11.040  12.815  -8.852  1.00 68.05  ? 1217 LEU A O   1 
ATOM   407  C CB  . LEU A 1 58 ? 12.705  14.677  -10.196 1.00 68.28  ? 1217 LEU A CB  1 
ATOM   408  C CG  . LEU A 1 58 ? 13.674  15.809  -10.556 1.00 67.97  ? 1217 LEU A CG  1 
ATOM   409  C CD1 . LEU A 1 58 ? 12.866  16.954  -11.140 1.00 67.57  ? 1217 LEU A CD1 1 
ATOM   410  C CD2 . LEU A 1 58 ? 14.467  16.273  -9.337  1.00 66.88  ? 1217 LEU A CD2 1 
ATOM   411  N N   . SER A 1 59 ? 12.400  11.142  -9.498  1.00 67.24  ? 1218 SER A N   1 
ATOM   412  C CA  . SER A 1 59 ? 11.387  10.115  -9.258  1.00 66.24  ? 1218 SER A CA  1 
ATOM   413  C C   . SER A 1 59 ? 11.361  9.745   -7.783  1.00 65.60  ? 1218 SER A C   1 
ATOM   414  O O   . SER A 1 59 ? 12.399  9.411   -7.204  1.00 65.17  ? 1218 SER A O   1 
ATOM   415  C CB  . SER A 1 59 ? 11.661  8.858   -10.082 1.00 66.16  ? 1218 SER A CB  1 
ATOM   416  O OG  . SER A 1 59 ? 10.720  7.855   -9.741  1.00 66.79  ? 1218 SER A OG  1 
ATOM   417  N N   . LEU A 1 60 ? 10.171  9.796   -7.192  1.00 64.72  ? 1219 LEU A N   1 
ATOM   418  C CA  . LEU A 1 60 ? 9.978   9.498   -5.777  1.00 63.92  ? 1219 LEU A CA  1 
ATOM   419  C C   . LEU A 1 60 ? 10.566  8.185   -5.256  1.00 61.81  ? 1219 LEU A C   1 
ATOM   420  O O   . LEU A 1 60 ? 10.822  7.251   -6.017  1.00 62.70  ? 1219 LEU A O   1 
ATOM   421  C CB  . LEU A 1 60 ? 8.486   9.528   -5.448  1.00 65.19  ? 1219 LEU A CB  1 
ATOM   422  C CG  . LEU A 1 60 ? 7.784   10.875  -5.616  1.00 67.18  ? 1219 LEU A CG  1 
ATOM   423  C CD1 . LEU A 1 60 ? 6.323   10.735  -5.218  1.00 67.56  ? 1219 LEU A CD1 1 
ATOM   424  C CD2 . LEU A 1 60 ? 8.486   11.936  -4.762  1.00 67.70  ? 1219 LEU A CD2 1 
ATOM   425  N N   . ASP A 1 61 ? 10.777  8.130   -3.943  1.00 59.29  ? 1220 ASP A N   1 
ATOM   426  C CA  . ASP A 1 61 ? 11.296  6.932   -3.281  1.00 58.07  ? 1220 ASP A CA  1 
ATOM   427  C C   . ASP A 1 61 ? 10.130  6.292   -2.539  1.00 56.15  ? 1220 ASP A C   1 
ATOM   428  O O   . ASP A 1 61 ? 9.791   6.708   -1.435  1.00 52.23  ? 1220 ASP A O   1 
ATOM   429  C CB  . ASP A 1 61 ? 12.410  7.300   -2.290  1.00 59.21  ? 1220 ASP A CB  1 
ATOM   430  C CG  . ASP A 1 61 ? 12.944  6.094   -1.530  1.00 60.96  ? 1220 ASP A CG  1 
ATOM   431  O OD1 . ASP A 1 61 ? 12.611  4.952   -1.905  1.00 62.75  ? 1220 ASP A OD1 1 
ATOM   432  O OD2 . ASP A 1 61 ? 13.694  6.287   -0.547  1.00 62.64  ? 1220 ASP A OD2 1 
ATOM   433  N N   . PHE A 1 62 ? 9.516   5.285   -3.157  1.00 57.17  ? 1221 PHE A N   1 
ATOM   434  C CA  . PHE A 1 62 ? 8.371   4.599   -2.565  1.00 57.84  ? 1221 PHE A CA  1 
ATOM   435  C C   . PHE A 1 62 ? 8.706   3.597   -1.449  1.00 58.47  ? 1221 PHE A C   1 
ATOM   436  O O   . PHE A 1 62 ? 7.805   2.999   -0.867  1.00 58.10  ? 1221 PHE A O   1 
ATOM   437  C CB  . PHE A 1 62 ? 7.545   3.902   -3.656  1.00 58.41  ? 1221 PHE A CB  1 
ATOM   438  C CG  . PHE A 1 62 ? 6.760   4.851   -4.534  1.00 59.21  ? 1221 PHE A CG  1 
ATOM   439  C CD1 . PHE A 1 62 ? 7.396   5.588   -5.531  1.00 59.44  ? 1221 PHE A CD1 1 
ATOM   440  C CD2 . PHE A 1 62 ? 5.379   4.999   -4.370  1.00 59.31  ? 1221 PHE A CD2 1 
ATOM   441  C CE1 . PHE A 1 62 ? 6.673   6.459   -6.355  1.00 59.34  ? 1221 PHE A CE1 1 
ATOM   442  C CE2 . PHE A 1 62 ? 4.645   5.872   -5.192  1.00 59.48  ? 1221 PHE A CE2 1 
ATOM   443  C CZ  . PHE A 1 62 ? 5.297   6.599   -6.186  1.00 59.44  ? 1221 PHE A CZ  1 
ATOM   444  N N   . GLU A 1 63 ? 9.994   3.422   -1.145  1.00 58.78  ? 1222 GLU A N   1 
ATOM   445  C CA  . GLU A 1 63 ? 10.424  2.505   -0.085  1.00 58.97  ? 1222 GLU A CA  1 
ATOM   446  C C   . GLU A 1 63 ? 9.977   3.058   1.271   1.00 59.65  ? 1222 GLU A C   1 
ATOM   447  O O   . GLU A 1 63 ? 9.841   2.322   2.262   1.00 60.28  ? 1222 GLU A O   1 
ATOM   448  C CB  . GLU A 1 63 ? 11.950  2.345   -0.097  1.00 57.16  ? 1222 GLU A CB  1 
ATOM   449  C CG  . GLU A 1 63 ? 12.469  1.441   1.008   1.00 57.38  ? 1222 GLU A CG  1 
ATOM   450  C CD  . GLU A 1 63 ? 13.896  1.767   1.419   1.00 57.53  ? 1222 GLU A CD  1 
ATOM   451  O OE1 . GLU A 1 63 ? 14.819  1.552   0.608   1.00 55.56  ? 1222 GLU A OE1 1 
ATOM   452  O OE2 . GLU A 1 63 ? 14.093  2.249   2.556   1.00 60.11  ? 1222 GLU A OE2 1 
ATOM   453  N N   . LYS A 1 64 ? 9.757   4.367   1.297   1.00 59.01  ? 1223 LYS A N   1 
ATOM   454  C CA  . LYS A 1 64 ? 9.312   5.043   2.499   1.00 59.12  ? 1223 LYS A CA  1 
ATOM   455  C C   . LYS A 1 64 ? 8.050   5.873   2.234   1.00 58.75  ? 1223 LYS A C   1 
ATOM   456  O O   . LYS A 1 64 ? 7.729   6.768   3.019   1.00 59.32  ? 1223 LYS A O   1 
ATOM   457  C CB  . LYS A 1 64 ? 10.436  5.929   3.059   1.00 60.94  ? 1223 LYS A CB  1 
ATOM   458  C CG  . LYS A 1 64 ? 11.010  6.914   2.062   1.00 63.09  ? 1223 LYS A CG  1 
ATOM   459  C CD  . LYS A 1 64 ? 12.108  7.759   2.699   1.00 63.90  ? 1223 LYS A CD  1 
ATOM   460  C CE  . LYS A 1 64 ? 12.662  8.782   1.707   1.00 63.25  ? 1223 LYS A CE  1 
ATOM   461  N NZ  . LYS A 1 64 ? 13.577  9.779   2.345   1.00 61.37  ? 1223 LYS A NZ  1 
ATOM   462  N N   . LEU A 1 65 ? 7.352   5.587   1.125   1.00 58.29  ? 1224 LEU A N   1 
ATOM   463  C CA  . LEU A 1 65 ? 6.098   6.281   0.760   1.00 58.13  ? 1224 LEU A CA  1 
ATOM   464  C C   . LEU A 1 65 ? 4.920   5.287   0.762   1.00 58.26  ? 1224 LEU A C   1 
ATOM   465  O O   . LEU A 1 65 ? 3.982   5.409   -0.034  1.00 59.89  ? 1224 LEU A O   1 
ATOM   466  C CB  . LEU A 1 65 ? 6.185   6.901   -0.649  1.00 56.94  ? 1224 LEU A CB  1 
ATOM   467  C CG  . LEU A 1 65 ? 7.219   7.982   -0.987  1.00 54.88  ? 1224 LEU A CG  1 
ATOM   468  C CD1 . LEU A 1 65 ? 7.148   8.351   -2.460  1.00 55.14  ? 1224 LEU A CD1 1 
ATOM   469  C CD2 . LEU A 1 65 ? 6.959   9.201   -0.123  1.00 55.22  ? 1224 LEU A CD2 1 
ATOM   470  N N   . ASN A 1 66 ? 4.978   4.299   1.650   1.00 56.13  ? 1225 ASN A N   1 
ATOM   471  C CA  . ASN A 1 66 ? 3.938   3.275   1.718   1.00 56.38  ? 1225 ASN A CA  1 
ATOM   472  C C   . ASN A 1 66 ? 2.721   3.641   2.582   1.00 53.77  ? 1225 ASN A C   1 
ATOM   473  O O   . ASN A 1 66 ? 2.797   3.724   3.811   1.00 50.86  ? 1225 ASN A O   1 
ATOM   474  C CB  . ASN A 1 66 ? 4.537   1.942   2.198   1.00 60.60  ? 1225 ASN A CB  1 
ATOM   475  C CG  . ASN A 1 66 ? 5.188   2.043   3.573   1.00 63.86  ? 1225 ASN A CG  1 
ATOM   476  O OD1 . ASN A 1 66 ? 6.147   2.798   3.773   1.00 63.76  ? 1225 ASN A OD1 1 
ATOM   477  N ND2 . ASN A 1 66 ? 4.681   1.264   4.522   1.00 65.18  ? 1225 ASN A ND2 1 
ATOM   478  N N   . VAL A 1 67 ? 1.595   3.868   1.907   1.00 50.56  ? 1226 VAL A N   1 
ATOM   479  C CA  . VAL A 1 67 ? 0.341   4.221   2.562   1.00 47.07  ? 1226 VAL A CA  1 
ATOM   480  C C   . VAL A 1 67 ? -0.351  2.924   2.981   1.00 45.87  ? 1226 VAL A C   1 
ATOM   481  O O   . VAL A 1 67 ? -0.397  1.958   2.220   1.00 47.05  ? 1226 VAL A O   1 
ATOM   482  C CB  . VAL A 1 67 ? -0.576  5.023   1.613   1.00 45.70  ? 1226 VAL A CB  1 
ATOM   483  C CG1 . VAL A 1 67 ? -1.869  5.394   2.314   1.00 46.70  ? 1226 VAL A CG1 1 
ATOM   484  C CG2 . VAL A 1 67 ? 0.144   6.270   1.141   1.00 47.66  ? 1226 VAL A CG2 1 
ATOM   485  N N   . THR A 1 68 ? -0.869  2.916   4.206   1.00 42.19  ? 1227 THR A N   1 
ATOM   486  C CA  . THR A 1 68 ? -1.549  1.766   4.798   1.00 40.34  ? 1227 THR A CA  1 
ATOM   487  C C   . THR A 1 68 ? -3.029  2.053   5.021   1.00 38.83  ? 1227 THR A C   1 
ATOM   488  O O   . THR A 1 68 ? -3.417  3.175   5.349   1.00 40.41  ? 1227 THR A O   1 
ATOM   489  C CB  . THR A 1 68 ? -0.912  1.393   6.169   1.00 40.08  ? 1227 THR A CB  1 
ATOM   490  O OG1 . THR A 1 68 ? 0.316   0.691   5.954   1.00 42.50  ? 1227 THR A OG1 1 
ATOM   491  C CG2 . THR A 1 68 ? -1.843  0.539   6.990   1.00 40.82  ? 1227 THR A CG2 1 
ATOM   492  N N   . LEU A 1 69 ? -3.850  1.031   4.825   1.00 36.05  ? 1228 LEU A N   1 
ATOM   493  C CA  . LEU A 1 69 ? -5.283  1.157   5.036   1.00 33.77  ? 1228 LEU A CA  1 
ATOM   494  C C   . LEU A 1 69 ? -5.649  0.387   6.302   1.00 31.54  ? 1228 LEU A C   1 
ATOM   495  O O   . LEU A 1 69 ? -5.008  -0.595  6.671   1.00 33.46  ? 1228 LEU A O   1 
ATOM   496  C CB  . LEU A 1 69 ? -6.060  0.617   3.832   1.00 33.39  ? 1228 LEU A CB  1 
ATOM   497  C CG  . LEU A 1 69 ? -5.706  1.247   2.482   1.00 36.11  ? 1228 LEU A CG  1 
ATOM   498  C CD1 . LEU A 1 69 ? -6.466  0.532   1.363   1.00 36.75  ? 1228 LEU A CD1 1 
ATOM   499  C CD2 . LEU A 1 69 ? -6.034  2.732   2.501   1.00 34.45  ? 1228 LEU A CD2 1 
ATOM   500  N N   . LEU A 1 70 ? -6.689  0.849   6.963   1.00 30.06  ? 1229 LEU A N   1 
ATOM   501  C CA  . LEU A 1 70 ? -7.145  0.261   8.205   1.00 28.94  ? 1229 LEU A CA  1 
ATOM   502  C C   . LEU A 1 70 ? -8.405  -0.574  7.970   1.00 30.21  ? 1229 LEU A C   1 
ATOM   503  O O   . LEU A 1 70 ? -9.286  -0.197  7.191   1.00 27.48  ? 1229 LEU A O   1 
ATOM   504  C CB  . LEU A 1 70 ? -7.409  1.405   9.191   1.00 25.63  ? 1229 LEU A CB  1 
ATOM   505  C CG  . LEU A 1 70 ? -7.988  1.227   10.585  1.00 22.53  ? 1229 LEU A CG  1 
ATOM   506  C CD1 . LEU A 1 70 ? -7.002  0.482   11.477  1.00 20.65  ? 1229 LEU A CD1 1 
ATOM   507  C CD2 . LEU A 1 70 ? -8.303  2.618   11.162  1.00 24.10  ? 1229 LEU A CD2 1 
ATOM   508  N N   . ASP A 1 71 ? -8.480  -1.716  8.642   1.00 33.36  ? 1230 ASP A N   1 
ATOM   509  C CA  . ASP A 1 71 ? -9.626  -2.605  8.509   1.00 35.65  ? 1230 ASP A CA  1 
ATOM   510  C C   . ASP A 1 71 ? -10.099 -3.002  9.913   1.00 35.75  ? 1230 ASP A C   1 
ATOM   511  O O   . ASP A 1 71 ? -9.429  -3.766  10.609  1.00 36.16  ? 1230 ASP A O   1 
ATOM   512  C CB  . ASP A 1 71 ? -9.212  -3.842  7.715   1.00 38.52  ? 1230 ASP A CB  1 
ATOM   513  C CG  . ASP A 1 71 ? -10.394 -4.622  7.196   1.00 41.83  ? 1230 ASP A CG  1 
ATOM   514  O OD1 . ASP A 1 71 ? -11.366 -4.826  7.957   1.00 40.50  ? 1230 ASP A OD1 1 
ATOM   515  O OD2 . ASP A 1 71 ? -10.347 -5.039  6.023   1.00 47.33  ? 1230 ASP A OD2 1 
ATOM   516  N N   . LEU A 1 72 ? -11.259 -2.490  10.317  1.00 35.16  ? 1231 LEU A N   1 
ATOM   517  C CA  . LEU A 1 72 ? -11.796 -2.751  11.653  1.00 34.78  ? 1231 LEU A CA  1 
ATOM   518  C C   . LEU A 1 72 ? -13.029 -3.650  11.667  1.00 35.56  ? 1231 LEU A C   1 
ATOM   519  O O   . LEU A 1 72 ? -13.751 -3.711  12.671  1.00 35.59  ? 1231 LEU A O   1 
ATOM   520  C CB  . LEU A 1 72 ? -12.152 -1.422  12.340  1.00 33.97  ? 1231 LEU A CB  1 
ATOM   521  C CG  . LEU A 1 72 ? -11.088 -0.316  12.418  1.00 34.74  ? 1231 LEU A CG  1 
ATOM   522  C CD1 . LEU A 1 72 ? -10.922 0.288   11.030  1.00 35.11  ? 1231 LEU A CD1 1 
ATOM   523  C CD2 . LEU A 1 72 ? -11.491 0.788   13.422  1.00 32.89  ? 1231 LEU A CD2 1 
ATOM   524  N N   . THR A 1 73 ? -13.274 -4.350  10.566  1.00 35.32  ? 1232 THR A N   1 
ATOM   525  C CA  . THR A 1 73 ? -14.446 -5.208  10.475  1.00 34.89  ? 1232 THR A CA  1 
ATOM   526  C C   . THR A 1 73 ? -14.444 -6.290  11.545  1.00 33.79  ? 1232 THR A C   1 
ATOM   527  O O   . THR A 1 73 ? -15.473 -6.535  12.175  1.00 33.43  ? 1232 THR A O   1 
ATOM   528  C CB  . THR A 1 73 ? -14.565 -5.829  9.063   1.00 36.34  ? 1232 THR A CB  1 
ATOM   529  O OG1 . THR A 1 73 ? -13.481 -6.735  8.828   1.00 37.03  ? 1232 THR A OG1 1 
ATOM   530  C CG2 . THR A 1 73 ? -14.533 -4.719  8.005   1.00 35.56  ? 1232 THR A CG2 1 
ATOM   531  N N   . TYR A 1 74 ? -13.289 -6.921  11.758  1.00 33.51  ? 1233 TYR A N   1 
ATOM   532  C CA  . TYR A 1 74 ? -13.147 -7.953  12.782  1.00 34.52  ? 1233 TYR A CA  1 
ATOM   533  C C   . TYR A 1 74 ? -13.523 -7.395  14.155  1.00 36.17  ? 1233 TYR A C   1 
ATOM   534  O O   . TYR A 1 74 ? -14.219 -8.049  14.935  1.00 36.17  ? 1233 TYR A O   1 
ATOM   535  C CB  . TYR A 1 74 ? -11.703 -8.457  12.850  1.00 37.31  ? 1233 TYR A CB  1 
ATOM   536  C CG  . TYR A 1 74 ? -11.493 -9.512  13.916  1.00 38.01  ? 1233 TYR A CG  1 
ATOM   537  C CD1 . TYR A 1 74 ? -11.637 -10.869 13.623  1.00 40.84  ? 1233 TYR A CD1 1 
ATOM   538  C CD2 . TYR A 1 74 ? -11.214 -9.153  15.234  1.00 37.90  ? 1233 TYR A CD2 1 
ATOM   539  C CE1 . TYR A 1 74 ? -11.514 -11.840 14.619  1.00 41.50  ? 1233 TYR A CE1 1 
ATOM   540  C CE2 . TYR A 1 74 ? -11.094 -10.116 16.233  1.00 39.80  ? 1233 TYR A CE2 1 
ATOM   541  C CZ  . TYR A 1 74 ? -11.247 -11.456 15.919  1.00 40.68  ? 1233 TYR A CZ  1 
ATOM   542  O OH  . TYR A 1 74 ? -11.159 -12.410 16.909  1.00 46.22  ? 1233 TYR A OH  1 
ATOM   543  N N   . GLU A 1 75 ? -13.037 -6.191  14.456  1.00 35.64  ? 1234 GLU A N   1 
ATOM   544  C CA  . GLU A 1 75 ? -13.327 -5.555  15.736  1.00 34.66  ? 1234 GLU A CA  1 
ATOM   545  C C   . GLU A 1 75 ? -14.804 -5.202  15.862  1.00 31.03  ? 1234 GLU A C   1 
ATOM   546  O O   . GLU A 1 75 ? -15.476 -5.628  16.798  1.00 29.12  ? 1234 GLU A O   1 
ATOM   547  C CB  . GLU A 1 75 ? -12.491 -4.280  15.908  1.00 37.86  ? 1234 GLU A CB  1 
ATOM   548  C CG  . GLU A 1 75 ? -11.051 -4.494  16.365  1.00 40.91  ? 1234 GLU A CG  1 
ATOM   549  C CD  . GLU A 1 75 ? -10.220 -5.313  15.392  1.00 41.86  ? 1234 GLU A CD  1 
ATOM   550  O OE1 . GLU A 1 75 ? -10.292 -5.067  14.167  1.00 39.47  ? 1234 GLU A OE1 1 
ATOM   551  O OE2 . GLU A 1 75 ? -9.481  -6.200  15.863  1.00 45.65  ? 1234 GLU A OE2 1 
ATOM   552  N N   . MET A 1 76 ? -15.302 -4.416  14.916  1.00 29.26  ? 1235 MET A N   1 
ATOM   553  C CA  . MET A 1 76 ? -16.699 -3.996  14.945  1.00 30.13  ? 1235 MET A CA  1 
ATOM   554  C C   . MET A 1 76 ? -17.676 -5.178  15.024  1.00 30.37  ? 1235 MET A C   1 
ATOM   555  O O   . MET A 1 76 ? -18.748 -5.052  15.614  1.00 25.53  ? 1235 MET A O   1 
ATOM   556  C CB  . MET A 1 76 ? -17.019 -3.121  13.722  1.00 28.66  ? 1235 MET A CB  1 
ATOM   557  C CG  . MET A 1 76 ? -16.235 -1.798  13.655  1.00 23.92  ? 1235 MET A CG  1 
ATOM   558  S SD  . MET A 1 76 ? -16.743 -0.703  12.293  1.00 24.14  ? 1235 MET A SD  1 
ATOM   559  C CE  . MET A 1 76 ? -15.964 -1.534  10.901  1.00 26.78  ? 1235 MET A CE  1 
ATOM   560  N N   . ASN A 1 77 ? -17.311 -6.327  14.448  1.00 30.74  ? 1236 ASN A N   1 
ATOM   561  C CA  . ASN A 1 77 ? -18.207 -7.482  14.503  1.00 32.61  ? 1236 ASN A CA  1 
ATOM   562  C C   . ASN A 1 77 ? -18.224 -8.083  15.900  1.00 33.00  ? 1236 ASN A C   1 
ATOM   563  O O   . ASN A 1 77 ? -19.283 -8.461  16.415  1.00 28.31  ? 1236 ASN A O   1 
ATOM   564  C CB  . ASN A 1 77 ? -17.806 -8.555  13.477  1.00 35.52  ? 1236 ASN A CB  1 
ATOM   565  C CG  . ASN A 1 77 ? -18.107 -8.140  12.037  1.00 38.86  ? 1236 ASN A CG  1 
ATOM   566  O OD1 . ASN A 1 77 ? -18.962 -7.281  11.781  1.00 37.83  ? 1236 ASN A OD1 1 
ATOM   567  N ND2 . ASN A 1 77 ? -17.416 -8.765  11.091  1.00 38.52  ? 1236 ASN A ND2 1 
ATOM   568  N N   . ARG A 1 78 ? -17.041 -8.154  16.506  1.00 35.02  ? 1237 ARG A N   1 
ATOM   569  C CA  . ARG A 1 78 ? -16.865 -8.701  17.848  1.00 37.82  ? 1237 ARG A CA  1 
ATOM   570  C C   . ARG A 1 78 ? -17.633 -7.869  18.887  1.00 36.61  ? 1237 ARG A C   1 
ATOM   571  O O   . ARG A 1 78 ? -18.174 -8.400  19.855  1.00 35.16  ? 1237 ARG A O   1 
ATOM   572  C CB  . ARG A 1 78 ? -15.372 -8.712  18.184  1.00 43.88  ? 1237 ARG A CB  1 
ATOM   573  C CG  . ARG A 1 78 ? -14.962 -9.633  19.317  1.00 51.84  ? 1237 ARG A CG  1 
ATOM   574  C CD  . ARG A 1 78 ? -13.443 -9.670  19.409  1.00 60.77  ? 1237 ARG A CD  1 
ATOM   575  N NE  . ARG A 1 78 ? -12.941 -10.914 19.982  1.00 67.36  ? 1237 ARG A NE  1 
ATOM   576  C CZ  . ARG A 1 78 ? -11.700 -11.361 19.814  1.00 70.90  ? 1237 ARG A CZ  1 
ATOM   577  N NH1 . ARG A 1 78 ? -10.834 -10.662 19.090  1.00 68.82  ? 1237 ARG A NH1 1 
ATOM   578  N NH2 . ARG A 1 78 ? -11.328 -12.516 20.357  1.00 73.37  ? 1237 ARG A NH2 1 
ATOM   579  N N   . ILE A 1 79 ? -17.665 -6.558  18.678  1.00 34.89  ? 1238 ILE A N   1 
ATOM   580  C CA  . ILE A 1 79 ? -18.370 -5.659  19.571  1.00 33.54  ? 1238 ILE A CA  1 
ATOM   581  C C   . ILE A 1 79 ? -19.865 -5.883  19.400  1.00 34.79  ? 1238 ILE A C   1 
ATOM   582  O O   . ILE A 1 79 ? -20.630 -5.806  20.364  1.00 34.62  ? 1238 ILE A O   1 
ATOM   583  C CB  . ILE A 1 79 ? -18.040 -4.183  19.248  1.00 34.57  ? 1238 ILE A CB  1 
ATOM   584  C CG1 . ILE A 1 79 ? -16.584 -3.889  19.604  1.00 32.09  ? 1238 ILE A CG1 1 
ATOM   585  C CG2 . ILE A 1 79 ? -19.007 -3.249  19.977  1.00 31.05  ? 1238 ILE A CG2 1 
ATOM   586  C CD1 . ILE A 1 79 ? -16.187 -2.455  19.388  1.00 37.45  ? 1238 ILE A CD1 1 
ATOM   587  N N   . GLN A 1 80 ? -20.277 -6.165  18.169  1.00 35.42  ? 1239 GLN A N   1 
ATOM   588  C CA  . GLN A 1 80 ? -21.686 -6.398  17.882  1.00 38.27  ? 1239 GLN A CA  1 
ATOM   589  C C   . GLN A 1 80 ? -22.143 -7.688  18.544  1.00 35.17  ? 1239 GLN A C   1 
ATOM   590  O O   . GLN A 1 80 ? -23.295 -7.817  18.922  1.00 36.27  ? 1239 GLN A O   1 
ATOM   591  C CB  . GLN A 1 80 ? -21.922 -6.451  16.367  1.00 42.48  ? 1239 GLN A CB  1 
ATOM   592  C CG  . GLN A 1 80 ? -21.588 -5.147  15.661  1.00 49.82  ? 1239 GLN A CG  1 
ATOM   593  C CD  . GLN A 1 80 ? -21.666 -5.238  14.144  1.00 55.62  ? 1239 GLN A CD  1 
ATOM   594  O OE1 . GLN A 1 80 ? -21.351 -4.275  13.438  1.00 55.46  ? 1239 GLN A OE1 1 
ATOM   595  N NE2 . GLN A 1 80 ? -22.089 -6.395  13.635  1.00 59.96  ? 1239 GLN A NE2 1 
ATOM   596  N N   . ASP A 1 81 ? -21.222 -8.633  18.684  1.00 36.81  ? 1240 ASP A N   1 
ATOM   597  C CA  . ASP A 1 81 ? -21.504 -9.914  19.322  1.00 38.28  ? 1240 ASP A CA  1 
ATOM   598  C C   . ASP A 1 81 ? -21.673 -9.645  20.813  1.00 38.68  ? 1240 ASP A C   1 
ATOM   599  O O   . ASP A 1 81 ? -22.582 -10.154 21.457  1.00 41.16  ? 1240 ASP A O   1 
ATOM   600  C CB  . ASP A 1 81 ? -20.334 -10.882 19.106  1.00 40.79  ? 1240 ASP A CB  1 
ATOM   601  C CG  . ASP A 1 81 ? -20.142 -11.268 17.648  1.00 41.69  ? 1240 ASP A CG  1 
ATOM   602  O OD1 . ASP A 1 81 ? -20.743 -10.625 16.764  1.00 44.07  ? 1240 ASP A OD1 1 
ATOM   603  O OD2 . ASP A 1 81 ? -19.383 -12.223 17.384  1.00 41.65  ? 1240 ASP A OD2 1 
ATOM   604  N N   . ALA A 1 82 ? -20.781 -8.836  21.365  1.00 38.02  ? 1241 ALA A N   1 
ATOM   605  C CA  . ALA A 1 82 ? -20.856 -8.501  22.777  1.00 39.25  ? 1241 ALA A CA  1 
ATOM   606  C C   . ALA A 1 82 ? -22.218 -7.852  23.087  1.00 37.80  ? 1241 ALA A C   1 
ATOM   607  O O   . ALA A 1 82 ? -22.909 -8.266  24.012  1.00 37.50  ? 1241 ALA A O   1 
ATOM   608  C CB  . ALA A 1 82 ? -19.700 -7.565  23.149  1.00 38.72  ? 1241 ALA A CB  1 
ATOM   609  N N   . ILE A 1 83 ? -22.595 -6.841  22.309  1.00 36.30  ? 1242 ILE A N   1 
ATOM   610  C CA  . ILE A 1 83 ? -23.875 -6.157  22.482  1.00 35.78  ? 1242 ILE A CA  1 
ATOM   611  C C   . ILE A 1 83 ? -25.023 -7.160  22.450  1.00 35.95  ? 1242 ILE A C   1 
ATOM   612  O O   . ILE A 1 83 ? -25.961 -7.078  23.249  1.00 33.56  ? 1242 ILE A O   1 
ATOM   613  C CB  . ILE A 1 83 ? -24.120 -5.125  21.353  1.00 35.80  ? 1242 ILE A CB  1 
ATOM   614  C CG1 . ILE A 1 83 ? -23.095 -3.994  21.444  1.00 35.95  ? 1242 ILE A CG1 1 
ATOM   615  C CG2 . ILE A 1 83 ? -25.543 -4.594  21.430  1.00 34.48  ? 1242 ILE A CG2 1 
ATOM   616  C CD1 . ILE A 1 83 ? -23.185 -3.001  20.321  1.00 39.15  ? 1242 ILE A CD1 1 
ATOM   617  N N   . LYS A 1 84 ? -24.942 -8.095  21.507  1.00 34.87  ? 1243 LYS A N   1 
ATOM   618  C CA  . LYS A 1 84 ? -25.958 -9.119  21.348  1.00 38.46  ? 1243 LYS A CA  1 
ATOM   619  C C   . LYS A 1 84 ? -25.961 -10.069 22.536  1.00 38.95  ? 1243 LYS A C   1 
ATOM   620  O O   . LYS A 1 84 ? -27.025 -10.419 23.052  1.00 40.35  ? 1243 LYS A O   1 
ATOM   621  C CB  . LYS A 1 84 ? -25.727 -9.898  20.049  1.00 40.86  ? 1243 LYS A CB  1 
ATOM   622  C CG  . LYS A 1 84 ? -25.923 -9.067  18.777  1.00 45.39  ? 1243 LYS A CG  1 
ATOM   623  C CD  . LYS A 1 84 ? -25.525 -9.853  17.530  1.00 48.75  ? 1243 LYS A CD  1 
ATOM   624  C CE  . LYS A 1 84 ? -25.482 -8.962  16.295  1.00 50.44  ? 1243 LYS A CE  1 
ATOM   625  N NZ  . LYS A 1 84 ? -25.062 -9.709  15.072  1.00 50.45  ? 1243 LYS A NZ  1 
ATOM   626  N N   . LYS A 1 85 ? -24.770 -10.481 22.967  1.00 38.05  ? 1244 LYS A N   1 
ATOM   627  C CA  . LYS A 1 85 ? -24.637 -11.385 24.101  1.00 38.45  ? 1244 LYS A CA  1 
ATOM   628  C C   . LYS A 1 85 ? -25.217 -10.756 25.369  1.00 40.01  ? 1244 LYS A C   1 
ATOM   629  O O   . LYS A 1 85 ? -25.925 -11.422 26.133  1.00 41.37  ? 1244 LYS A O   1 
ATOM   630  C CB  . LYS A 1 85 ? -23.164 -11.739 24.335  1.00 40.49  ? 1244 LYS A CB  1 
ATOM   631  C CG  . LYS A 1 85 ? -22.944 -12.638 25.546  1.00 44.98  ? 1244 LYS A CG  1 
ATOM   632  C CD  . LYS A 1 85 ? -21.485 -13.027 25.762  1.00 44.50  ? 1244 LYS A CD  1 
ATOM   633  C CE  . LYS A 1 85 ? -21.373 -13.971 26.952  1.00 43.26  ? 1244 LYS A CE  1 
ATOM   634  N NZ  . LYS A 1 85 ? -19.976 -14.367 27.271  1.00 40.02  ? 1244 LYS A NZ  1 
ATOM   635  N N   . LEU A 1 86 ? -24.909 -9.478  25.594  1.00 38.35  ? 1245 LEU A N   1 
ATOM   636  C CA  . LEU A 1 86 ? -25.403 -8.762  26.764  1.00 39.37  ? 1245 LEU A CA  1 
ATOM   637  C C   . LEU A 1 86 ? -26.922 -8.830  26.787  1.00 40.44  ? 1245 LEU A C   1 
ATOM   638  O O   . LEU A 1 86 ? -27.544 -8.784  27.847  1.00 40.73  ? 1245 LEU A O   1 
ATOM   639  C CB  . LEU A 1 86 ? -24.953 -7.292  26.730  1.00 40.90  ? 1245 LEU A CB  1 
ATOM   640  C CG  . LEU A 1 86 ? -23.470 -6.952  26.939  1.00 40.63  ? 1245 LEU A CG  1 
ATOM   641  C CD1 . LEU A 1 86 ? -23.229 -5.497  26.586  1.00 42.80  ? 1245 LEU A CD1 1 
ATOM   642  C CD2 . LEU A 1 86 ? -23.069 -7.222  28.370  1.00 40.13  ? 1245 LEU A CD2 1 
ATOM   643  N N   . ASN A 1 87 ? -27.517 -8.932  25.606  1.00 41.22  ? 1246 ASN A N   1 
ATOM   644  C CA  . ASN A 1 87 ? -28.960 -9.010  25.491  1.00 45.14  ? 1246 ASN A CA  1 
ATOM   645  C C   . ASN A 1 87 ? -29.483 -10.226 26.248  1.00 45.32  ? 1246 ASN A C   1 
ATOM   646  O O   . ASN A 1 87 ? -30.641 -10.257 26.660  1.00 43.98  ? 1246 ASN A O   1 
ATOM   647  C CB  . ASN A 1 87 ? -29.360 -9.113  24.020  1.00 48.47  ? 1246 ASN A CB  1 
ATOM   648  C CG  . ASN A 1 87 ? -30.265 -7.983  23.581  1.00 51.80  ? 1246 ASN A CG  1 
ATOM   649  O OD1 . ASN A 1 87 ? -31.378 -7.828  24.089  1.00 53.75  ? 1246 ASN A OD1 1 
ATOM   650  N ND2 . ASN A 1 87 ? -29.791 -7.181  22.632  1.00 52.26  ? 1246 ASN A ND2 1 
ATOM   651  N N   . GLU A 1 88 ? -28.608 -11.212 26.435  1.00 48.39  ? 1247 GLU A N   1 
ATOM   652  C CA  . GLU A 1 88 ? -28.938 -12.463 27.121  1.00 51.45  ? 1247 GLU A CA  1 
ATOM   653  C C   . GLU A 1 88 ? -28.993 -12.400 28.646  1.00 51.59  ? 1247 GLU A C   1 
ATOM   654  O O   . GLU A 1 88 ? -28.937 -13.439 29.296  1.00 52.22  ? 1247 GLU A O   1 
ATOM   655  C CB  . GLU A 1 88 ? -27.929 -13.552 26.743  1.00 53.75  ? 1247 GLU A CB  1 
ATOM   656  C CG  . GLU A 1 88 ? -27.953 -14.024 25.300  1.00 58.32  ? 1247 GLU A CG  1 
ATOM   657  C CD  . GLU A 1 88 ? -26.875 -15.075 25.034  1.00 61.12  ? 1247 GLU A CD  1 
ATOM   658  O OE1 . GLU A 1 88 ? -26.795 -16.057 25.812  1.00 60.00  ? 1247 GLU A OE1 1 
ATOM   659  O OE2 . GLU A 1 88 ? -26.108 -14.920 24.056  1.00 59.29  ? 1247 GLU A OE2 1 
ATOM   660  N N   . SER A 1 89 ? -29.097 -11.207 29.222  1.00 52.98  ? 1248 SER A N   1 
ATOM   661  C CA  . SER A 1 89 ? -29.143 -11.083 30.679  1.00 54.38  ? 1248 SER A CA  1 
ATOM   662  C C   . SER A 1 89 ? -30.238 -10.118 31.136  1.00 57.04  ? 1248 SER A C   1 
ATOM   663  O O   . SER A 1 89 ? -29.990 -8.924  31.255  1.00 58.45  ? 1248 SER A O   1 
ATOM   664  C CB  . SER A 1 89 ? -27.786 -10.595 31.194  1.00 55.33  ? 1248 SER A CB  1 
ATOM   665  O OG  . SER A 1 89 ? -26.713 -11.275 30.556  1.00 51.07  ? 1248 SER A OG  1 
ATOM   666  N N   . TYR A 1 90 ? -31.442 -10.623 31.405  1.00 59.80  ? 1249 TYR A N   1 
ATOM   667  C CA  . TYR A 1 90 ? -32.529 -9.738  31.826  1.00 61.61  ? 1249 TYR A CA  1 
ATOM   668  C C   . TYR A 1 90 ? -33.578 -10.258 32.827  1.00 65.71  ? 1249 TYR A C   1 
ATOM   669  O O   . TYR A 1 90 ? -33.370 -10.213 34.040  1.00 64.01  ? 1249 TYR A O   1 
ATOM   670  C CB  . TYR A 1 90 ? -33.261 -9.194  30.588  1.00 59.16  ? 1249 TYR A CB  1 
ATOM   671  C CG  . TYR A 1 90 ? -32.563 -8.058  29.862  1.00 54.21  ? 1249 TYR A CG  1 
ATOM   672  C CD1 . TYR A 1 90 ? -31.551 -8.301  28.931  1.00 51.42  ? 1249 TYR A CD1 1 
ATOM   673  C CD2 . TYR A 1 90 ? -32.931 -6.734  30.099  1.00 54.07  ? 1249 TYR A CD2 1 
ATOM   674  C CE1 . TYR A 1 90 ? -30.930 -7.251  28.253  1.00 49.47  ? 1249 TYR A CE1 1 
ATOM   675  C CE2 . TYR A 1 90 ? -32.317 -5.681  29.430  1.00 51.05  ? 1249 TYR A CE2 1 
ATOM   676  C CZ  . TYR A 1 90 ? -31.323 -5.946  28.509  1.00 50.55  ? 1249 TYR A CZ  1 
ATOM   677  O OH  . TYR A 1 90 ? -30.746 -4.898  27.835  1.00 48.86  ? 1249 TYR A OH  1 
ATOM   678  N N   . ILE A 1 91 ? -34.706 -10.741 32.306  1.00 71.09  ? 1250 ILE A N   1 
ATOM   679  C CA  . ILE A 1 91 ? -35.828 -11.215 33.122  1.00 74.75  ? 1250 ILE A CA  1 
ATOM   680  C C   . ILE A 1 91 ? -35.666 -12.501 33.952  1.00 77.73  ? 1250 ILE A C   1 
ATOM   681  O O   . ILE A 1 91 ? -34.623 -12.728 34.568  1.00 78.91  ? 1250 ILE A O   1 
ATOM   682  C CB  . ILE A 1 91 ? -37.114 -11.332 32.243  1.00 76.09  ? 1250 ILE A CB  1 
ATOM   683  C CG1 . ILE A 1 91 ? -38.361 -11.441 33.130  1.00 76.49  ? 1250 ILE A CG1 1 
ATOM   684  C CG2 . ILE A 1 91 ? -37.001 -12.526 31.301  1.00 77.45  ? 1250 ILE A CG2 1 
ATOM   685  C CD1 . ILE A 1 91 ? -39.655 -11.603 32.368  1.00 75.96  ? 1250 ILE A CD1 1 
ATOM   686  N N   . ASN A 1 92 ? -36.721 -13.321 33.958  1.00 80.49  ? 1251 ASN A N   1 
ATOM   687  C CA  . ASN A 1 92 ? -36.817 -14.568 34.723  1.00 82.13  ? 1251 ASN A CA  1 
ATOM   688  C C   . ASN A 1 92 ? -37.113 -14.150 36.159  1.00 82.77  ? 1251 ASN A C   1 
ATOM   689  O O   . ASN A 1 92 ? -36.262 -13.570 36.836  1.00 83.97  ? 1251 ASN A O   1 
ATOM   690  C CB  . ASN A 1 92 ? -35.526 -15.385 34.645  1.00 83.06  ? 1251 ASN A CB  1 
ATOM   691  C CG  . ASN A 1 92 ? -35.271 -15.937 33.257  1.00 84.54  ? 1251 ASN A CG  1 
ATOM   692  O OD1 . ASN A 1 92 ? -34.897 -15.202 32.344  1.00 86.46  ? 1251 ASN A OD1 1 
ATOM   693  N ND2 . ASN A 1 92 ? -35.484 -17.238 33.088  1.00 85.38  ? 1251 ASN A ND2 1 
ATOM   694  N N   . LEU A 1 93 ? -38.331 -14.429 36.612  1.00 81.36  ? 1252 LEU A N   1 
ATOM   695  C CA  . LEU A 1 93 ? -38.753 -14.029 37.945  1.00 80.30  ? 1252 LEU A CA  1 
ATOM   696  C C   . LEU A 1 93 ? -38.529 -15.093 39.006  1.00 81.33  ? 1252 LEU A C   1 
ATOM   697  O O   . LEU A 1 93 ? -39.474 -15.357 39.781  1.00 82.46  ? 1252 LEU A O   1 
ATOM   698  C CB  . LEU A 1 93 ? -40.227 -13.635 37.903  1.00 79.76  ? 1252 LEU A CB  1 
ATOM   699  C CG  . LEU A 1 93 ? -40.592 -12.681 36.760  1.00 79.41  ? 1252 LEU A CG  1 
ATOM   700  C CD1 . LEU A 1 93 ? -42.084 -12.431 36.754  1.00 79.12  ? 1252 LEU A CD1 1 
ATOM   701  C CD2 . LEU A 1 93 ? -39.840 -11.371 36.918  1.00 79.62  ? 1252 LEU A CD2 1 
ATOM   702  N N   . ASN B 1 1  ? 0.354   -21.502 20.037  1.00 48.42  ? 969  ASN B N   1 
ATOM   703  C CA  . ASN B 1 1  ? 1.500   -21.290 19.099  1.00 46.11  ? 969  ASN B CA  1 
ATOM   704  C C   . ASN B 1 1  ? 1.091   -20.345 17.975  1.00 44.73  ? 969  ASN B C   1 
ATOM   705  O O   . ASN B 1 1  ? 1.917   -19.941 17.162  1.00 45.77  ? 969  ASN B O   1 
ATOM   706  C CB  . ASN B 1 1  ? 1.946   -22.625 18.497  1.00 47.12  ? 969  ASN B CB  1 
ATOM   707  C CG  . ASN B 1 1  ? 2.358   -23.631 19.552  1.00 48.15  ? 969  ASN B CG  1 
ATOM   708  O OD1 . ASN B 1 1  ? 3.397   -23.479 20.198  1.00 49.32  ? 969  ASN B OD1 1 
ATOM   709  N ND2 . ASN B 1 1  ? 1.539   -24.664 19.739  1.00 47.10  ? 969  ASN B ND2 1 
ATOM   710  N N   . GLN B 1 2  ? -0.188  -19.994 17.934  1.00 43.44  ? 970  GLN B N   1 
ATOM   711  C CA  . GLN B 1 2  ? -0.684  -19.101 16.900  1.00 44.33  ? 970  GLN B CA  1 
ATOM   712  C C   . GLN B 1 2  ? 0.198   -17.865 16.867  1.00 42.84  ? 970  GLN B C   1 
ATOM   713  O O   . GLN B 1 2  ? 0.670   -17.461 15.812  1.00 43.68  ? 970  GLN B O   1 
ATOM   714  C CB  . GLN B 1 2  ? -2.125  -18.708 17.193  1.00 46.04  ? 970  GLN B CB  1 
ATOM   715  C CG  . GLN B 1 2  ? -3.020  -19.888 17.503  1.00 54.11  ? 970  GLN B CG  1 
ATOM   716  C CD  . GLN B 1 2  ? -3.426  -20.675 16.273  1.00 58.66  ? 970  GLN B CD  1 
ATOM   717  O OE1 . GLN B 1 2  ? -2.579  -21.166 15.520  1.00 58.67  ? 970  GLN B OE1 1 
ATOM   718  N NE2 . GLN B 1 2  ? -4.734  -20.808 16.066  1.00 60.98  ? 970  GLN B NE2 1 
ATOM   719  N N   . LYS B 1 3  ? 0.423   -17.275 18.034  1.00 40.13  ? 971  LYS B N   1 
ATOM   720  C CA  . LYS B 1 3  ? 1.264   -16.093 18.132  1.00 39.52  ? 971  LYS B CA  1 
ATOM   721  C C   . LYS B 1 3  ? 2.588   -16.365 17.415  1.00 38.25  ? 971  LYS B C   1 
ATOM   722  O O   . LYS B 1 3  ? 3.048   -15.553 16.610  1.00 37.09  ? 971  LYS B O   1 
ATOM   723  C CB  . LYS B 1 3  ? 1.541   -15.766 19.602  1.00 41.01  ? 971  LYS B CB  1 
ATOM   724  C CG  . LYS B 1 3  ? 1.058   -14.409 20.078  1.00 38.37  ? 971  LYS B CG  1 
ATOM   725  C CD  . LYS B 1 3  ? -0.420  -14.394 20.400  1.00 38.30  ? 971  LYS B CD  1 
ATOM   726  C CE  . LYS B 1 3  ? -0.789  -13.078 21.073  1.00 42.02  ? 971  LYS B CE  1 
ATOM   727  N NZ  . LYS B 1 3  ? -2.227  -12.969 21.429  1.00 38.68  ? 971  LYS B NZ  1 
ATOM   728  N N   . MET B 1 4  ? 3.199   -17.511 17.711  1.00 36.10  ? 972  MET B N   1 
ATOM   729  C CA  . MET B 1 4  ? 4.467   -17.866 17.088  1.00 36.96  ? 972  MET B CA  1 
ATOM   730  C C   . MET B 1 4  ? 4.364   -17.876 15.566  1.00 34.76  ? 972  MET B C   1 
ATOM   731  O O   . MET B 1 4  ? 5.120   -17.178 14.878  1.00 33.13  ? 972  MET B O   1 
ATOM   732  C CB  . MET B 1 4  ? 4.947   -19.237 17.574  1.00 40.60  ? 972  MET B CB  1 
ATOM   733  C CG  . MET B 1 4  ? 5.955   -19.887 16.631  1.00 42.54  ? 972  MET B CG  1 
ATOM   734  S SD  . MET B 1 4  ? 6.562   -21.462 17.234  1.00 50.38  ? 972  MET B SD  1 
ATOM   735  C CE  . MET B 1 4  ? 5.099   -22.498 16.951  1.00 51.05  ? 972  MET B CE  1 
ATOM   736  N N   . ILE B 1 5  ? 3.431   -18.678 15.054  1.00 30.33  ? 973  ILE B N   1 
ATOM   737  C CA  . ILE B 1 5  ? 3.202   -18.795 13.623  1.00 27.44  ? 973  ILE B CA  1 
ATOM   738  C C   . ILE B 1 5  ? 2.905   -17.428 13.017  1.00 25.26  ? 973  ILE B C   1 
ATOM   739  O O   . ILE B 1 5  ? 3.453   -17.061 11.968  1.00 22.10  ? 973  ILE B O   1 
ATOM   740  C CB  . ILE B 1 5  ? 2.016   -19.743 13.349  1.00 33.07  ? 973  ILE B CB  1 
ATOM   741  C CG1 . ILE B 1 5  ? 2.331   -21.130 13.934  1.00 34.14  ? 973  ILE B CG1 1 
ATOM   742  C CG2 . ILE B 1 5  ? 1.719   -19.807 11.844  1.00 30.40  ? 973  ILE B CG2 1 
ATOM   743  C CD1 . ILE B 1 5  ? 1.146   -22.087 13.963  1.00 36.17  ? 973  ILE B CD1 1 
ATOM   744  N N   . ALA B 1 6  ? 2.051   -16.670 13.697  1.00 25.82  ? 974  ALA B N   1 
ATOM   745  C CA  . ALA B 1 6  ? 1.663   -15.341 13.238  1.00 27.84  ? 974  ALA B CA  1 
ATOM   746  C C   . ALA B 1 6  ? 2.814   -14.360 13.298  1.00 29.44  ? 974  ALA B C   1 
ATOM   747  O O   . ALA B 1 6  ? 2.995   -13.547 12.387  1.00 32.20  ? 974  ALA B O   1 
ATOM   748  C CB  . ALA B 1 6  ? 0.500   -14.819 14.055  1.00 28.56  ? 974  ALA B CB  1 
ATOM   749  N N   . SER B 1 7  ? 3.588   -14.420 14.373  1.00 29.99  ? 975  SER B N   1 
ATOM   750  C CA  . SER B 1 7  ? 4.728   -13.521 14.520  1.00 29.98  ? 975  SER B CA  1 
ATOM   751  C C   . SER B 1 7  ? 5.723   -13.904 13.421  1.00 25.56  ? 975  SER B C   1 
ATOM   752  O O   . SER B 1 7  ? 6.282   -13.050 12.735  1.00 22.72  ? 975  SER B O   1 
ATOM   753  C CB  . SER B 1 7  ? 5.332   -13.699 15.917  1.00 36.58  ? 975  SER B CB  1 
ATOM   754  O OG  . SER B 1 7  ? 6.347   -12.744 16.166  1.00 48.63  ? 975  SER B OG  1 
ATOM   755  N N   . ALA B 1 8  ? 5.916   -15.206 13.237  1.00 24.34  ? 976  ALA B N   1 
ATOM   756  C CA  . ALA B 1 8  ? 6.821   -15.706 12.200  1.00 21.68  ? 976  ALA B CA  1 
ATOM   757  C C   . ALA B 1 8  ? 6.374   -15.219 10.826  1.00 21.42  ? 976  ALA B C   1 
ATOM   758  O O   . ALA B 1 8  ? 7.187   -14.762 10.034  1.00 22.01  ? 976  ALA B O   1 
ATOM   759  C CB  . ALA B 1 8  ? 6.864   -17.234 12.231  1.00 18.04  ? 976  ALA B CB  1 
ATOM   760  N N   . PHE B 1 9  ? 5.069   -15.314 10.558  1.00 22.00  ? 977  PHE B N   1 
ATOM   761  C CA  . PHE B 1 9  ? 4.485   -14.882 9.286   1.00 21.89  ? 977  PHE B CA  1 
ATOM   762  C C   . PHE B 1 9  ? 4.668   -13.385 9.056   1.00 17.83  ? 977  PHE B C   1 
ATOM   763  O O   . PHE B 1 9  ? 5.207   -12.977 8.034   1.00 18.01  ? 977  PHE B O   1 
ATOM   764  C CB  . PHE B 1 9  ? 2.993   -15.236 9.273   1.00 27.59  ? 977  PHE B CB  1 
ATOM   765  C CG  . PHE B 1 9  ? 2.286   -14.901 7.993   1.00 31.76  ? 977  PHE B CG  1 
ATOM   766  C CD1 . PHE B 1 9  ? 2.571   -15.595 6.818   1.00 34.35  ? 977  PHE B CD1 1 
ATOM   767  C CD2 . PHE B 1 9  ? 1.311   -13.904 7.965   1.00 33.27  ? 977  PHE B CD2 1 
ATOM   768  C CE1 . PHE B 1 9  ? 1.891   -15.308 5.632   1.00 34.93  ? 977  PHE B CE1 1 
ATOM   769  C CE2 . PHE B 1 9  ? 0.619   -13.609 6.777   1.00 36.63  ? 977  PHE B CE2 1 
ATOM   770  C CZ  . PHE B 1 9  ? 0.911   -14.311 5.610   1.00 33.91  ? 977  PHE B CZ  1 
ATOM   771  N N   . ASN B 1 10 ? 4.222   -12.567 10.007  1.00 16.93  ? 978  ASN B N   1 
ATOM   772  C CA  . ASN B 1 10 ? 4.359   -11.115 9.888   1.00 21.27  ? 978  ASN B CA  1 
ATOM   773  C C   . ASN B 1 10 ? 5.828   -10.762 9.704   1.00 23.37  ? 978  ASN B C   1 
ATOM   774  O O   . ASN B 1 10 ? 6.185   -9.841  8.961   1.00 25.28  ? 978  ASN B O   1 
ATOM   775  C CB  . ASN B 1 10 ? 3.828   -10.399 11.144  1.00 22.03  ? 978  ASN B CB  1 
ATOM   776  C CG  . ASN B 1 10 ? 2.313   -10.517 11.304  1.00 22.22  ? 978  ASN B CG  1 
ATOM   777  O OD1 . ASN B 1 10 ? 1.605   -10.972 10.405  1.00 19.69  ? 978  ASN B OD1 1 
ATOM   778  N ND2 . ASN B 1 10 ? 1.815   -10.088 12.450  1.00 23.09  ? 978  ASN B ND2 1 
ATOM   779  N N   . ASN B 1 11 ? 6.688   -11.506 10.381  1.00 24.20  ? 979  ASN B N   1 
ATOM   780  C CA  . ASN B 1 11 ? 8.104   -11.254 10.280  1.00 24.44  ? 979  ASN B CA  1 
ATOM   781  C C   . ASN B 1 11 ? 8.607   -11.430 8.833   1.00 24.46  ? 979  ASN B C   1 
ATOM   782  O O   . ASN B 1 11 ? 9.312   -10.560 8.309   1.00 19.64  ? 979  ASN B O   1 
ATOM   783  C CB  . ASN B 1 11 ? 8.836   -12.179 11.240  1.00 29.23  ? 979  ASN B CB  1 
ATOM   784  C CG  . ASN B 1 11 ? 10.118  -11.580 11.762  1.00 34.07  ? 979  ASN B CG  1 
ATOM   785  O OD1 . ASN B 1 11 ? 11.109  -11.482 11.047  1.00 34.86  ? 979  ASN B OD1 1 
ATOM   786  N ND2 . ASN B 1 11 ? 10.101  -11.165 13.021  1.00 39.49  ? 979  ASN B ND2 1 
ATOM   787  N N   . ALA B 1 12 ? 8.245   -12.539 8.183   1.00 23.74  ? 980  ALA B N   1 
ATOM   788  C CA  . ALA B 1 12 ? 8.684   -12.765 6.802   1.00 21.49  ? 980  ALA B CA  1 
ATOM   789  C C   . ALA B 1 12 ? 8.042   -11.761 5.842   1.00 21.87  ? 980  ALA B C   1 
ATOM   790  O O   . ALA B 1 12 ? 8.649   -11.379 4.848   1.00 22.09  ? 980  ALA B O   1 
ATOM   791  C CB  . ALA B 1 12 ? 8.372   -14.191 6.366   1.00 19.77  ? 980  ALA B CB  1 
ATOM   792  N N   . LEU B 1 13 ? 6.810   -11.345 6.128   1.00 23.72  ? 981  LEU B N   1 
ATOM   793  C CA  . LEU B 1 13 ? 6.142   -10.355 5.278   1.00 24.35  ? 981  LEU B CA  1 
ATOM   794  C C   . LEU B 1 13 ? 7.043   -9.124  5.154   1.00 27.40  ? 981  LEU B C   1 
ATOM   795  O O   . LEU B 1 13 ? 7.283   -8.617  4.061   1.00 28.51  ? 981  LEU B O   1 
ATOM   796  C CB  . LEU B 1 13 ? 4.803   -9.934  5.888   1.00 24.70  ? 981  LEU B CB  1 
ATOM   797  C CG  . LEU B 1 13 ? 3.610   -10.892 5.884   1.00 26.78  ? 981  LEU B CG  1 
ATOM   798  C CD1 . LEU B 1 13 ? 2.456   -10.245 6.645   1.00 21.75  ? 981  LEU B CD1 1 
ATOM   799  C CD2 . LEU B 1 13 ? 3.202   -11.232 4.444   1.00 23.36  ? 981  LEU B CD2 1 
ATOM   800  N N   . GLY B 1 14 ? 7.537   -8.643  6.292   1.00 29.02  ? 982  GLY B N   1 
ATOM   801  C CA  . GLY B 1 14 ? 8.412   -7.490  6.274   1.00 27.31  ? 982  GLY B CA  1 
ATOM   802  C C   . GLY B 1 14 ? 9.543   -7.695  5.288   1.00 28.41  ? 982  GLY B C   1 
ATOM   803  O O   . GLY B 1 14 ? 9.767   -6.873  4.404   1.00 29.67  ? 982  GLY B O   1 
ATOM   804  N N   . ALA B 1 15 ? 10.249  -8.812  5.442   1.00 28.25  ? 983  ALA B N   1 
ATOM   805  C CA  . ALA B 1 15 ? 11.375  -9.177  4.592   1.00 27.31  ? 983  ALA B CA  1 
ATOM   806  C C   . ALA B 1 15 ? 11.036  -9.199  3.104   1.00 27.85  ? 983  ALA B C   1 
ATOM   807  O O   . ALA B 1 15 ? 11.819  -8.725  2.284   1.00 28.40  ? 983  ALA B O   1 
ATOM   808  C CB  . ALA B 1 15 ? 11.909  -10.529 5.021   1.00 25.76  ? 983  ALA B CB  1 
ATOM   809  N N   . ILE B 1 16 ? 9.881   -9.769  2.761   1.00 27.40  ? 984  ILE B N   1 
ATOM   810  C CA  . ILE B 1 16 ? 9.426   -9.856  1.371   1.00 28.06  ? 984  ILE B CA  1 
ATOM   811  C C   . ILE B 1 16 ? 9.288   -8.451  0.770   1.00 28.12  ? 984  ILE B C   1 
ATOM   812  O O   . ILE B 1 16 ? 9.897   -8.133  -0.258  1.00 26.00  ? 984  ILE B O   1 
ATOM   813  C CB  . ILE B 1 16 ? 8.058   -10.600 1.293   1.00 29.81  ? 984  ILE B CB  1 
ATOM   814  C CG1 . ILE B 1 16 ? 8.230   -12.046 1.770   1.00 28.84  ? 984  ILE B CG1 1 
ATOM   815  C CG2 . ILE B 1 16 ? 7.510   -10.559 -0.119  1.00 25.22  ? 984  ILE B CG2 1 
ATOM   816  C CD1 . ILE B 1 16 ? 6.938   -12.810 1.946   1.00 29.40  ? 984  ILE B CD1 1 
ATOM   817  N N   . GLN B 1 17 ? 8.494   -7.607  1.426   1.00 28.21  ? 985  GLN B N   1 
ATOM   818  C CA  . GLN B 1 17 ? 8.292   -6.234  0.973   1.00 28.13  ? 985  GLN B CA  1 
ATOM   819  C C   . GLN B 1 17 ? 9.627   -5.519  0.791   1.00 27.77  ? 985  GLN B C   1 
ATOM   820  O O   . GLN B 1 17 ? 9.860   -4.827  -0.212  1.00 25.30  ? 985  GLN B O   1 
ATOM   821  C CB  . GLN B 1 17 ? 7.435   -5.486  1.986   1.00 27.43  ? 985  GLN B CB  1 
ATOM   822  C CG  . GLN B 1 17 ? 6.028   -6.007  2.072   1.00 31.27  ? 985  GLN B CG  1 
ATOM   823  C CD  . GLN B 1 17 ? 5.229   -5.315  3.144   1.00 35.16  ? 985  GLN B CD  1 
ATOM   824  O OE1 . GLN B 1 17 ? 4.001   -5.221  3.059   1.00 37.27  ? 985  GLN B OE1 1 
ATOM   825  N NE2 . GLN B 1 17 ? 5.918   -4.833  4.171   1.00 37.42  ? 985  GLN B NE2 1 
ATOM   826  N N   . ASP B 1 18 ? 10.504  -5.678  1.771   1.00 29.31  ? 986  ASP B N   1 
ATOM   827  C CA  . ASP B 1 18 ? 11.824  -5.075  1.692   1.00 33.50  ? 986  ASP B CA  1 
ATOM   828  C C   . ASP B 1 18 ? 12.474  -5.615  0.408   1.00 33.77  ? 986  ASP B C   1 
ATOM   829  O O   . ASP B 1 18 ? 13.121  -4.880  -0.343  1.00 32.05  ? 986  ASP B O   1 
ATOM   830  C CB  . ASP B 1 18 ? 12.657  -5.470  2.921   1.00 39.15  ? 986  ASP B CB  1 
ATOM   831  C CG  . ASP B 1 18 ? 12.198  -4.765  4.202   1.00 47.02  ? 986  ASP B CG  1 
ATOM   832  O OD1 . ASP B 1 18 ? 11.104  -4.150  4.206   1.00 49.45  ? 986  ASP B OD1 1 
ATOM   833  O OD2 . ASP B 1 18 ? 12.938  -4.834  5.212   1.00 49.27  ? 986  ASP B OD2 1 
ATOM   834  N N   . GLY B 1 19 ? 12.266  -6.904  0.155   1.00 31.16  ? 987  GLY B N   1 
ATOM   835  C CA  . GLY B 1 19 ? 12.825  -7.527  -1.030  1.00 28.64  ? 987  GLY B CA  1 
ATOM   836  C C   . GLY B 1 19 ? 12.255  -6.929  -2.298  1.00 24.16  ? 987  GLY B C   1 
ATOM   837  O O   . GLY B 1 19 ? 12.995  -6.594  -3.222  1.00 19.91  ? 987  GLY B O   1 
ATOM   838  N N   . PHE B 1 20 ? 10.935  -6.795  -2.344  1.00 25.54  ? 988  PHE B N   1 
ATOM   839  C CA  . PHE B 1 20 ? 10.277  -6.220  -3.511  1.00 25.46  ? 988  PHE B CA  1 
ATOM   840  C C   . PHE B 1 20 ? 10.569  -4.746  -3.695  1.00 26.14  ? 988  PHE B C   1 
ATOM   841  O O   . PHE B 1 20 ? 10.519  -4.241  -4.806  1.00 25.37  ? 988  PHE B O   1 
ATOM   842  C CB  . PHE B 1 20 ? 8.776   -6.485  -3.453  1.00 27.36  ? 988  PHE B CB  1 
ATOM   843  C CG  . PHE B 1 20 ? 8.415   -7.881  -3.863  1.00 28.51  ? 988  PHE B CG  1 
ATOM   844  C CD1 . PHE B 1 20 ? 7.583   -8.665  -3.079  1.00 30.02  ? 988  PHE B CD1 1 
ATOM   845  C CD2 . PHE B 1 20 ? 8.951   -8.426  -5.032  1.00 30.17  ? 988  PHE B CD2 1 
ATOM   846  C CE1 . PHE B 1 20 ? 7.284   -9.985  -3.449  1.00 32.73  ? 988  PHE B CE1 1 
ATOM   847  C CE2 . PHE B 1 20 ? 8.663   -9.740  -5.414  1.00 32.23  ? 988  PHE B CE2 1 
ATOM   848  C CZ  . PHE B 1 20 ? 7.830   -10.524 -4.620  1.00 30.38  ? 988  PHE B CZ  1 
ATOM   849  N N   . ASP B 1 21 ? 10.887  -4.052  -2.607  1.00 30.86  ? 989  ASP B N   1 
ATOM   850  C CA  . ASP B 1 21 ? 11.242  -2.638  -2.713  1.00 32.06  ? 989  ASP B CA  1 
ATOM   851  C C   . ASP B 1 21 ? 12.622  -2.561  -3.337  1.00 29.83  ? 989  ASP B C   1 
ATOM   852  O O   . ASP B 1 21 ? 12.847  -1.796  -4.265  1.00 32.09  ? 989  ASP B O   1 
ATOM   853  C CB  . ASP B 1 21 ? 11.276  -1.954  -1.339  1.00 36.03  ? 989  ASP B CB  1 
ATOM   854  C CG  . ASP B 1 21 ? 9.964   -1.259  -0.990  1.00 41.51  ? 989  ASP B CG  1 
ATOM   855  O OD1 . ASP B 1 21 ? 9.409   -0.548  -1.862  1.00 42.98  ? 989  ASP B OD1 1 
ATOM   856  O OD2 . ASP B 1 21 ? 9.500   -1.411  0.160   1.00 44.25  ? 989  ASP B OD2 1 
ATOM   857  N N   . ALA B 1 22 ? 13.546  -3.365  -2.819  1.00 29.71  ? 990  ALA B N   1 
ATOM   858  C CA  . ALA B 1 22 ? 14.919  -3.398  -3.324  1.00 27.91  ? 990  ALA B CA  1 
ATOM   859  C C   . ALA B 1 22 ? 14.970  -3.744  -4.814  1.00 26.06  ? 990  ALA B C   1 
ATOM   860  O O   . ALA B 1 22 ? 15.860  -3.283  -5.529  1.00 28.37  ? 990  ALA B O   1 
ATOM   861  C CB  . ALA B 1 22 ? 15.751  -4.400  -2.526  1.00 27.39  ? 990  ALA B CB  1 
ATOM   862  N N   . THR B 1 23 ? 14.021  -4.554  -5.279  1.00 24.22  ? 991  THR B N   1 
ATOM   863  C CA  . THR B 1 23 ? 13.964  -4.919  -6.689  1.00 26.88  ? 991  THR B CA  1 
ATOM   864  C C   . THR B 1 23 ? 13.485  -3.707  -7.496  1.00 29.42  ? 991  THR B C   1 
ATOM   865  O O   . THR B 1 23 ? 14.023  -3.396  -8.566  1.00 27.11  ? 991  THR B O   1 
ATOM   866  C CB  . THR B 1 23 ? 13.011  -6.108  -6.924  1.00 27.92  ? 991  THR B CB  1 
ATOM   867  O OG1 . THR B 1 23 ? 13.504  -7.256  -6.222  1.00 29.31  ? 991  THR B OG1 1 
ATOM   868  C CG2 . THR B 1 23 ? 12.917  -6.442  -8.413  1.00 27.40  ? 991  THR B CG2 1 
ATOM   869  N N   . ASN B 1 24 ? 12.475  -3.016  -6.978  1.00 32.58  ? 992  ASN B N   1 
ATOM   870  C CA  . ASN B 1 24 ? 11.961  -1.827  -7.657  1.00 34.93  ? 992  ASN B CA  1 
ATOM   871  C C   . ASN B 1 24 ? 13.038  -0.768  -7.751  1.00 34.88  ? 992  ASN B C   1 
ATOM   872  O O   . ASN B 1 24 ? 13.229  -0.153  -8.798  1.00 37.30  ? 992  ASN B O   1 
ATOM   873  C CB  . ASN B 1 24 ? 10.739  -1.273  -6.933  1.00 34.80  ? 992  ASN B CB  1 
ATOM   874  C CG  . ASN B 1 24 ? 9.456   -1.678  -7.601  1.00 37.17  ? 992  ASN B CG  1 
ATOM   875  O OD1 . ASN B 1 24 ? 8.392   -1.693  -6.983  1.00 38.96  ? 992  ASN B OD1 1 
ATOM   876  N ND2 . ASN B 1 24 ? 9.547   -2.009  -8.883  1.00 34.81  ? 992  ASN B ND2 1 
ATOM   877  N N   . SER B 1 25 ? 13.749  -0.551  -6.658  1.00 35.91  ? 993  SER B N   1 
ATOM   878  C CA  . SER B 1 25 ? 14.813  0.434   -6.692  1.00 37.42  ? 993  SER B CA  1 
ATOM   879  C C   . SER B 1 25 ? 15.793  0.002   -7.783  1.00 36.05  ? 993  SER B C   1 
ATOM   880  O O   . SER B 1 25 ? 16.161  0.794   -8.648  1.00 34.09  ? 993  SER B O   1 
ATOM   881  C CB  . SER B 1 25 ? 15.515  0.512   -5.337  1.00 37.66  ? 993  SER B CB  1 
ATOM   882  O OG  . SER B 1 25 ? 16.573  1.456   -5.373  1.00 44.31  ? 993  SER B OG  1 
ATOM   883  N N   . ALA B 1 26 ? 16.196  -1.266  -7.749  1.00 36.59  ? 994  ALA B N   1 
ATOM   884  C CA  . ALA B 1 26 ? 17.133  -1.809  -8.741  1.00 33.39  ? 994  ALA B CA  1 
ATOM   885  C C   . ALA B 1 26 ? 16.658  -1.533  -10.158 1.00 31.83  ? 994  ALA B C   1 
ATOM   886  O O   . ALA B 1 26 ? 17.407  -0.996  -10.971 1.00 31.66  ? 994  ALA B O   1 
ATOM   887  C CB  . ALA B 1 26 ? 17.293  -3.303  -8.542  1.00 35.68  ? 994  ALA B CB  1 
ATOM   888  N N   . LEU B 1 27 ? 15.408  -1.903  -10.443 1.00 30.35  ? 995  LEU B N   1 
ATOM   889  C CA  . LEU B 1 27 ? 14.831  -1.699  -11.765 1.00 30.62  ? 995  LEU B CA  1 
ATOM   890  C C   . LEU B 1 27 ? 14.798  -0.239  -12.189 1.00 30.80  ? 995  LEU B C   1 
ATOM   891  O O   . LEU B 1 27 ? 14.871  0.074   -13.377 1.00 33.04  ? 995  LEU B O   1 
ATOM   892  C CB  . LEU B 1 27 ? 13.420  -2.275  -11.832 1.00 31.44  ? 995  LEU B CB  1 
ATOM   893  C CG  . LEU B 1 27 ? 13.257  -3.799  -11.815 1.00 29.29  ? 995  LEU B CG  1 
ATOM   894  C CD1 . LEU B 1 27 ? 11.810  -4.113  -12.130 1.00 32.06  ? 995  LEU B CD1 1 
ATOM   895  C CD2 . LEU B 1 27 ? 14.162  -4.462  -12.835 1.00 26.86  ? 995  LEU B CD2 1 
ATOM   896  N N   . GLY B 1 28 ? 14.677  0.658   -11.222 1.00 31.20  ? 996  GLY B N   1 
ATOM   897  C CA  . GLY B 1 28 ? 14.677  2.070   -11.548 1.00 31.70  ? 996  GLY B CA  1 
ATOM   898  C C   . GLY B 1 28 ? 16.061  2.524   -11.991 1.00 31.83  ? 996  GLY B C   1 
ATOM   899  O O   . GLY B 1 28 ? 16.182  3.333   -12.912 1.00 32.65  ? 996  GLY B O   1 
ATOM   900  N N   . LYS B 1 29 ? 17.107  2.013   -11.340 1.00 29.84  ? 997  LYS B N   1 
ATOM   901  C CA  . LYS B 1 29 ? 18.476  2.388   -11.697 1.00 33.87  ? 997  LYS B CA  1 
ATOM   902  C C   . LYS B 1 29 ? 18.833  1.898   -13.094 1.00 32.80  ? 997  LYS B C   1 
ATOM   903  O O   . LYS B 1 29 ? 19.514  2.589   -13.849 1.00 31.63  ? 997  LYS B O   1 
ATOM   904  C CB  . LYS B 1 29 ? 19.502  1.793   -10.724 1.00 36.16  ? 997  LYS B CB  1 
ATOM   905  C CG  . LYS B 1 29 ? 19.529  2.353   -9.324  1.00 34.57  ? 997  LYS B CG  1 
ATOM   906  C CD  . LYS B 1 29 ? 20.705  1.735   -8.575  1.00 41.29  ? 997  LYS B CD  1 
ATOM   907  C CE  . LYS B 1 29 ? 20.756  2.168   -7.118  1.00 43.50  ? 997  LYS B CE  1 
ATOM   908  N NZ  . LYS B 1 29 ? 20.782  3.646   -6.982  1.00 48.02  ? 997  LYS B NZ  1 
ATOM   909  N N   . ILE B 1 30 ? 18.376  0.692   -13.416 1.00 32.21  ? 998  ILE B N   1 
ATOM   910  C CA  . ILE B 1 30 ? 18.634  0.072   -14.711 1.00 29.55  ? 998  ILE B CA  1 
ATOM   911  C C   . ILE B 1 30 ? 18.018  0.860   -15.868 1.00 29.11  ? 998  ILE B C   1 
ATOM   912  O O   . ILE B 1 30 ? 18.638  1.020   -16.925 1.00 25.22  ? 998  ILE B O   1 
ATOM   913  C CB  . ILE B 1 30 ? 18.105  -1.384  -14.718 1.00 29.97  ? 998  ILE B CB  1 
ATOM   914  C CG1 . ILE B 1 30 ? 18.879  -2.202  -13.678 1.00 24.39  ? 998  ILE B CG1 1 
ATOM   915  C CG2 . ILE B 1 30 ? 18.251  -1.998  -16.116 1.00 29.35  ? 998  ILE B CG2 1 
ATOM   916  C CD1 . ILE B 1 30 ? 18.247  -3.506  -13.291 1.00 18.23  ? 998  ILE B CD1 1 
ATOM   917  N N   . GLN B 1 31 ? 16.798  1.346   -15.664 1.00 31.12  ? 999  GLN B N   1 
ATOM   918  C CA  . GLN B 1 31 ? 16.097  2.130   -16.682 1.00 33.45  ? 999  GLN B CA  1 
ATOM   919  C C   . GLN B 1 31 ? 16.838  3.453   -16.877 1.00 33.64  ? 999  GLN B C   1 
ATOM   920  O O   . GLN B 1 31 ? 16.951  3.968   -17.982 1.00 34.83  ? 999  GLN B O   1 
ATOM   921  C CB  . GLN B 1 31 ? 14.656  2.387   -16.224 1.00 36.18  ? 999  GLN B CB  1 
ATOM   922  C CG  . GLN B 1 31 ? 13.759  3.124   -17.206 1.00 39.02  ? 999  GLN B CG  1 
ATOM   923  C CD  . GLN B 1 31 ? 12.289  3.088   -16.780 1.00 44.49  ? 999  GLN B CD  1 
ATOM   924  O OE1 . GLN B 1 31 ? 11.638  2.041   -16.836 1.00 48.26  ? 999  GLN B OE1 1 
ATOM   925  N NE2 . GLN B 1 31 ? 11.769  4.231   -16.346 1.00 46.14  ? 999  GLN B NE2 1 
ATOM   926  N N   . SER B 1 32 ? 17.352  3.992   -15.783 1.00 32.69  ? 1000 SER B N   1 
ATOM   927  C CA  . SER B 1 32 ? 18.083  5.239   -15.826 1.00 33.23  ? 1000 SER B CA  1 
ATOM   928  C C   . SER B 1 32 ? 19.416  5.065   -16.555 1.00 33.13  ? 1000 SER B C   1 
ATOM   929  O O   . SER B 1 32 ? 19.751  5.848   -17.445 1.00 34.35  ? 1000 SER B O   1 
ATOM   930  C CB  . SER B 1 32 ? 18.324  5.741   -14.396 1.00 35.05  ? 1000 SER B CB  1 
ATOM   931  O OG  . SER B 1 32 ? 19.156  6.892   -14.380 1.00 40.01  ? 1000 SER B OG  1 
ATOM   932  N N   . VAL B 1 33 ? 20.177  4.041   -16.182 1.00 30.20  ? 1001 VAL B N   1 
ATOM   933  C CA  . VAL B 1 33 ? 21.471  3.810   -16.814 1.00 26.40  ? 1001 VAL B CA  1 
ATOM   934  C C   . VAL B 1 33 ? 21.372  3.322   -18.265 1.00 23.04  ? 1001 VAL B C   1 
ATOM   935  O O   . VAL B 1 33 ? 22.012  3.880   -19.140 1.00 21.31  ? 1001 VAL B O   1 
ATOM   936  C CB  . VAL B 1 33 ? 22.340  2.831   -15.971 1.00 28.15  ? 1001 VAL B CB  1 
ATOM   937  C CG1 . VAL B 1 33 ? 23.614  2.462   -16.721 1.00 23.50  ? 1001 VAL B CG1 1 
ATOM   938  C CG2 . VAL B 1 33 ? 22.705  3.491   -14.641 1.00 25.99  ? 1001 VAL B CG2 1 
ATOM   939  N N   . VAL B 1 34 ? 20.570  2.299   -18.528 1.00 21.59  ? 1002 VAL B N   1 
ATOM   940  C CA  . VAL B 1 34 ? 20.421  1.786   -19.890 1.00 22.42  ? 1002 VAL B CA  1 
ATOM   941  C C   . VAL B 1 34 ? 19.879  2.847   -20.880 1.00 23.48  ? 1002 VAL B C   1 
ATOM   942  O O   . VAL B 1 34 ? 20.384  2.966   -22.004 1.00 23.20  ? 1002 VAL B O   1 
ATOM   943  C CB  . VAL B 1 34 ? 19.508  0.512   -19.913 1.00 23.68  ? 1002 VAL B CB  1 
ATOM   944  C CG1 . VAL B 1 34 ? 19.107  0.155   -21.350 1.00 25.69  ? 1002 VAL B CG1 1 
ATOM   945  C CG2 . VAL B 1 34 ? 20.248  -0.663  -19.296 1.00 20.07  ? 1002 VAL B CG2 1 
ATOM   946  N N   . ASN B 1 35 ? 18.880  3.628   -20.481 1.00 22.97  ? 1003 ASN B N   1 
ATOM   947  C CA  . ASN B 1 35 ? 18.344  4.656   -21.386 1.00 29.05  ? 1003 ASN B CA  1 
ATOM   948  C C   . ASN B 1 35 ? 19.342  5.773   -21.658 1.00 30.98  ? 1003 ASN B C   1 
ATOM   949  O O   . ASN B 1 35 ? 19.506  6.212   -22.798 1.00 35.25  ? 1003 ASN B O   1 
ATOM   950  C CB  . ASN B 1 35 ? 17.060  5.275   -20.834 1.00 30.59  ? 1003 ASN B CB  1 
ATOM   951  C CG  . ASN B 1 35 ? 15.872  4.373   -20.989 1.00 29.09  ? 1003 ASN B CG  1 
ATOM   952  O OD1 . ASN B 1 35 ? 15.924  3.377   -21.703 1.00 31.47  ? 1003 ASN B OD1 1 
ATOM   953  N ND2 . ASN B 1 35 ? 14.783  4.721   -20.328 1.00 31.12  ? 1003 ASN B ND2 1 
ATOM   954  N N   . ALA B 1 36 ? 19.999  6.245   -20.604 1.00 30.81  ? 1004 ALA B N   1 
ATOM   955  C CA  . ALA B 1 36 ? 20.990  7.299   -20.747 1.00 28.57  ? 1004 ALA B CA  1 
ATOM   956  C C   . ALA B 1 36 ? 22.049  6.819   -21.725 1.00 28.15  ? 1004 ALA B C   1 
ATOM   957  O O   . ALA B 1 36 ? 22.554  7.584   -22.544 1.00 30.37  ? 1004 ALA B O   1 
ATOM   958  C CB  . ALA B 1 36 ? 21.629  7.603   -19.397 1.00 29.04  ? 1004 ALA B CB  1 
ATOM   959  N N   . ASN B 1 37 ? 22.377  5.537   -21.642 1.00 27.75  ? 1005 ASN B N   1 
ATOM   960  C CA  . ASN B 1 37 ? 23.394  4.979   -22.513 1.00 28.49  ? 1005 ASN B CA  1 
ATOM   961  C C   . ASN B 1 37 ? 22.915  4.765   -23.932 1.00 25.24  ? 1005 ASN B C   1 
ATOM   962  O O   . ASN B 1 37 ? 23.702  4.819   -24.875 1.00 22.60  ? 1005 ASN B O   1 
ATOM   963  C CB  . ASN B 1 37 ? 23.945  3.699   -21.895 1.00 32.51  ? 1005 ASN B CB  1 
ATOM   964  C CG  . ASN B 1 37 ? 25.021  3.995   -20.866 1.00 38.61  ? 1005 ASN B CG  1 
ATOM   965  O OD1 . ASN B 1 37 ? 24.909  4.946   -20.084 1.00 36.78  ? 1005 ASN B OD1 1 
ATOM   966  N ND2 . ASN B 1 37 ? 26.076  3.194   -20.870 1.00 45.06  ? 1005 ASN B ND2 1 
ATOM   967  N N   . ALA B 1 38 ? 21.614  4.542   -24.082 1.00 24.83  ? 1006 ALA B N   1 
ATOM   968  C CA  . ALA B 1 38 ? 21.029  4.373   -25.397 1.00 23.57  ? 1006 ALA B CA  1 
ATOM   969  C C   . ALA B 1 38 ? 20.993  5.753   -26.033 1.00 26.27  ? 1006 ALA B C   1 
ATOM   970  O O   . ALA B 1 38 ? 21.391  5.942   -27.183 1.00 24.76  ? 1006 ALA B O   1 
ATOM   971  C CB  . ALA B 1 38 ? 19.631  3.838   -25.270 1.00 19.69  ? 1006 ALA B CB  1 
ATOM   972  N N   . GLU B 1 39 ? 20.545  6.732   -25.255 1.00 31.33  ? 1007 GLU B N   1 
ATOM   973  C CA  . GLU B 1 39 ? 20.423  8.088   -25.748 1.00 33.79  ? 1007 GLU B CA  1 
ATOM   974  C C   . GLU B 1 39 ? 21.741  8.686   -26.185 1.00 32.70  ? 1007 GLU B C   1 
ATOM   975  O O   . GLU B 1 39 ? 21.774  9.464   -27.132 1.00 34.78  ? 1007 GLU B O   1 
ATOM   976  C CB  . GLU B 1 39 ? 19.764  8.976   -24.698 1.00 38.64  ? 1007 GLU B CB  1 
ATOM   977  C CG  . GLU B 1 39 ? 19.237  10.275  -25.276 1.00 49.53  ? 1007 GLU B CG  1 
ATOM   978  C CD  . GLU B 1 39 ? 18.401  10.059  -26.534 1.00 54.39  ? 1007 GLU B CD  1 
ATOM   979  O OE1 . GLU B 1 39 ? 17.360  9.367   -26.449 1.00 53.54  ? 1007 GLU B OE1 1 
ATOM   980  O OE2 . GLU B 1 39 ? 18.791  10.581  -27.608 1.00 55.86  ? 1007 GLU B OE2 1 
ATOM   981  N N   . ALA B 1 40 ? 22.823  8.327   -25.499 1.00 30.90  ? 1008 ALA B N   1 
ATOM   982  C CA  . ALA B 1 40 ? 24.146  8.828   -25.849 1.00 30.27  ? 1008 ALA B CA  1 
ATOM   983  C C   . ALA B 1 40 ? 24.594  8.155   -27.142 1.00 30.13  ? 1008 ALA B C   1 
ATOM   984  O O   . ALA B 1 40 ? 25.202  8.784   -28.005 1.00 34.64  ? 1008 ALA B O   1 
ATOM   985  C CB  . ALA B 1 40 ? 25.136  8.543   -24.723 1.00 28.57  ? 1008 ALA B CB  1 
ATOM   986  N N   . LEU B 1 41 ? 24.287  6.870   -27.272 1.00 31.56  ? 1009 LEU B N   1 
ATOM   987  C CA  . LEU B 1 41 ? 24.631  6.113   -28.477 1.00 33.05  ? 1009 LEU B CA  1 
ATOM   988  C C   . LEU B 1 41 ? 23.877  6.690   -29.682 1.00 33.07  ? 1009 LEU B C   1 
ATOM   989  O O   . LEU B 1 41 ? 24.435  6.826   -30.775 1.00 28.74  ? 1009 LEU B O   1 
ATOM   990  C CB  . LEU B 1 41 ? 24.266  4.634   -28.287 1.00 30.30  ? 1009 LEU B CB  1 
ATOM   991  C CG  . LEU B 1 41 ? 24.455  3.667   -29.454 1.00 32.54  ? 1009 LEU B CG  1 
ATOM   992  C CD1 . LEU B 1 41 ? 25.838  3.817   -30.068 1.00 37.33  ? 1009 LEU B CD1 1 
ATOM   993  C CD2 . LEU B 1 41 ? 24.269  2.252   -28.953 1.00 37.15  ? 1009 LEU B CD2 1 
ATOM   994  N N   . ASN B 1 42 ? 22.609  7.035   -29.465 1.00 35.02  ? 1010 ASN B N   1 
ATOM   995  C CA  . ASN B 1 42 ? 21.773  7.607   -30.516 1.00 35.83  ? 1010 ASN B CA  1 
ATOM   996  C C   . ASN B 1 42 ? 22.320  8.968   -30.973 1.00 34.92  ? 1010 ASN B C   1 
ATOM   997  O O   . ASN B 1 42 ? 22.286  9.300   -32.160 1.00 34.02  ? 1010 ASN B O   1 
ATOM   998  C CB  . ASN B 1 42 ? 20.340  7.745   -30.003 1.00 38.80  ? 1010 ASN B CB  1 
ATOM   999  C CG  . ASN B 1 42 ? 19.372  8.151   -31.088 1.00 41.93  ? 1010 ASN B CG  1 
ATOM   1000 O OD1 . ASN B 1 42 ? 18.983  9.317   -31.192 1.00 43.18  ? 1010 ASN B OD1 1 
ATOM   1001 N ND2 . ASN B 1 42 ? 18.976  7.186   -31.915 1.00 38.33  ? 1010 ASN B ND2 1 
ATOM   1002 N N   . ASN B 1 43 ? 22.821  9.749   -30.021 1.00 33.26  ? 1011 ASN B N   1 
ATOM   1003 C CA  . ASN B 1 43 ? 23.405  11.050  -30.316 1.00 35.13  ? 1011 ASN B CA  1 
ATOM   1004 C C   . ASN B 1 43 ? 24.739  10.878  -31.039 1.00 36.18  ? 1011 ASN B C   1 
ATOM   1005 O O   . ASN B 1 43 ? 25.132  11.715  -31.856 1.00 35.04  ? 1011 ASN B O   1 
ATOM   1006 C CB  . ASN B 1 43 ? 23.615  11.836  -29.031 1.00 39.18  ? 1011 ASN B CB  1 
ATOM   1007 C CG  . ASN B 1 43 ? 22.328  12.375  -28.478 1.00 40.78  ? 1011 ASN B CG  1 
ATOM   1008 O OD1 . ASN B 1 43 ? 21.584  13.048  -29.188 1.00 44.98  ? 1011 ASN B OD1 1 
ATOM   1009 N ND2 . ASN B 1 43 ? 22.051  12.091  -27.208 1.00 39.18  ? 1011 ASN B ND2 1 
ATOM   1010 N N   . LEU B 1 44 ? 25.446  9.801   -30.719 1.00 33.77  ? 1012 LEU B N   1 
ATOM   1011 C CA  . LEU B 1 44 ? 26.706  9.519   -31.394 1.00 32.03  ? 1012 LEU B CA  1 
ATOM   1012 C C   . LEU B 1 44 ? 26.367  9.254   -32.854 1.00 27.70  ? 1012 LEU B C   1 
ATOM   1013 O O   . LEU B 1 44 ? 27.052  9.721   -33.750 1.00 26.85  ? 1012 LEU B O   1 
ATOM   1014 C CB  . LEU B 1 44 ? 27.379  8.281   -30.788 1.00 30.98  ? 1012 LEU B CB  1 
ATOM   1015 C CG  . LEU B 1 44 ? 28.633  7.737   -31.482 1.00 28.85  ? 1012 LEU B CG  1 
ATOM   1016 C CD1 . LEU B 1 44 ? 29.692  8.818   -31.603 1.00 25.78  ? 1012 LEU B CD1 1 
ATOM   1017 C CD2 . LEU B 1 44 ? 29.159  6.554   -30.683 1.00 28.91  ? 1012 LEU B CD2 1 
ATOM   1018 N N   . LEU B 1 45 ? 25.291  8.503   -33.075 1.00 29.39  ? 1013 LEU B N   1 
ATOM   1019 C CA  . LEU B 1 45 ? 24.836  8.159   -34.422 1.00 31.99  ? 1013 LEU B CA  1 
ATOM   1020 C C   . LEU B 1 45 ? 24.527  9.388   -35.280 1.00 33.10  ? 1013 LEU B C   1 
ATOM   1021 O O   . LEU B 1 45 ? 24.875  9.430   -36.459 1.00 31.24  ? 1013 LEU B O   1 
ATOM   1022 C CB  . LEU B 1 45 ? 23.582  7.281   -34.362 1.00 31.75  ? 1013 LEU B CB  1 
ATOM   1023 C CG  . LEU B 1 45 ? 23.663  5.838   -33.870 1.00 32.01  ? 1013 LEU B CG  1 
ATOM   1024 C CD1 . LEU B 1 45 ? 22.255  5.269   -33.706 1.00 31.57  ? 1013 LEU B CD1 1 
ATOM   1025 C CD2 . LEU B 1 45 ? 24.471  5.005   -34.845 1.00 31.38  ? 1013 LEU B CD2 1 
ATOM   1026 N N   . ASN B 1 46 ? 23.866  10.380  -34.685 1.00 34.16  ? 1014 ASN B N   1 
ATOM   1027 C CA  . ASN B 1 46 ? 23.514  11.589  -35.411 1.00 33.92  ? 1014 ASN B CA  1 
ATOM   1028 C C   . ASN B 1 46 ? 24.754  12.417  -35.704 1.00 33.78  ? 1014 ASN B C   1 
ATOM   1029 O O   . ASN B 1 46 ? 24.854  13.042  -36.755 1.00 34.45  ? 1014 ASN B O   1 
ATOM   1030 C CB  . ASN B 1 46 ? 22.496  12.421  -34.616 1.00 37.32  ? 1014 ASN B CB  1 
ATOM   1031 C CG  . ASN B 1 46 ? 21.153  11.700  -34.425 1.00 39.84  ? 1014 ASN B CG  1 
ATOM   1032 O OD1 . ASN B 1 46 ? 20.649  11.032  -35.331 1.00 40.00  ? 1014 ASN B OD1 1 
ATOM   1033 N ND2 . ASN B 1 46 ? 20.563  11.858  -33.248 1.00 37.18  ? 1014 ASN B ND2 1 
ATOM   1034 N N   . GLN B 1 47 ? 25.704  12.412  -34.774 1.00 33.28  ? 1015 GLN B N   1 
ATOM   1035 C CA  . GLN B 1 47 ? 26.928  13.166  -34.958 1.00 31.93  ? 1015 GLN B CA  1 
ATOM   1036 C C   . GLN B 1 47 ? 27.799  12.501  -36.017 1.00 33.49  ? 1015 GLN B C   1 
ATOM   1037 O O   . GLN B 1 47 ? 28.377  13.180  -36.858 1.00 32.69  ? 1015 GLN B O   1 
ATOM   1038 C CB  . GLN B 1 47 ? 27.699  13.291  -33.639 1.00 30.42  ? 1015 GLN B CB  1 
ATOM   1039 C CG  . GLN B 1 47 ? 27.052  14.198  -32.597 1.00 26.46  ? 1015 GLN B CG  1 
ATOM   1040 C CD  . GLN B 1 47 ? 27.958  14.460  -31.402 1.00 29.31  ? 1015 GLN B CD  1 
ATOM   1041 O OE1 . GLN B 1 47 ? 29.101  14.911  -31.551 1.00 31.78  ? 1015 GLN B OE1 1 
ATOM   1042 N NE2 . GLN B 1 47 ? 27.455  14.184  -30.209 1.00 29.51  ? 1015 GLN B NE2 1 
ATOM   1043 N N   . LEU B 1 48 ? 27.886  11.172  -35.992 1.00 35.98  ? 1016 LEU B N   1 
ATOM   1044 C CA  . LEU B 1 48 ? 28.699  10.461  -36.979 1.00 37.99  ? 1016 LEU B CA  1 
ATOM   1045 C C   . LEU B 1 48 ? 28.223  10.707  -38.410 1.00 38.50  ? 1016 LEU B C   1 
ATOM   1046 O O   . LEU B 1 48 ? 29.036  10.947  -39.304 1.00 39.03  ? 1016 LEU B O   1 
ATOM   1047 C CB  . LEU B 1 48 ? 28.718  8.954   -36.695 1.00 37.23  ? 1016 LEU B CB  1 
ATOM   1048 C CG  . LEU B 1 48 ? 29.425  8.531   -35.400 1.00 35.98  ? 1016 LEU B CG  1 
ATOM   1049 C CD1 . LEU B 1 48 ? 29.384  7.018   -35.257 1.00 34.32  ? 1016 LEU B CD1 1 
ATOM   1050 C CD2 . LEU B 1 48 ? 30.860  9.018   -35.409 1.00 37.15  ? 1016 LEU B CD2 1 
ATOM   1051 N N   . SER B 1 49 ? 26.913  10.663  -38.634 1.00 39.36  ? 1017 SER B N   1 
ATOM   1052 C CA  . SER B 1 49 ? 26.394  10.893  -39.977 1.00 43.42  ? 1017 SER B CA  1 
ATOM   1053 C C   . SER B 1 49 ? 26.828  12.274  -40.489 1.00 44.54  ? 1017 SER B C   1 
ATOM   1054 O O   . SER B 1 49 ? 27.258  12.411  -41.633 1.00 46.11  ? 1017 SER B O   1 
ATOM   1055 C CB  . SER B 1 49 ? 24.865  10.772  -39.997 1.00 42.20  ? 1017 SER B CB  1 
ATOM   1056 O OG  . SER B 1 49 ? 24.274  11.753  -39.171 1.00 45.34  ? 1017 SER B OG  1 
ATOM   1057 N N   . ASN B 1 50 ? 26.729  13.290  -39.641 1.00 44.92  ? 1018 ASN B N   1 
ATOM   1058 C CA  . ASN B 1 50 ? 27.135  14.631  -40.036 1.00 46.02  ? 1018 ASN B CA  1 
ATOM   1059 C C   . ASN B 1 50 ? 28.655  14.671  -40.216 1.00 47.43  ? 1018 ASN B C   1 
ATOM   1060 O O   . ASN B 1 50 ? 29.158  15.187  -41.217 1.00 47.61  ? 1018 ASN B O   1 
ATOM   1061 C CB  . ASN B 1 50 ? 26.702  15.671  -38.986 1.00 47.16  ? 1018 ASN B CB  1 
ATOM   1062 C CG  . ASN B 1 50 ? 25.192  15.667  -38.737 1.00 47.90  ? 1018 ASN B CG  1 
ATOM   1063 O OD1 . ASN B 1 50 ? 24.390  15.550  -39.669 1.00 48.07  ? 1018 ASN B OD1 1 
ATOM   1064 N ND2 . ASN B 1 50 ? 24.805  15.801  -37.478 1.00 45.30  ? 1018 ASN B ND2 1 
ATOM   1065 N N   . ARG B 1 51 ? 29.382  14.121  -39.248 1.00 48.45  ? 1019 ARG B N   1 
ATOM   1066 C CA  . ARG B 1 51 ? 30.840  14.087  -39.316 1.00 48.94  ? 1019 ARG B CA  1 
ATOM   1067 C C   . ARG B 1 51 ? 31.292  13.489  -40.644 1.00 48.10  ? 1019 ARG B C   1 
ATOM   1068 O O   . ARG B 1 51 ? 32.133  14.062  -41.331 1.00 46.16  ? 1019 ARG B O   1 
ATOM   1069 C CB  . ARG B 1 51 ? 31.423  13.249  -38.167 1.00 51.42  ? 1019 ARG B CB  1 
ATOM   1070 C CG  . ARG B 1 51 ? 31.230  13.824  -36.769 1.00 54.22  ? 1019 ARG B CG  1 
ATOM   1071 C CD  . ARG B 1 51 ? 31.981  15.131  -36.588 1.00 54.20  ? 1019 ARG B CD  1 
ATOM   1072 N NE  . ARG B 1 51 ? 31.838  15.680  -35.239 1.00 56.52  ? 1019 ARG B NE  1 
ATOM   1073 C CZ  . ARG B 1 51 ? 30.686  16.077  -34.701 1.00 56.15  ? 1019 ARG B CZ  1 
ATOM   1074 N NH1 . ARG B 1 51 ? 29.556  15.986  -35.393 1.00 55.75  ? 1019 ARG B NH1 1 
ATOM   1075 N NH2 . ARG B 1 51 ? 30.667  16.578  -33.472 1.00 52.58  ? 1019 ARG B NH2 1 
ATOM   1076 N N   . PHE B 1 52 ? 30.732  12.336  -41.002 1.00 49.83  ? 1020 PHE B N   1 
ATOM   1077 C CA  . PHE B 1 52 ? 31.096  11.666  -42.248 1.00 52.20  ? 1020 PHE B CA  1 
ATOM   1078 C C   . PHE B 1 52 ? 30.790  12.489  -43.491 1.00 53.47  ? 1020 PHE B C   1 
ATOM   1079 O O   . PHE B 1 52 ? 30.858  11.981  -44.614 1.00 52.10  ? 1020 PHE B O   1 
ATOM   1080 C CB  . PHE B 1 52 ? 30.413  10.297  -42.342 1.00 50.73  ? 1020 PHE B CB  1 
ATOM   1081 C CG  . PHE B 1 52 ? 31.089  9.230   -41.526 1.00 52.51  ? 1020 PHE B CG  1 
ATOM   1082 C CD1 . PHE B 1 52 ? 30.403  8.084   -41.149 1.00 54.08  ? 1020 PHE B CD1 1 
ATOM   1083 C CD2 . PHE B 1 52 ? 32.408  9.385   -41.110 1.00 53.81  ? 1020 PHE B CD2 1 
ATOM   1084 C CE1 . PHE B 1 52 ? 31.016  7.111   -40.365 1.00 53.54  ? 1020 PHE B CE1 1 
ATOM   1085 C CE2 . PHE B 1 52 ? 33.032  8.415   -40.324 1.00 52.63  ? 1020 PHE B CE2 1 
ATOM   1086 C CZ  . PHE B 1 52 ? 32.333  7.281   -39.950 1.00 52.23  ? 1020 PHE B CZ  1 
ATOM   1087 N N   . GLY B 1 53 ? 30.440  13.758  -43.276 1.00 55.15  ? 1021 GLY B N   1 
ATOM   1088 C CA  . GLY B 1 53 ? 30.166  14.669  -44.373 1.00 53.93  ? 1021 GLY B CA  1 
ATOM   1089 C C   . GLY B 1 53 ? 31.499  15.290  -44.748 1.00 54.81  ? 1021 GLY B C   1 
ATOM   1090 O O   . GLY B 1 53 ? 31.664  16.511  -44.740 1.00 54.03  ? 1021 GLY B O   1 
ATOM   1091 N N   . ALA B 1 54 ? 32.464  14.428  -45.054 1.00 54.07  ? 1022 ALA B N   1 
ATOM   1092 C CA  . ALA B 1 54 ? 33.801  14.859  -45.431 1.00 53.95  ? 1022 ALA B CA  1 
ATOM   1093 C C   . ALA B 1 54 ? 34.354  13.995  -46.564 1.00 52.73  ? 1022 ALA B C   1 
ATOM   1094 O O   . ALA B 1 54 ? 33.648  13.155  -47.123 1.00 50.97  ? 1022 ALA B O   1 
ATOM   1095 C CB  . ALA B 1 54 ? 34.728  14.790  -44.219 1.00 54.81  ? 1022 ALA B CB  1 
ATOM   1096 N N   . ASP B 1 57 ? 29.634  6.352   -50.757 1.00 69.42  ? 1216 ASP B N   1 
ATOM   1097 C CA  . ASP B 1 57 ? 29.285  7.132   -49.572 1.00 69.64  ? 1216 ASP B CA  1 
ATOM   1098 C C   . ASP B 1 57 ? 29.671  6.453   -48.264 1.00 68.07  ? 1216 ASP B C   1 
ATOM   1099 O O   . ASP B 1 57 ? 29.651  5.224   -48.150 1.00 67.91  ? 1216 ASP B O   1 
ATOM   1100 C CB  . ASP B 1 57 ? 27.778  7.437   -49.535 1.00 70.68  ? 1216 ASP B CB  1 
ATOM   1101 C CG  . ASP B 1 57 ? 26.915  6.179   -49.560 1.00 73.01  ? 1216 ASP B CG  1 
ATOM   1102 O OD1 . ASP B 1 57 ? 27.367  5.107   -49.092 1.00 73.16  ? 1216 ASP B OD1 1 
ATOM   1103 O OD2 . ASP B 1 57 ? 25.762  6.274   -50.036 1.00 75.27  ? 1216 ASP B OD2 1 
ATOM   1104 N N   . LEU B 1 58 ? 30.017  7.271   -47.276 1.00 65.20  ? 1217 LEU B N   1 
ATOM   1105 C CA  . LEU B 1 58 ? 30.383  6.784   -45.957 1.00 61.96  ? 1217 LEU B CA  1 
ATOM   1106 C C   . LEU B 1 58 ? 29.131  6.998   -45.103 1.00 60.13  ? 1217 LEU B C   1 
ATOM   1107 O O   . LEU B 1 58 ? 29.208  7.269   -43.907 1.00 61.09  ? 1217 LEU B O   1 
ATOM   1108 C CB  . LEU B 1 58 ? 31.571  7.590   -45.416 1.00 60.68  ? 1217 LEU B CB  1 
ATOM   1109 C CG  . LEU B 1 58 ? 32.823  7.557   -46.306 1.00 59.40  ? 1217 LEU B CG  1 
ATOM   1110 C CD1 . LEU B 1 58 ? 33.671  8.776   -46.001 1.00 57.82  ? 1217 LEU B CD1 1 
ATOM   1111 C CD2 . LEU B 1 58 ? 33.620  6.259   -46.107 1.00 57.24  ? 1217 LEU B CD2 1 
ATOM   1112 N N   . SER B 1 59 ? 27.974  6.855   -45.743 1.00 58.84  ? 1218 SER B N   1 
ATOM   1113 C CA  . SER B 1 59 ? 26.682  7.039   -45.093 1.00 57.13  ? 1218 SER B CA  1 
ATOM   1114 C C   . SER B 1 59 ? 26.244  5.784   -44.339 1.00 55.91  ? 1218 SER B C   1 
ATOM   1115 O O   . SER B 1 59 ? 25.895  4.773   -44.941 1.00 57.42  ? 1218 SER B O   1 
ATOM   1116 C CB  . SER B 1 59 ? 25.633  7.414   -46.142 1.00 55.85  ? 1218 SER B CB  1 
ATOM   1117 O OG  . SER B 1 59 ? 24.356  7.589   -45.556 1.00 59.56  ? 1218 SER B OG  1 
ATOM   1118 N N   . LEU B 1 60 ? 26.247  5.871   -43.014 1.00 53.90  ? 1219 LEU B N   1 
ATOM   1119 C CA  . LEU B 1 60 ? 25.877  4.753   -42.150 1.00 52.82  ? 1219 LEU B CA  1 
ATOM   1120 C C   . LEU B 1 60 ? 24.553  4.091   -42.499 1.00 53.14  ? 1219 LEU B C   1 
ATOM   1121 O O   . LEU B 1 60 ? 23.626  4.744   -42.984 1.00 53.37  ? 1219 LEU B O   1 
ATOM   1122 C CB  . LEU B 1 60 ? 25.847  5.219   -40.696 1.00 50.10  ? 1219 LEU B CB  1 
ATOM   1123 C CG  . LEU B 1 60 ? 27.221  5.592   -40.127 1.00 49.91  ? 1219 LEU B CG  1 
ATOM   1124 C CD1 . LEU B 1 60 ? 27.046  6.297   -38.817 1.00 46.36  ? 1219 LEU B CD1 1 
ATOM   1125 C CD2 . LEU B 1 60 ? 28.080  4.349   -39.950 1.00 47.15  ? 1219 LEU B CD2 1 
ATOM   1126 N N   . ASP B 1 61 ? 24.479  2.783   -42.269 1.00 52.47  ? 1220 ASP B N   1 
ATOM   1127 C CA  . ASP B 1 61 ? 23.263  2.027   -42.536 1.00 52.21  ? 1220 ASP B CA  1 
ATOM   1128 C C   . ASP B 1 61 ? 22.422  1.949   -41.261 1.00 51.08  ? 1220 ASP B C   1 
ATOM   1129 O O   . ASP B 1 61 ? 22.746  1.194   -40.341 1.00 46.95  ? 1220 ASP B O   1 
ATOM   1130 C CB  . ASP B 1 61 ? 23.624  0.616   -43.017 1.00 52.78  ? 1220 ASP B CB  1 
ATOM   1131 C CG  . ASP B 1 61 ? 22.398  -0.268  -43.222 1.00 52.97  ? 1220 ASP B CG  1 
ATOM   1132 O OD1 . ASP B 1 61 ? 21.264  0.237   -43.075 1.00 51.11  ? 1220 ASP B OD1 1 
ATOM   1133 O OD2 . ASP B 1 61 ? 22.571  -1.471  -43.530 1.00 54.60  ? 1220 ASP B OD2 1 
ATOM   1134 N N   . PHE B 1 62 ? 21.350  2.737   -41.217 1.00 53.28  ? 1221 PHE B N   1 
ATOM   1135 C CA  . PHE B 1 62 ? 20.458  2.766   -40.060 1.00 57.05  ? 1221 PHE B CA  1 
ATOM   1136 C C   . PHE B 1 62 ? 19.412  1.658   -40.002 1.00 60.12  ? 1221 PHE B C   1 
ATOM   1137 O O   . PHE B 1 62 ? 18.608  1.613   -39.069 1.00 62.24  ? 1221 PHE B O   1 
ATOM   1138 C CB  . PHE B 1 62 ? 19.749  4.113   -39.956 1.00 56.21  ? 1221 PHE B CB  1 
ATOM   1139 C CG  . PHE B 1 62 ? 20.555  5.154   -39.266 1.00 56.25  ? 1221 PHE B CG  1 
ATOM   1140 C CD1 . PHE B 1 62 ? 21.520  5.874   -39.959 1.00 56.36  ? 1221 PHE B CD1 1 
ATOM   1141 C CD2 . PHE B 1 62 ? 20.388  5.383   -37.903 1.00 58.35  ? 1221 PHE B CD2 1 
ATOM   1142 C CE1 . PHE B 1 62 ? 22.318  6.807   -39.300 1.00 59.69  ? 1221 PHE B CE1 1 
ATOM   1143 C CE2 . PHE B 1 62 ? 21.179  6.309   -37.237 1.00 59.76  ? 1221 PHE B CE2 1 
ATOM   1144 C CZ  . PHE B 1 62 ? 22.146  7.022   -37.940 1.00 60.18  ? 1221 PHE B CZ  1 
ATOM   1145 N N   . GLU B 1 63 ? 19.411  0.763   -40.981 1.00 61.87  ? 1222 GLU B N   1 
ATOM   1146 C CA  . GLU B 1 63 ? 18.463  -0.343  -40.956 1.00 62.28  ? 1222 GLU B CA  1 
ATOM   1147 C C   . GLU B 1 63 ? 18.904  -1.312  -39.850 1.00 62.11  ? 1222 GLU B C   1 
ATOM   1148 O O   . GLU B 1 63 ? 18.110  -2.119  -39.365 1.00 62.25  ? 1222 GLU B O   1 
ATOM   1149 C CB  . GLU B 1 63 ? 18.456  -1.068  -42.307 1.00 63.85  ? 1222 GLU B CB  1 
ATOM   1150 C CG  . GLU B 1 63 ? 17.838  -2.470  -42.279 1.00 69.86  ? 1222 GLU B CG  1 
ATOM   1151 C CD  . GLU B 1 63 ? 16.347  -2.496  -42.606 1.00 73.77  ? 1222 GLU B CD  1 
ATOM   1152 O OE1 . GLU B 1 63 ? 15.584  -1.657  -42.070 1.00 76.00  ? 1222 GLU B OE1 1 
ATOM   1153 O OE2 . GLU B 1 63 ? 15.937  -3.371  -43.401 1.00 74.88  ? 1222 GLU B OE2 1 
ATOM   1154 N N   . LYS B 1 64 ? 20.168  -1.218  -39.440 1.00 60.52  ? 1223 LYS B N   1 
ATOM   1155 C CA  . LYS B 1 64 ? 20.683  -2.122  -38.424 1.00 60.19  ? 1223 LYS B CA  1 
ATOM   1156 C C   . LYS B 1 64 ? 21.230  -1.448  -37.170 1.00 59.99  ? 1223 LYS B C   1 
ATOM   1157 O O   . LYS B 1 64 ? 21.934  -2.088  -36.374 1.00 61.41  ? 1223 LYS B O   1 
ATOM   1158 C CB  . LYS B 1 64 ? 21.768  -3.024  -39.030 1.00 60.99  ? 1223 LYS B CB  1 
ATOM   1159 C CG  . LYS B 1 64 ? 23.041  -2.299  -39.441 1.00 60.52  ? 1223 LYS B CG  1 
ATOM   1160 C CD  . LYS B 1 64 ? 24.141  -3.282  -39.842 1.00 61.43  ? 1223 LYS B CD  1 
ATOM   1161 C CE  . LYS B 1 64 ? 25.490  -2.572  -39.925 1.00 63.91  ? 1223 LYS B CE  1 
ATOM   1162 N NZ  . LYS B 1 64 ? 26.646  -3.487  -40.134 1.00 61.34  ? 1223 LYS B NZ  1 
ATOM   1163 N N   . LEU B 1 65 ? 20.915  -0.170  -36.989 1.00 56.61  ? 1224 LEU B N   1 
ATOM   1164 C CA  . LEU B 1 65 ? 21.381  0.558   -35.813 1.00 54.37  ? 1224 LEU B CA  1 
ATOM   1165 C C   . LEU B 1 65 ? 20.214  0.997   -34.944 1.00 53.27  ? 1224 LEU B C   1 
ATOM   1166 O O   . LEU B 1 65 ? 20.164  2.147   -34.500 1.00 52.79  ? 1224 LEU B O   1 
ATOM   1167 C CB  . LEU B 1 65 ? 22.184  1.788   -36.232 1.00 52.74  ? 1224 LEU B CB  1 
ATOM   1168 C CG  . LEU B 1 65 ? 23.421  1.522   -37.080 1.00 53.43  ? 1224 LEU B CG  1 
ATOM   1169 C CD1 . LEU B 1 65 ? 23.996  2.835   -37.557 1.00 53.30  ? 1224 LEU B CD1 1 
ATOM   1170 C CD2 . LEU B 1 65 ? 24.437  0.728   -36.275 1.00 55.19  ? 1224 LEU B CD2 1 
ATOM   1171 N N   . ASN B 1 66 ? 19.278  0.080   -34.709 1.00 52.71  ? 1225 ASN B N   1 
ATOM   1172 C CA  . ASN B 1 66 ? 18.102  0.369   -33.893 1.00 51.88  ? 1225 ASN B CA  1 
ATOM   1173 C C   . ASN B 1 66 ? 18.468  0.418   -32.420 1.00 49.33  ? 1225 ASN B C   1 
ATOM   1174 O O   . ASN B 1 66 ? 19.023  -0.531  -31.878 1.00 50.63  ? 1225 ASN B O   1 
ATOM   1175 C CB  . ASN B 1 66 ? 17.024  -0.695  -34.092 1.00 53.01  ? 1225 ASN B CB  1 
ATOM   1176 C CG  . ASN B 1 66 ? 15.656  -0.237  -33.599 1.00 53.87  ? 1225 ASN B CG  1 
ATOM   1177 O OD1 . ASN B 1 66 ? 14.733  -1.044  -33.428 1.00 53.26  ? 1225 ASN B OD1 1 
ATOM   1178 N ND2 . ASN B 1 66 ? 15.516  1.069   -33.381 1.00 53.53  ? 1225 ASN B ND2 1 
ATOM   1179 N N   . VAL B 1 67 ? 18.136  1.531   -31.784 1.00 47.39  ? 1226 VAL B N   1 
ATOM   1180 C CA  . VAL B 1 67 ? 18.405  1.762   -30.374 1.00 45.12  ? 1226 VAL B CA  1 
ATOM   1181 C C   . VAL B 1 67 ? 17.058  1.835   -29.661 1.00 44.14  ? 1226 VAL B C   1 
ATOM   1182 O O   . VAL B 1 67 ? 16.223  2.686   -29.985 1.00 42.29  ? 1226 VAL B O   1 
ATOM   1183 C CB  . VAL B 1 67 ? 19.185  3.092   -30.203 1.00 43.66  ? 1226 VAL B CB  1 
ATOM   1184 C CG1 . VAL B 1 67 ? 19.377  3.435   -28.735 1.00 43.44  ? 1226 VAL B CG1 1 
ATOM   1185 C CG2 . VAL B 1 67 ? 20.516  2.975   -30.903 1.00 42.34  ? 1226 VAL B CG2 1 
ATOM   1186 N N   . THR B 1 68 ? 16.858  0.929   -28.706 1.00 45.30  ? 1227 THR B N   1 
ATOM   1187 C CA  . THR B 1 68 ? 15.621  0.830   -27.925 1.00 44.30  ? 1227 THR B CA  1 
ATOM   1188 C C   . THR B 1 68 ? 15.731  1.671   -26.658 1.00 44.26  ? 1227 THR B C   1 
ATOM   1189 O O   . THR B 1 68 ? 16.691  2.418   -26.486 1.00 41.79  ? 1227 THR B O   1 
ATOM   1190 C CB  . THR B 1 68 ? 15.346  -0.636  -27.507 1.00 43.83  ? 1227 THR B CB  1 
ATOM   1191 O OG1 . THR B 1 68 ? 15.608  -1.509  -28.609 1.00 45.88  ? 1227 THR B OG1 1 
ATOM   1192 C CG2 . THR B 1 68 ? 13.899  -0.815  -27.104 1.00 45.93  ? 1227 THR B CG2 1 
ATOM   1193 N N   . LEU B 1 69 ? 14.753  1.535   -25.769 1.00 46.61  ? 1228 LEU B N   1 
ATOM   1194 C CA  . LEU B 1 69 ? 14.746  2.292   -24.523 1.00 48.33  ? 1228 LEU B CA  1 
ATOM   1195 C C   . LEU B 1 69 ? 13.673  1.827   -23.543 1.00 50.60  ? 1228 LEU B C   1 
ATOM   1196 O O   . LEU B 1 69 ? 13.073  0.761   -23.678 1.00 51.85  ? 1228 LEU B O   1 
ATOM   1197 C CB  . LEU B 1 69 ? 14.478  3.782   -24.794 1.00 47.17  ? 1228 LEU B CB  1 
ATOM   1198 C CG  . LEU B 1 69 ? 15.322  4.754   -25.622 1.00 43.63  ? 1228 LEU B CG  1 
ATOM   1199 C CD1 . LEU B 1 69 ? 14.593  6.078   -25.659 1.00 44.47  ? 1228 LEU B CD1 1 
ATOM   1200 C CD2 . LEU B 1 69 ? 16.693  4.958   -25.016 1.00 43.43  ? 1228 LEU B CD2 1 
ATOM   1201 N N   . LEU B 1 70 ? 13.467  2.706   -22.567 1.00 56.11  ? 1229 LEU B N   1 
ATOM   1202 C CA  . LEU B 1 70 ? 12.493  2.667   -21.468 1.00 59.55  ? 1229 LEU B CA  1 
ATOM   1203 C C   . LEU B 1 70 ? 11.584  1.511   -21.047 1.00 58.80  ? 1229 LEU B C   1 
ATOM   1204 O O   . LEU B 1 70 ? 11.640  0.372   -21.517 1.00 57.99  ? 1229 LEU B O   1 
ATOM   1205 C CB  . LEU B 1 70 ? 11.557  3.873   -21.633 1.00 61.15  ? 1229 LEU B CB  1 
ATOM   1206 C CG  . LEU B 1 70 ? 11.529  5.032   -20.642 1.00 63.53  ? 1229 LEU B CG  1 
ATOM   1207 C CD1 . LEU B 1 70 ? 10.495  6.041   -21.121 1.00 65.45  ? 1229 LEU B CD1 1 
ATOM   1208 C CD2 . LEU B 1 70 ? 11.176  4.547   -19.255 1.00 61.94  ? 1229 LEU B CD2 1 
ATOM   1209 N N   . ASP B 1 71 ? 10.722  1.924   -20.121 1.00 60.33  ? 1230 ASP B N   1 
ATOM   1210 C CA  . ASP B 1 71 ? 9.656   1.182   -19.479 1.00 60.05  ? 1230 ASP B CA  1 
ATOM   1211 C C   . ASP B 1 71 ? 9.845   -0.126  -18.765 1.00 59.51  ? 1230 ASP B C   1 
ATOM   1212 O O   . ASP B 1 71 ? 10.188  -1.156  -19.349 1.00 62.06  ? 1230 ASP B O   1 
ATOM   1213 C CB  . ASP B 1 71 ? 8.491   1.077   -20.443 1.00 63.53  ? 1230 ASP B CB  1 
ATOM   1214 C CG  . ASP B 1 71 ? 7.799   2.397   -20.622 1.00 65.68  ? 1230 ASP B CG  1 
ATOM   1215 O OD1 . ASP B 1 71 ? 7.332   2.947   -19.604 1.00 66.75  ? 1230 ASP B OD1 1 
ATOM   1216 O OD2 . ASP B 1 71 ? 7.732   2.891   -21.765 1.00 69.47  ? 1230 ASP B OD2 1 
ATOM   1217 N N   . LEU B 1 72 ? 9.578   -0.034  -17.469 1.00 56.49  ? 1231 LEU B N   1 
ATOM   1218 C CA  . LEU B 1 72 ? 9.633   -1.125  -16.510 1.00 53.20  ? 1231 LEU B CA  1 
ATOM   1219 C C   . LEU B 1 72 ? 8.726   -0.608  -15.407 1.00 52.57  ? 1231 LEU B C   1 
ATOM   1220 O O   . LEU B 1 72 ? 8.608   -1.207  -14.336 1.00 51.89  ? 1231 LEU B O   1 
ATOM   1221 C CB  . LEU B 1 72 ? 11.046  -1.305  -15.962 1.00 51.63  ? 1231 LEU B CB  1 
ATOM   1222 C CG  . LEU B 1 72 ? 12.134  -1.832  -16.895 1.00 50.27  ? 1231 LEU B CG  1 
ATOM   1223 C CD1 . LEU B 1 72 ? 13.467  -1.812  -16.149 1.00 49.07  ? 1231 LEU B CD1 1 
ATOM   1224 C CD2 . LEU B 1 72 ? 11.787  -3.244  -17.373 1.00 45.00  ? 1231 LEU B CD2 1 
ATOM   1225 N N   . THR B 1 73 ? 8.103   0.534   -15.687 1.00 50.31  ? 1232 THR B N   1 
ATOM   1226 C CA  . THR B 1 73 ? 7.191   1.180   -14.756 1.00 48.88  ? 1232 THR B CA  1 
ATOM   1227 C C   . THR B 1 73 ? 5.948   0.309   -14.571 1.00 45.91  ? 1232 THR B C   1 
ATOM   1228 O O   . THR B 1 73 ? 5.350   0.284   -13.493 1.00 44.18  ? 1232 THR B O   1 
ATOM   1229 C CB  . THR B 1 73 ? 6.794   2.585   -15.268 1.00 51.46  ? 1232 THR B CB  1 
ATOM   1230 O OG1 . THR B 1 73 ? 7.976   3.384   -15.424 1.00 51.47  ? 1232 THR B OG1 1 
ATOM   1231 C CG2 . THR B 1 73 ? 5.860   3.274   -14.280 1.00 52.68  ? 1232 THR B CG2 1 
ATOM   1232 N N   . TYR B 1 74 ? 5.560   -0.400  -15.627 1.00 43.21  ? 1233 TYR B N   1 
ATOM   1233 C CA  . TYR B 1 74 ? 4.420   -1.306  -15.545 1.00 43.00  ? 1233 TYR B CA  1 
ATOM   1234 C C   . TYR B 1 74 ? 4.800   -2.278  -14.433 1.00 43.33  ? 1233 TYR B C   1 
ATOM   1235 O O   . TYR B 1 74 ? 4.040   -2.500  -13.484 1.00 44.34  ? 1233 TYR B O   1 
ATOM   1236 C CB  . TYR B 1 74 ? 4.243   -2.076  -16.861 1.00 41.38  ? 1233 TYR B CB  1 
ATOM   1237 C CG  . TYR B 1 74 ? 3.271   -3.240  -16.781 1.00 41.16  ? 1233 TYR B CG  1 
ATOM   1238 C CD1 . TYR B 1 74 ? 1.905   -3.028  -16.598 1.00 43.80  ? 1233 TYR B CD1 1 
ATOM   1239 C CD2 . TYR B 1 74 ? 3.724   -4.557  -16.873 1.00 44.96  ? 1233 TYR B CD2 1 
ATOM   1240 C CE1 . TYR B 1 74 ? 1.007   -4.096  -16.511 1.00 44.49  ? 1233 TYR B CE1 1 
ATOM   1241 C CE2 . TYR B 1 74 ? 2.839   -5.640  -16.783 1.00 46.81  ? 1233 TYR B CE2 1 
ATOM   1242 C CZ  . TYR B 1 74 ? 1.479   -5.401  -16.602 1.00 49.20  ? 1233 TYR B CZ  1 
ATOM   1243 O OH  . TYR B 1 74 ? 0.596   -6.462  -16.510 1.00 49.53  ? 1233 TYR B OH  1 
ATOM   1244 N N   . GLU B 1 75 ? 5.999   -2.840  -14.580 1.00 41.82  ? 1234 GLU B N   1 
ATOM   1245 C CA  . GLU B 1 75 ? 6.582   -3.782  -13.637 1.00 40.08  ? 1234 GLU B CA  1 
ATOM   1246 C C   . GLU B 1 75 ? 6.695   -3.095  -12.288 1.00 38.69  ? 1234 GLU B C   1 
ATOM   1247 O O   . GLU B 1 75 ? 6.286   -3.638  -11.262 1.00 37.37  ? 1234 GLU B O   1 
ATOM   1248 C CB  . GLU B 1 75 ? 7.981   -4.183  -14.104 1.00 43.28  ? 1234 GLU B CB  1 
ATOM   1249 C CG  . GLU B 1 75 ? 8.043   -5.100  -15.320 1.00 46.67  ? 1234 GLU B CG  1 
ATOM   1250 C CD  . GLU B 1 75 ? 7.108   -4.701  -16.444 1.00 49.07  ? 1234 GLU B CD  1 
ATOM   1251 O OE1 . GLU B 1 75 ? 7.097   -3.515  -16.848 1.00 48.78  ? 1234 GLU B OE1 1 
ATOM   1252 O OE2 . GLU B 1 75 ? 6.392   -5.599  -16.931 1.00 48.18  ? 1234 GLU B OE2 1 
ATOM   1253 N N   . MET B 1 76 ? 7.265   -1.895  -12.308 1.00 36.35  ? 1235 MET B N   1 
ATOM   1254 C CA  . MET B 1 76 ? 7.450   -1.089  -11.105 1.00 36.87  ? 1235 MET B CA  1 
ATOM   1255 C C   . MET B 1 76 ? 6.152   -1.016  -10.312 1.00 37.67  ? 1235 MET B C   1 
ATOM   1256 O O   . MET B 1 76 ? 6.114   -1.290  -9.113  1.00 39.96  ? 1235 MET B O   1 
ATOM   1257 C CB  . MET B 1 76 ? 7.871   0.326   -11.494 1.00 35.57  ? 1235 MET B CB  1 
ATOM   1258 C CG  . MET B 1 76 ? 9.147   0.826   -10.839 1.00 35.37  ? 1235 MET B CG  1 
ATOM   1259 S SD  . MET B 1 76 ? 10.608  0.702   -11.897 1.00 32.60  ? 1235 MET B SD  1 
ATOM   1260 C CE  . MET B 1 76 ? 10.341  2.032   -13.027 1.00 27.27  ? 1235 MET B CE  1 
ATOM   1261 N N   . ASN B 1 77 ? 5.080   -0.649  -10.997 1.00 38.28  ? 1236 ASN B N   1 
ATOM   1262 C CA  . ASN B 1 77 ? 3.787   -0.526  -10.353 1.00 41.15  ? 1236 ASN B CA  1 
ATOM   1263 C C   . ASN B 1 77 ? 3.214   -1.863  -9.904  1.00 40.80  ? 1236 ASN B C   1 
ATOM   1264 O O   . ASN B 1 77 ? 2.567   -1.948  -8.860  1.00 41.88  ? 1236 ASN B O   1 
ATOM   1265 C CB  . ASN B 1 77 ? 2.816   0.194   -11.291 1.00 45.10  ? 1236 ASN B CB  1 
ATOM   1266 C CG  . ASN B 1 77 ? 3.213   1.641   -11.530 1.00 46.64  ? 1236 ASN B CG  1 
ATOM   1267 O OD1 . ASN B 1 77 ? 3.417   2.402   -10.579 1.00 44.88  ? 1236 ASN B OD1 1 
ATOM   1268 N ND2 . ASN B 1 77 ? 3.330   2.028   -12.797 1.00 45.27  ? 1236 ASN B ND2 1 
ATOM   1269 N N   . ARG B 1 78 ? 3.456   -2.903  -10.691 1.00 37.86  ? 1237 ARG B N   1 
ATOM   1270 C CA  . ARG B 1 78 ? 2.969   -4.235  -10.362 1.00 37.62  ? 1237 ARG B CA  1 
ATOM   1271 C C   . ARG B 1 78 ? 3.580   -4.705  -9.033  1.00 36.81  ? 1237 ARG B C   1 
ATOM   1272 O O   . ARG B 1 78 ? 2.890   -5.255  -8.177  1.00 36.02  ? 1237 ARG B O   1 
ATOM   1273 C CB  . ARG B 1 78 ? 3.341   -5.210  -11.483 1.00 42.33  ? 1237 ARG B CB  1 
ATOM   1274 C CG  . ARG B 1 78 ? 2.625   -6.547  -11.426 1.00 47.47  ? 1237 ARG B CG  1 
ATOM   1275 C CD  . ARG B 1 78 ? 1.253   -6.512  -12.094 1.00 53.49  ? 1237 ARG B CD  1 
ATOM   1276 N NE  . ARG B 1 78 ? 0.613   -7.828  -12.029 1.00 60.50  ? 1237 ARG B NE  1 
ATOM   1277 C CZ  . ARG B 1 78 ? -0.538  -8.143  -12.621 1.00 64.48  ? 1237 ARG B CZ  1 
ATOM   1278 N NH1 . ARG B 1 78 ? -1.196  -7.237  -13.334 1.00 67.56  ? 1237 ARG B NH1 1 
ATOM   1279 N NH2 . ARG B 1 78 ? -1.031  -9.371  -12.499 1.00 66.01  ? 1237 ARG B NH2 1 
ATOM   1280 N N   . ILE B 1 79 ? 4.880   -4.479  -8.868  1.00 34.14  ? 1238 ILE B N   1 
ATOM   1281 C CA  . ILE B 1 79 ? 5.574   -4.867  -7.646  1.00 32.32  ? 1238 ILE B CA  1 
ATOM   1282 C C   . ILE B 1 79 ? 5.096   -3.967  -6.519  1.00 33.86  ? 1238 ILE B C   1 
ATOM   1283 O O   . ILE B 1 79 ? 4.989   -4.393  -5.371  1.00 32.17  ? 1238 ILE B O   1 
ATOM   1284 C CB  . ILE B 1 79 ? 7.108   -4.730  -7.819  1.00 32.04  ? 1238 ILE B CB  1 
ATOM   1285 C CG1 . ILE B 1 79 ? 7.612   -5.840  -8.752  1.00 32.19  ? 1238 ILE B CG1 1 
ATOM   1286 C CG2 . ILE B 1 79 ? 7.811   -4.766  -6.470  1.00 25.55  ? 1238 ILE B CG2 1 
ATOM   1287 C CD1 . ILE B 1 79 ? 9.106   -5.871  -8.924  1.00 30.39  ? 1238 ILE B CD1 1 
ATOM   1288 N N   . GLN B 1 80 ? 4.793   -2.719  -6.861  1.00 35.27  ? 1239 GLN B N   1 
ATOM   1289 C CA  . GLN B 1 80 ? 4.317   -1.762  -5.875  1.00 36.74  ? 1239 GLN B CA  1 
ATOM   1290 C C   . GLN B 1 80 ? 2.980   -2.205  -5.289  1.00 36.95  ? 1239 GLN B C   1 
ATOM   1291 O O   . GLN B 1 80 ? 2.739   -2.009  -4.103  1.00 35.52  ? 1239 GLN B O   1 
ATOM   1292 C CB  . GLN B 1 80 ? 4.188   -0.378  -6.500  1.00 37.76  ? 1239 GLN B CB  1 
ATOM   1293 C CG  . GLN B 1 80 ? 4.171   0.746   -5.478  1.00 41.74  ? 1239 GLN B CG  1 
ATOM   1294 C CD  . GLN B 1 80 ? 5.390   0.710   -4.575  1.00 45.05  ? 1239 GLN B CD  1 
ATOM   1295 O OE1 . GLN B 1 80 ? 6.513   0.542   -5.043  1.00 47.66  ? 1239 GLN B OE1 1 
ATOM   1296 N NE2 . GLN B 1 80 ? 5.174   0.879   -3.276  1.00 44.95  ? 1239 GLN B NE2 1 
ATOM   1297 N N   . ASP B 1 81 ? 2.116   -2.797  -6.117  1.00 39.35  ? 1240 ASP B N   1 
ATOM   1298 C CA  . ASP B 1 81 ? 0.817   -3.289  -5.648  1.00 40.59  ? 1240 ASP B CA  1 
ATOM   1299 C C   . ASP B 1 81 ? 1.039   -4.482  -4.704  1.00 41.33  ? 1240 ASP B C   1 
ATOM   1300 O O   . ASP B 1 81 ? 0.535   -4.500  -3.575  1.00 42.37  ? 1240 ASP B O   1 
ATOM   1301 C CB  . ASP B 1 81 ? -0.074  -3.743  -6.817  1.00 42.68  ? 1240 ASP B CB  1 
ATOM   1302 C CG  . ASP B 1 81 ? -0.551  -2.587  -7.696  1.00 47.44  ? 1240 ASP B CG  1 
ATOM   1303 O OD1 . ASP B 1 81 ? -0.912  -1.515  -7.157  1.00 50.96  ? 1240 ASP B OD1 1 
ATOM   1304 O OD2 . ASP B 1 81 ? -0.582  -2.761  -8.937  1.00 49.63  ? 1240 ASP B OD2 1 
ATOM   1305 N N   . ALA B 1 82 ? 1.791   -5.477  -5.175  1.00 38.94  ? 1241 ALA B N   1 
ATOM   1306 C CA  . ALA B 1 82 ? 2.086   -6.657  -4.376  1.00 38.57  ? 1241 ALA B CA  1 
ATOM   1307 C C   . ALA B 1 82 ? 2.510   -6.237  -2.961  1.00 37.49  ? 1241 ALA B C   1 
ATOM   1308 O O   . ALA B 1 82 ? 2.092   -6.836  -1.971  1.00 37.31  ? 1241 ALA B O   1 
ATOM   1309 C CB  . ALA B 1 82 ? 3.190   -7.477  -5.046  1.00 36.58  ? 1241 ALA B CB  1 
ATOM   1310 N N   . ILE B 1 83 ? 3.335   -5.204  -2.868  1.00 35.89  ? 1242 ILE B N   1 
ATOM   1311 C CA  . ILE B 1 83 ? 3.777   -4.721  -1.570  1.00 37.16  ? 1242 ILE B CA  1 
ATOM   1312 C C   . ILE B 1 83 ? 2.582   -4.235  -0.751  1.00 39.88  ? 1242 ILE B C   1 
ATOM   1313 O O   . ILE B 1 83 ? 2.542   -4.428  0.465   1.00 41.42  ? 1242 ILE B O   1 
ATOM   1314 C CB  . ILE B 1 83 ? 4.809   -3.578  -1.716  1.00 35.96  ? 1242 ILE B CB  1 
ATOM   1315 C CG1 . ILE B 1 83 ? 6.132   -4.153  -2.225  1.00 33.32  ? 1242 ILE B CG1 1 
ATOM   1316 C CG2 . ILE B 1 83 ? 4.999   -2.870  -0.379  1.00 36.69  ? 1242 ILE B CG2 1 
ATOM   1317 C CD1 . ILE B 1 83 ? 7.189   -3.125  -2.517  1.00 34.37  ? 1242 ILE B CD1 1 
ATOM   1318 N N   . LYS B 1 84 ? 1.610   -3.610  -1.412  1.00 39.44  ? 1243 LYS B N   1 
ATOM   1319 C CA  . LYS B 1 84 ? 0.424   -3.127  -0.716  1.00 41.20  ? 1243 LYS B CA  1 
ATOM   1320 C C   . LYS B 1 84 ? -0.484  -4.287  -0.305  1.00 42.54  ? 1243 LYS B C   1 
ATOM   1321 O O   . LYS B 1 84 ? -0.919  -4.358  0.843   1.00 44.95  ? 1243 LYS B O   1 
ATOM   1322 C CB  . LYS B 1 84 ? -0.359  -2.144  -1.591  1.00 43.64  ? 1243 LYS B CB  1 
ATOM   1323 C CG  . LYS B 1 84 ? 0.354   -0.815  -1.843  1.00 45.98  ? 1243 LYS B CG  1 
ATOM   1324 C CD  . LYS B 1 84 ? -0.603  0.190   -2.459  1.00 48.24  ? 1243 LYS B CD  1 
ATOM   1325 C CE  . LYS B 1 84 ? 0.099   1.474   -2.866  1.00 47.88  ? 1243 LYS B CE  1 
ATOM   1326 N NZ  . LYS B 1 84 ? 1.118   1.253   -3.932  1.00 49.72  ? 1243 LYS B NZ  1 
ATOM   1327 N N   . LYS B 1 85 ? -0.777  -5.191  -1.238  1.00 40.83  ? 1244 LYS B N   1 
ATOM   1328 C CA  . LYS B 1 85 ? -1.623  -6.341  -0.930  1.00 40.02  ? 1244 LYS B CA  1 
ATOM   1329 C C   . LYS B 1 85 ? -0.978  -7.203  0.160   1.00 40.61  ? 1244 LYS B C   1 
ATOM   1330 O O   . LYS B 1 85 ? -1.663  -7.927  0.884   1.00 41.68  ? 1244 LYS B O   1 
ATOM   1331 C CB  . LYS B 1 85 ? -1.847  -7.192  -2.176  1.00 41.16  ? 1244 LYS B CB  1 
ATOM   1332 C CG  . LYS B 1 85 ? -2.621  -8.467  -1.880  1.00 41.49  ? 1244 LYS B CG  1 
ATOM   1333 C CD  . LYS B 1 85 ? -2.712  -9.385  -3.084  1.00 45.81  ? 1244 LYS B CD  1 
ATOM   1334 C CE  . LYS B 1 85 ? -3.351  -10.711 -2.689  1.00 47.55  ? 1244 LYS B CE  1 
ATOM   1335 N NZ  . LYS B 1 85 ? -3.529  -11.644 -3.830  1.00 45.46  ? 1244 LYS B NZ  1 
ATOM   1336 N N   . LEU B 1 86 ? 0.345   -7.127  0.260   1.00 41.12  ? 1245 LEU B N   1 
ATOM   1337 C CA  . LEU B 1 86 ? 1.092   -7.874  1.268   1.00 41.27  ? 1245 LEU B CA  1 
ATOM   1338 C C   . LEU B 1 86 ? 0.773   -7.248  2.636   1.00 40.54  ? 1245 LEU B C   1 
ATOM   1339 O O   . LEU B 1 86 ? 0.649   -7.951  3.649   1.00 38.66  ? 1245 LEU B O   1 
ATOM   1340 C CB  . LEU B 1 86 ? 2.590   -7.775  0.967   1.00 43.53  ? 1245 LEU B CB  1 
ATOM   1341 C CG  . LEU B 1 86 ? 3.413   -9.057  0.826   1.00 47.71  ? 1245 LEU B CG  1 
ATOM   1342 C CD1 . LEU B 1 86 ? 2.744   -10.019 -0.131  1.00 46.77  ? 1245 LEU B CD1 1 
ATOM   1343 C CD2 . LEU B 1 86 ? 4.799   -8.702  0.321   1.00 46.82  ? 1245 LEU B CD2 1 
ATOM   1344 N N   . ASN B 1 87 ? 0.637   -5.923  2.646   1.00 39.38  ? 1246 ASN B N   1 
ATOM   1345 C CA  . ASN B 1 87 ? 0.315   -5.180  3.861   1.00 41.77  ? 1246 ASN B CA  1 
ATOM   1346 C C   . ASN B 1 87 ? -1.081  -5.555  4.359   1.00 41.24  ? 1246 ASN B C   1 
ATOM   1347 O O   . ASN B 1 87 ? -1.359  -5.514  5.558   1.00 39.64  ? 1246 ASN B O   1 
ATOM   1348 C CB  . ASN B 1 87 ? 0.395   -3.667  3.603   1.00 42.91  ? 1246 ASN B CB  1 
ATOM   1349 C CG  . ASN B 1 87 ? 1.820   -3.120  3.718   1.00 46.68  ? 1246 ASN B CG  1 
ATOM   1350 O OD1 . ASN B 1 87 ? 2.407   -3.094  4.806   1.00 48.50  ? 1246 ASN B OD1 1 
ATOM   1351 N ND2 . ASN B 1 87 ? 2.378   -2.679  2.595   1.00 49.15  ? 1246 ASN B ND2 1 
ATOM   1352 N N   . GLU B 1 88 ? -1.960  -5.932  3.441   1.00 41.43  ? 1247 GLU B N   1 
ATOM   1353 C CA  . GLU B 1 88 ? -3.312  -6.322  3.822   1.00 41.93  ? 1247 GLU B CA  1 
ATOM   1354 C C   . GLU B 1 88 ? -3.324  -7.732  4.398   1.00 40.16  ? 1247 GLU B C   1 
ATOM   1355 O O   . GLU B 1 88 ? -4.380  -8.259  4.733   1.00 39.07  ? 1247 GLU B O   1 
ATOM   1356 C CB  . GLU B 1 88 ? -4.240  -6.262  2.608   1.00 44.43  ? 1247 GLU B CB  1 
ATOM   1357 C CG  . GLU B 1 88 ? -4.521  -4.853  2.089   1.00 49.00  ? 1247 GLU B CG  1 
ATOM   1358 C CD  . GLU B 1 88 ? -5.211  -4.855  0.732   1.00 49.46  ? 1247 GLU B CD  1 
ATOM   1359 O OE1 . GLU B 1 88 ? -6.256  -5.527  0.591   1.00 53.22  ? 1247 GLU B OE1 1 
ATOM   1360 O OE2 . GLU B 1 88 ? -4.710  -4.181  -0.192  1.00 49.40  ? 1247 GLU B OE2 1 
ATOM   1361 N N   . SER B 1 89 ? -2.146  -8.340  4.516   1.00 39.83  ? 1248 SER B N   1 
ATOM   1362 C CA  . SER B 1 89 ? -2.036  -9.704  5.028   1.00 38.12  ? 1248 SER B CA  1 
ATOM   1363 C C   . SER B 1 89 ? -1.437  -9.842  6.429   1.00 36.07  ? 1248 SER B C   1 
ATOM   1364 O O   . SER B 1 89 ? -1.424  -10.938 6.995   1.00 35.55  ? 1248 SER B O   1 
ATOM   1365 C CB  . SER B 1 89 ? -1.228  -10.561 4.048   1.00 38.37  ? 1248 SER B CB  1 
ATOM   1366 O OG  . SER B 1 89 ? -1.871  -10.657 2.788   1.00 37.26  ? 1248 SER B OG  1 
ATOM   1367 N N   . TYR B 1 90 ? -0.922  -8.757  6.995   1.00 33.82  ? 1249 TYR B N   1 
ATOM   1368 C CA  . TYR B 1 90 ? -0.363  -8.860  8.335   1.00 34.16  ? 1249 TYR B CA  1 
ATOM   1369 C C   . TYR B 1 90 ? -1.443  -9.363  9.284   1.00 33.56  ? 1249 TYR B C   1 
ATOM   1370 O O   . TYR B 1 90 ? -2.605  -8.968  9.189   1.00 35.82  ? 1249 TYR B O   1 
ATOM   1371 C CB  . TYR B 1 90 ? 0.167   -7.513  8.824   1.00 31.83  ? 1249 TYR B CB  1 
ATOM   1372 C CG  . TYR B 1 90 ? 1.481   -7.089  8.203   1.00 30.22  ? 1249 TYR B CG  1 
ATOM   1373 C CD1 . TYR B 1 90 ? 1.518   -6.365  7.012   1.00 29.73  ? 1249 TYR B CD1 1 
ATOM   1374 C CD2 . TYR B 1 90 ? 2.693   -7.414  8.810   1.00 29.24  ? 1249 TYR B CD2 1 
ATOM   1375 C CE1 . TYR B 1 90 ? 2.729   -5.970  6.451   1.00 30.49  ? 1249 TYR B CE1 1 
ATOM   1376 C CE2 . TYR B 1 90 ? 3.907   -7.024  8.255   1.00 27.13  ? 1249 TYR B CE2 1 
ATOM   1377 C CZ  . TYR B 1 90 ? 3.920   -6.304  7.077   1.00 29.46  ? 1249 TYR B CZ  1 
ATOM   1378 O OH  . TYR B 1 90 ? 5.129   -5.921  6.535   1.00 29.39  ? 1249 TYR B OH  1 
ATOM   1379 N N   . ILE B 1 91 ? -1.064  -10.253 10.194  1.00 32.73  ? 1250 ILE B N   1 
ATOM   1380 C CA  . ILE B 1 91 ? -2.028  -10.793 11.147  1.00 32.81  ? 1250 ILE B CA  1 
ATOM   1381 C C   . ILE B 1 91 ? -2.045  -10.008 12.451  1.00 32.53  ? 1250 ILE B C   1 
ATOM   1382 O O   . ILE B 1 91 ? -1.002  -9.662  12.999  1.00 30.07  ? 1250 ILE B O   1 
ATOM   1383 C CB  . ILE B 1 91 ? -1.739  -12.288 11.475  1.00 30.78  ? 1250 ILE B CB  1 
ATOM   1384 C CG1 . ILE B 1 91 ? -1.886  -13.134 10.207  1.00 30.21  ? 1250 ILE B CG1 1 
ATOM   1385 C CG2 . ILE B 1 91 ? -2.704  -12.788 12.552  1.00 27.41  ? 1250 ILE B CG2 1 
ATOM   1386 C CD1 . ILE B 1 91 ? -1.524  -14.582 10.377  1.00 26.17  ? 1250 ILE B CD1 1 
ATOM   1387 N N   . ASN B 1 92 ? -3.250  -9.721  12.930  1.00 35.92  ? 1251 ASN B N   1 
ATOM   1388 C CA  . ASN B 1 92 ? -3.434  -9.013  14.187  1.00 37.81  ? 1251 ASN B CA  1 
ATOM   1389 C C   . ASN B 1 92 ? -3.284  -10.059 15.291  1.00 35.20  ? 1251 ASN B C   1 
ATOM   1390 O O   . ASN B 1 92 ? -4.156  -10.899 15.478  1.00 33.64  ? 1251 ASN B O   1 
ATOM   1391 C CB  . ASN B 1 92 ? -4.835  -8.407  14.241  1.00 41.43  ? 1251 ASN B CB  1 
ATOM   1392 C CG  . ASN B 1 92 ? -5.077  -7.606  15.504  1.00 45.48  ? 1251 ASN B CG  1 
ATOM   1393 O OD1 . ASN B 1 92 ? -6.191  -7.585  16.032  1.00 49.29  ? 1251 ASN B OD1 1 
ATOM   1394 N ND2 . ASN B 1 92 ? -4.039  -6.931  15.992  1.00 45.35  ? 1251 ASN B ND2 1 
ATOM   1395 N N   . LEU B 1 93 ? -2.175  -10.013 16.013  1.00 35.43  ? 1252 LEU B N   1 
ATOM   1396 C CA  . LEU B 1 93 ? -1.933  -10.985 17.071  1.00 41.13  ? 1252 LEU B CA  1 
ATOM   1397 C C   . LEU B 1 93 ? -2.986  -10.900 18.178  1.00 45.40  ? 1252 LEU B C   1 
ATOM   1398 O O   . LEU B 1 93 ? -3.213  -11.865 18.919  1.00 46.15  ? 1252 LEU B O   1 
ATOM   1399 C CB  . LEU B 1 93 ? -0.529  -10.778 17.655  1.00 39.31  ? 1252 LEU B CB  1 
ATOM   1400 C CG  . LEU B 1 93 ? 0.603   -10.770 16.623  1.00 36.20  ? 1252 LEU B CG  1 
ATOM   1401 C CD1 . LEU B 1 93 ? 1.939   -10.599 17.296  1.00 38.59  ? 1252 LEU B CD1 1 
ATOM   1402 C CD2 . LEU B 1 93 ? 0.576   -12.055 15.854  1.00 39.27  ? 1252 LEU B CD2 1 
ATOM   1403 N N   . LYS B 1 94 ? -3.629  -9.740  18.277  1.00 48.24  ? 1253 LYS B N   1 
ATOM   1404 C CA  . LYS B 1 94 ? -4.656  -9.499  19.280  1.00 51.47  ? 1253 LYS B CA  1 
ATOM   1405 C C   . LYS B 1 94 ? -5.908  -10.312 18.956  1.00 53.04  ? 1253 LYS B C   1 
ATOM   1406 O O   . LYS B 1 94 ? -6.661  -10.701 19.851  1.00 53.77  ? 1253 LYS B O   1 
ATOM   1407 C CB  . LYS B 1 94 ? -4.987  -8.008  19.317  1.00 52.45  ? 1253 LYS B CB  1 
ATOM   1408 C CG  . LYS B 1 94 ? -4.833  -7.359  20.681  1.00 56.54  ? 1253 LYS B CG  1 
ATOM   1409 C CD  . LYS B 1 94 ? -5.985  -7.714  21.617  1.00 59.98  ? 1253 LYS B CD  1 
ATOM   1410 C CE  . LYS B 1 94 ? -5.911  -6.878  22.884  1.00 60.92  ? 1253 LYS B CE  1 
ATOM   1411 N NZ  . LYS B 1 94 ? -7.096  -7.035  23.758  1.00 60.47  ? 1253 LYS B NZ  1 
ATOM   1412 N N   . GLU B 1 95 ? -6.117  -10.562 17.668  1.00 54.51  ? 1254 GLU B N   1 
ATOM   1413 C CA  . GLU B 1 95 ? -7.260  -11.334 17.194  1.00 55.58  ? 1254 GLU B CA  1 
ATOM   1414 C C   . GLU B 1 95 ? -7.068  -12.809 17.496  1.00 55.81  ? 1254 GLU B C   1 
ATOM   1415 O O   . GLU B 1 95 ? -8.070  -13.460 17.856  1.00 55.22  ? 1254 GLU B O   1 
ATOM   1416 C CB  . GLU B 1 95 ? -7.450  -11.132 15.689  1.00 58.67  ? 1254 GLU B CB  1 
ATOM   1417 C CG  . GLU B 1 95 ? -7.939  -9.734  15.319  1.00 63.60  ? 1254 GLU B CG  1 
ATOM   1418 C CD  . GLU B 1 95 ? -8.047  -9.508  13.822  1.00 66.43  ? 1254 GLU B CD  1 
ATOM   1419 O OE1 . GLU B 1 95 ? -8.616  -10.374 13.124  1.00 69.20  ? 1254 GLU B OE1 1 
ATOM   1420 O OE2 . GLU B 1 95 ? -7.572  -8.458  13.341  1.00 67.16  ? 1254 GLU B OE2 1 
ATOM   1421 O OXT . GLU B 1 95 ? -5.923  -13.298 17.362  1.00 56.48  ? 1254 GLU B OXT 1 
HETATM 1422 O O   . HOH C 2 .  ? -20.199 -2.599  11.566  1.00 38.25  ? 4    HOH A O   1 
HETATM 1423 O O   . HOH C 2 .  ? -37.914 -14.459 42.481  1.00 36.54  ? 5    HOH A O   1 
HETATM 1424 O O   . HOH C 2 .  ? -9.010  -14.582 21.626  1.00 32.74  ? 7    HOH A O   1 
HETATM 1425 O O   . HOH C 2 .  ? -31.336 -10.571 35.636  1.00 41.72  ? 10   HOH A O   1 
HETATM 1426 O O   . HOH C 2 .  ? -9.833  -2.259  4.410   1.00 39.29  ? 11   HOH A O   1 
HETATM 1427 O O   . HOH C 2 .  ? -6.408  -13.563 22.333  1.00 35.21  ? 13   HOH A O   1 
HETATM 1428 O O   . HOH C 2 .  ? -22.263 -9.000  14.814  1.00 50.07  ? 14   HOH A O   1 
HETATM 1429 O O   . HOH C 2 .  ? -0.516  14.536  -11.763 1.00 48.73  ? 18   HOH A O   1 
HETATM 1430 O O   . HOH C 2 .  ? -10.666 -6.687  10.473  1.00 30.82  ? 20   HOH A O   1 
HETATM 1431 O O   . HOH C 2 .  ? -5.212  5.858   -4.095  1.00 36.70  ? 22   HOH A O   1 
HETATM 1432 O O   . HOH C 2 .  ? -28.736 -1.583  22.177  1.00 33.05  ? 26   HOH A O   1 
HETATM 1433 O O   . HOH C 2 .  ? -16.145 9.797   9.170   1.00 34.88  ? 27   HOH A O   1 
HETATM 1434 O O   . HOH C 2 .  ? 10.473  12.297  -18.745 1.00 38.15  ? 31   HOH A O   1 
HETATM 1435 O O   . HOH C 2 .  ? -41.353 -4.788  39.450  1.00 120.02 ? 32   HOH A O   1 
HETATM 1436 O O   . HOH C 2 .  ? -26.609 5.829   27.642  1.00 40.15  ? 33   HOH A O   1 
HETATM 1437 O O   . HOH C 2 .  ? -16.038 2.714   7.952   1.00 26.33  ? 34   HOH A O   1 
HETATM 1438 O O   . HOH C 2 .  ? -14.170 -12.808 21.320  1.00 39.32  ? 35   HOH A O   1 
HETATM 1439 O O   . HOH C 2 .  ? -34.281 -0.620  34.814  1.00 54.10  ? 38   HOH A O   1 
HETATM 1440 O O   . HOH C 2 .  ? -3.984  12.872  6.759   1.00 29.17  ? 42   HOH A O   1 
HETATM 1441 O O   . HOH C 2 .  ? -12.518 -6.513  5.726   1.00 59.12  ? 43   HOH A O   1 
HETATM 1442 O O   . HOH C 2 .  ? 11.591  1.531   -4.394  1.00 36.36  ? 45   HOH A O   1 
HETATM 1443 O O   . HOH C 2 .  ? -16.000 8.590   15.358  1.00 61.85  ? 46   HOH A O   1 
HETATM 1444 O O   . HOH C 2 .  ? -12.652 5.239   3.511   1.00 88.33  ? 48   HOH A O   1 
HETATM 1445 O O   . HOH C 2 .  ? 1.996   -0.339  7.745   1.00 45.57  ? 64   HOH A O   1 
HETATM 1446 O O   . HOH C 2 .  ? -12.536 -9.083  9.254   1.00 63.56  ? 65   HOH A O   1 
HETATM 1447 O O   . HOH C 2 .  ? -13.325 2.188   3.739   1.00 43.69  ? 66   HOH A O   1 
HETATM 1448 O O   . HOH C 2 .  ? -5.562  11.779  8.840   1.00 32.50  ? 72   HOH A O   1 
HETATM 1449 O O   . HOH C 2 .  ? -35.868 -13.726 39.878  1.00 42.77  ? 73   HOH A O   1 
HETATM 1450 O O   . HOH C 2 .  ? -30.936 3.720   22.174  1.00 47.26  ? 74   HOH A O   1 
HETATM 1451 O O   . HOH C 2 .  ? -32.104 -0.393  25.933  1.00 55.23  ? 75   HOH A O   1 
HETATM 1452 O O   . HOH C 2 .  ? 12.960  7.422   -12.576 1.00 151.68 ? 82   HOH A O   1 
HETATM 1453 O O   . HOH C 2 .  ? -36.175 -8.810  30.515  1.00 41.38  ? 83   HOH A O   1 
HETATM 1454 O O   . HOH C 2 .  ? -10.645 -8.806  6.648   1.00 58.79  ? 85   HOH A O   1 
HETATM 1455 O O   . HOH C 2 .  ? -34.407 -9.475  26.801  1.00 56.83  ? 86   HOH A O   1 
HETATM 1456 O O   . HOH C 2 .  ? -41.630 -16.842 40.173  1.00 57.43  ? 88   HOH A O   1 
HETATM 1457 O O   . HOH C 2 .  ? -9.003  -8.699  18.033  1.00 96.56  ? 93   HOH A O   1 
HETATM 1458 O O   . HOH C 2 .  ? -23.727 -10.987 28.000  1.00 108.49 ? 94   HOH A O   1 
HETATM 1459 O O   . HOH C 2 .  ? -37.182 -10.966 35.775  1.00 35.09  ? 97   HOH A O   1 
HETATM 1460 O O   . HOH C 2 .  ? -38.700 -16.415 33.118  1.00 77.26  ? 100  HOH A O   1 
HETATM 1461 O O   . HOH C 2 .  ? -32.149 -6.328  45.333  1.00 54.29  ? 104  HOH A O   1 
HETATM 1462 O O   . HOH C 2 .  ? -28.086 -6.183  27.588  1.00 101.07 ? 106  HOH A O   1 
HETATM 1463 O O   . HOH C 2 .  ? 13.383  0.472   -2.036  1.00 63.38  ? 107  HOH A O   1 
HETATM 1464 O O   . HOH C 2 .  ? -30.770 -9.227  38.348  1.00 50.69  ? 111  HOH A O   1 
HETATM 1465 O O   . HOH C 2 .  ? -30.430 1.034   23.901  1.00 55.39  ? 112  HOH A O   1 
HETATM 1466 O O   . HOH C 2 .  ? -39.273 -9.113  30.116  1.00 43.54  ? 113  HOH A O   1 
HETATM 1467 O O   . HOH C 2 .  ? -38.060 -8.130  32.931  1.00 56.43  ? 117  HOH A O   1 
HETATM 1468 O O   . HOH C 2 .  ? -9.712  -16.733 23.593  1.00 53.91  ? 121  HOH A O   1 
HETATM 1469 O O   . HOH C 2 .  ? -24.966 -5.353  15.932  1.00 70.57  ? 123  HOH A O   1 
HETATM 1470 O O   . HOH C 2 .  ? -24.790 3.549   17.660  1.00 45.50  ? 124  HOH A O   1 
HETATM 1471 O O   . HOH C 2 .  ? -9.179  -5.604  3.677   1.00 52.18  ? 126  HOH A O   1 
HETATM 1472 O O   . HOH C 2 .  ? -32.744 1.963   32.883  1.00 88.86  ? 127  HOH A O   1 
HETATM 1473 O O   . HOH C 2 .  ? 9.742   0.338   4.619   1.00 56.82  ? 128  HOH A O   1 
HETATM 1474 O O   . HOH C 2 .  ? -35.280 -6.715  28.118  1.00 84.64  ? 129  HOH A O   1 
HETATM 1475 O O   . HOH C 2 .  ? 8.213   6.631   -9.428  1.00 56.10  ? 130  HOH A O   1 
HETATM 1476 O O   . HOH C 2 .  ? -30.531 -5.448  24.814  1.00 62.19  ? 131  HOH A O   1 
HETATM 1477 O O   . HOH C 2 .  ? 14.541  5.355   2.210   1.00 43.61  ? 132  HOH A O   1 
HETATM 1478 O O   . HOH C 2 .  ? 16.209  14.350  -7.764  1.00 47.01  ? 136  HOH A O   1 
HETATM 1479 O O   . HOH C 2 .  ? -20.591 0.450   13.815  1.00 52.45  ? 138  HOH A O   1 
HETATM 1480 O O   . HOH C 2 .  ? 6.423   0.275   0.070   1.00 44.06  ? 139  HOH A O   1 
HETATM 1481 O O   . HOH C 2 .  ? -6.826  3.252   -1.731  1.00 37.79  ? 141  HOH A O   1 
HETATM 1482 O O   . HOH C 2 .  ? -19.089 -14.608 16.282  1.00 46.74  ? 144  HOH A O   1 
HETATM 1483 O O   . HOH C 2 .  ? -34.593 -5.569  47.722  1.00 54.87  ? 151  HOH A O   1 
HETATM 1484 O O   . HOH C 2 .  ? -12.414 -2.701  6.498   1.00 131.09 ? 154  HOH A O   1 
HETATM 1485 O O   . HOH C 2 .  ? -28.207 -10.037 15.928  1.00 62.08  ? 155  HOH A O   1 
HETATM 1486 O O   . HOH C 2 .  ? 15.074  3.894   -0.761  1.00 65.01  ? 156  HOH A O   1 
HETATM 1487 O O   . HOH C 2 .  ? -0.727  2.718   -0.320  1.00 64.42  ? 158  HOH A O   1 
HETATM 1488 O O   . HOH C 2 .  ? 3.526   6.570   -9.127  1.00 74.11  ? 160  HOH A O   1 
HETATM 1489 O O   . HOH C 2 .  ? 2.246   12.309  -2.322  1.00 102.07 ? 164  HOH A O   1 
HETATM 1490 O O   . HOH C 2 .  ? -7.339  -5.416  9.607   1.00 77.73  ? 166  HOH A O   1 
HETATM 1491 O O   . HOH C 2 .  ? 12.338  1.932   4.511   1.00 50.42  ? 168  HOH A O   1 
HETATM 1492 O O   . HOH C 2 .  ? 5.316   4.800   6.240   1.00 56.20  ? 170  HOH A O   1 
HETATM 1493 O O   . HOH C 2 .  ? -33.356 -5.079  26.317  1.00 57.53  ? 173  HOH A O   1 
HETATM 1494 O O   . HOH C 2 .  ? 14.629  8.000   -8.797  1.00 91.22  ? 175  HOH A O   1 
HETATM 1495 O O   . HOH C 2 .  ? -27.160 1.182   21.716  1.00 94.13  ? 177  HOH A O   1 
HETATM 1496 O O   . HOH C 2 .  ? 2.461   15.288  -14.894 1.00 81.33  ? 178  HOH A O   1 
HETATM 1497 O O   . HOH C 2 .  ? 8.598   10.463  -10.734 1.00 61.77  ? 181  HOH A O   1 
HETATM 1498 O O   . HOH C 2 .  ? -33.823 -2.198  24.015  1.00 51.54  ? 184  HOH A O   1 
HETATM 1499 O O   . HOH C 2 .  ? -40.012 -12.821 40.963  1.00 67.13  ? 187  HOH A O   1 
HETATM 1500 O O   . HOH C 2 .  ? -30.754 5.963   24.767  1.00 50.32  ? 188  HOH A O   1 
HETATM 1501 O O   . HOH C 2 .  ? -2.982  12.971  -12.736 1.00 57.64  ? 189  HOH A O   1 
HETATM 1502 O O   . HOH D 2 .  ? 16.141  3.559   -7.952  1.00 37.66  ? 1    HOH B O   1 
HETATM 1503 O O   . HOH D 2 .  ? 26.257  5.562   -23.225 1.00 78.44  ? 15   HOH B O   1 
HETATM 1504 O O   . HOH D 2 .  ? 8.756   -11.451 16.940  1.00 39.88  ? 17   HOH B O   1 
HETATM 1505 O O   . HOH D 2 .  ? 0.753   -6.966  -8.646  1.00 30.34  ? 19   HOH B O   1 
HETATM 1506 O O   . HOH D 2 .  ? -4.025  -10.144 -14.433 1.00 47.92  ? 23   HOH B O   1 
HETATM 1507 O O   . HOH D 2 .  ? -5.386  -10.628 8.655   1.00 40.48  ? 25   HOH B O   1 
HETATM 1508 O O   . HOH D 2 .  ? 11.562  -13.120 14.078  1.00 63.29  ? 28   HOH B O   1 
HETATM 1509 O O   . HOH D 2 .  ? 22.274  0.626   -23.346 1.00 54.12  ? 36   HOH B O   1 
HETATM 1510 O O   . HOH D 2 .  ? 2.209   -18.564 20.380  1.00 44.58  ? 37   HOH B O   1 
HETATM 1511 O O   . HOH D 2 .  ? 0.819   0.401   -6.590  1.00 42.42  ? 39   HOH B O   1 
HETATM 1512 O O   . HOH D 2 .  ? 6.242   -0.117  -18.255 1.00 74.95  ? 40   HOH B O   1 
HETATM 1513 O O   . HOH D 2 .  ? 17.194  13.042  -28.110 1.00 59.33  ? 41   HOH B O   1 
HETATM 1514 O O   . HOH D 2 .  ? 12.310  1.734   -27.646 1.00 65.08  ? 47   HOH B O   1 
HETATM 1515 O O   . HOH D 2 .  ? -0.958  -8.158  -6.344  1.00 32.89  ? 50   HOH B O   1 
HETATM 1516 O O   . HOH D 2 .  ? -3.314  -11.560 -11.736 1.00 27.44  ? 53   HOH B O   1 
HETATM 1517 O O   . HOH D 2 .  ? -3.482  -15.076 16.622  1.00 38.11  ? 56   HOH B O   1 
HETATM 1518 O O   . HOH D 2 .  ? 11.237  -4.027  -9.276  1.00 102.01 ? 57   HOH B O   1 
HETATM 1519 O O   . HOH D 2 .  ? 6.764   3.783   -11.068 1.00 86.20  ? 58   HOH B O   1 
HETATM 1520 O O   . HOH D 2 .  ? -5.764  -10.586 11.856  1.00 37.72  ? 60   HOH B O   1 
HETATM 1521 O O   . HOH D 2 .  ? -9.824  -9.677  10.849  1.00 41.77  ? 63   HOH B O   1 
HETATM 1522 O O   . HOH D 2 .  ? -6.300  -15.140 19.505  1.00 47.58  ? 67   HOH B O   1 
HETATM 1523 O O   . HOH D 2 .  ? -7.018  -12.870 7.230   1.00 34.07  ? 68   HOH B O   1 
HETATM 1524 O O   . HOH D 2 .  ? 28.190  12.438  -44.666 1.00 75.69  ? 69   HOH B O   1 
HETATM 1525 O O   . HOH D 2 .  ? -1.953  -10.965 23.038  1.00 77.51  ? 70   HOH B O   1 
HETATM 1526 O O   . HOH D 2 .  ? 1.899   3.769   -2.828  1.00 56.05  ? 71   HOH B O   1 
HETATM 1527 O O   . HOH D 2 .  ? 14.389  -4.000  -27.761 1.00 74.65  ? 76   HOH B O   1 
HETATM 1528 O O   . HOH D 2 .  ? 27.321  7.597   -26.512 1.00 59.66  ? 77   HOH B O   1 
HETATM 1529 O O   . HOH D 2 .  ? -0.337  -7.735  15.787  1.00 63.81  ? 79   HOH B O   1 
HETATM 1530 O O   . HOH D 2 .  ? 1.404   -2.382  -12.846 1.00 92.42  ? 80   HOH B O   1 
HETATM 1531 O O   . HOH D 2 .  ? 7.899   -1.591  -21.470 1.00 133.05 ? 81   HOH B O   1 
HETATM 1532 O O   . HOH D 2 .  ? 31.395  10.040  -38.309 1.00 134.57 ? 84   HOH B O   1 
HETATM 1533 O O   . HOH D 2 .  ? 26.432  6.803   -36.203 1.00 110.02 ? 87   HOH B O   1 
HETATM 1534 O O   . HOH D 2 .  ? 23.624  2.181   -25.435 1.00 33.84  ? 89   HOH B O   1 
HETATM 1535 O O   . HOH D 2 .  ? 25.978  2.381   -18.374 1.00 86.20  ? 91   HOH B O   1 
HETATM 1536 O O   . HOH D 2 .  ? 26.383  5.831   -32.525 1.00 114.59 ? 92   HOH B O   1 
HETATM 1537 O O   . HOH D 2 .  ? 0.646   -16.939 10.911  1.00 151.69 ? 95   HOH B O   1 
HETATM 1538 O O   . HOH D 2 .  ? 14.291  -0.025  -20.513 1.00 26.66  ? 96   HOH B O   1 
HETATM 1539 O O   . HOH D 2 .  ? -3.885  -13.588 -9.730  1.00 51.81  ? 98   HOH B O   1 
HETATM 1540 O O   . HOH D 2 .  ? -1.881  -22.785 21.993  1.00 52.71  ? 99   HOH B O   1 
HETATM 1541 O O   . HOH D 2 .  ? 4.088   2.394   -1.188  1.00 38.85  ? 101  HOH B O   1 
HETATM 1542 O O   . HOH D 2 .  ? 1.280   -6.611  13.467  1.00 42.26  ? 102  HOH B O   1 
HETATM 1543 O O   . HOH D 2 .  ? 8.603   -3.616  5.439   1.00 45.32  ? 103  HOH B O   1 
HETATM 1544 O O   . HOH D 2 .  ? 0.617   -20.233 22.510  1.00 58.08  ? 105  HOH B O   1 
HETATM 1545 O O   . HOH D 2 .  ? -5.411  -8.340  -16.594 1.00 35.69  ? 108  HOH B O   1 
HETATM 1546 O O   . HOH D 2 .  ? 28.013  -4.908  -38.465 1.00 92.05  ? 109  HOH B O   1 
HETATM 1547 O O   . HOH D 2 .  ? 21.937  9.711   -36.997 1.00 49.55  ? 110  HOH B O   1 
HETATM 1548 O O   . HOH D 2 .  ? -4.981  -11.111 23.850  1.00 79.07  ? 114  HOH B O   1 
HETATM 1549 O O   . HOH D 2 .  ? 6.516   2.261   -8.281  1.00 54.81  ? 115  HOH B O   1 
HETATM 1550 O O   . HOH D 2 .  ? 25.939  16.828  -34.738 1.00 40.52  ? 116  HOH B O   1 
HETATM 1551 O O   . HOH D 2 .  ? 11.524  -1.863  -23.958 1.00 55.64  ? 118  HOH B O   1 
HETATM 1552 O O   . HOH D 2 .  ? -5.840  -19.465 18.034  1.00 80.16  ? 119  HOH B O   1 
HETATM 1553 O O   . HOH D 2 .  ? -0.047  -0.136  -10.536 1.00 77.98  ? 120  HOH B O   1 
HETATM 1554 O O   . HOH D 2 .  ? 14.104  -14.723 14.325  1.00 55.28  ? 122  HOH B O   1 
HETATM 1555 O O   . HOH D 2 .  ? 18.730  8.605   -17.274 1.00 65.21  ? 125  HOH B O   1 
HETATM 1556 O O   . HOH D 2 .  ? 9.148   -2.236  2.755   1.00 38.78  ? 133  HOH B O   1 
HETATM 1557 O O   . HOH D 2 .  ? 13.779  1.500   -30.953 1.00 60.67  ? 134  HOH B O   1 
HETATM 1558 O O   . HOH D 2 .  ? 23.119  2.904   -46.309 1.00 44.59  ? 135  HOH B O   1 
HETATM 1559 O O   . HOH D 2 .  ? -0.896  -17.820 20.952  1.00 58.82  ? 137  HOH B O   1 
HETATM 1560 O O   . HOH D 2 .  ? 32.056  10.956  -49.096 1.00 45.99  ? 140  HOH B O   1 
HETATM 1561 O O   . HOH D 2 .  ? -6.455  -12.937 4.281   1.00 87.35  ? 142  HOH B O   1 
HETATM 1562 O O   . HOH D 2 .  ? 10.131  5.175   -13.890 1.00 44.87  ? 143  HOH B O   1 
HETATM 1563 O O   . HOH D 2 .  ? 16.941  -5.451  -6.386  1.00 94.10  ? 145  HOH B O   1 
HETATM 1564 O O   . HOH D 2 .  ? 25.923  10.248  -44.863 1.00 67.08  ? 146  HOH B O   1 
HETATM 1565 O O   . HOH D 2 .  ? 6.111   -22.574 19.999  1.00 69.87  ? 147  HOH B O   1 
HETATM 1566 O O   . HOH D 2 .  ? 26.539  14.966  -43.268 1.00 52.64  ? 148  HOH B O   1 
HETATM 1567 O O   . HOH D 2 .  ? -2.503  -12.353 -6.194  1.00 42.49  ? 149  HOH B O   1 
HETATM 1568 O O   . HOH D 2 .  ? 2.466   -9.752  -12.178 1.00 39.86  ? 150  HOH B O   1 
HETATM 1569 O O   . HOH D 2 .  ? 15.231  11.938  -25.544 1.00 78.74  ? 152  HOH B O   1 
HETATM 1570 O O   . HOH D 2 .  ? 21.153  6.230   -12.619 1.00 57.58  ? 153  HOH B O   1 
HETATM 1571 O O   . HOH D 2 .  ? 8.745   -6.213  -18.092 1.00 108.58 ? 157  HOH B O   1 
HETATM 1572 O O   . HOH D 2 .  ? 4.611   -1.503  5.751   1.00 69.58  ? 159  HOH B O   1 
HETATM 1573 O O   . HOH D 2 .  ? -3.521  -15.819 20.838  1.00 72.91  ? 161  HOH B O   1 
HETATM 1574 O O   . HOH D 2 .  ? -10.090 -14.633 7.067   1.00 121.51 ? 162  HOH B O   1 
HETATM 1575 O O   . HOH D 2 .  ? 3.497   -8.206  -14.669 1.00 50.19  ? 163  HOH B O   1 
HETATM 1576 O O   . HOH D 2 .  ? 30.707  13.406  -47.101 1.00 93.49  ? 165  HOH B O   1 
HETATM 1577 O O   . HOH D 2 .  ? 8.747   -0.638  -4.373  1.00 61.52  ? 167  HOH B O   1 
HETATM 1578 O O   . HOH D 2 .  ? 13.611  4.408   -13.461 1.00 84.02  ? 169  HOH B O   1 
HETATM 1579 O O   . HOH D 2 .  ? -5.838  -2.140  -1.785  1.00 49.92  ? 171  HOH B O   1 
HETATM 1580 O O   . HOH D 2 .  ? 21.438  0.217   -12.684 1.00 52.06  ? 172  HOH B O   1 
HETATM 1581 O O   . HOH D 2 .  ? 4.776   -18.422 22.027  1.00 78.85  ? 174  HOH B O   1 
HETATM 1582 O O   . HOH D 2 .  ? 28.395  2.955   -46.875 1.00 63.69  ? 176  HOH B O   1 
HETATM 1583 O O   . HOH D 2 .  ? 17.958  2.971   -36.691 1.00 56.25  ? 179  HOH B O   1 
HETATM 1584 O O   . HOH D 2 .  ? -7.549  -3.095  2.324   1.00 62.17  ? 180  HOH B O   1 
HETATM 1585 O O   . HOH D 2 .  ? 20.347  -2.993  -44.097 1.00 56.47  ? 182  HOH B O   1 
HETATM 1586 O O   . HOH D 2 .  ? 9.013   5.303   -17.302 1.00 57.51  ? 183  HOH B O   1 
HETATM 1587 O O   . HOH D 2 .  ? 10.936  2.499   -24.313 1.00 70.09  ? 185  HOH B O   1 
HETATM 1588 O O   . HOH D 2 .  ? 12.895  2.818   -8.847  1.00 73.81  ? 186  HOH B O   1 
HETATM 1589 O O   . HOH D 2 .  ? 15.391  2.935   -3.574  1.00 60.31  ? 190  HOH B O   1 
# 
